data_110M
# 
_entry.id   110M 
# 
_audit_conform.dict_name       mmcif_pdbx.dic 
_audit_conform.dict_version    5.389 
_audit_conform.dict_location   http://mmcif.pdb.org/dictionaries/ascii/mmcif_pdbx.dic 
# 
loop_
_database_2.database_id 
_database_2.database_code 
_database_2.pdbx_database_accession 
_database_2.pdbx_DOI 
PDB   110M         pdb_0000110m 10.2210/pdb110m/pdb 
WWPDB D_1000170029 ?            ?                   
# 
loop_
_pdbx_audit_revision_history.ordinal 
_pdbx_audit_revision_history.data_content_type 
_pdbx_audit_revision_history.major_revision 
_pdbx_audit_revision_history.minor_revision 
_pdbx_audit_revision_history.revision_date 
1 'Structure model' 1 0 1998-04-08 
2 'Structure model' 1 1 2008-03-24 
3 'Structure model' 1 2 2011-07-13 
4 'Structure model' 1 3 2018-03-07 
5 'Structure model' 1 4 2021-11-03 
6 'Structure model' 1 5 2024-02-07 
7 'Structure model' 1 6 2024-04-03 
# 
_pdbx_audit_revision_details.ordinal             1 
_pdbx_audit_revision_details.revision_ordinal    1 
_pdbx_audit_revision_details.data_content_type   'Structure model' 
_pdbx_audit_revision_details.provider            repository 
_pdbx_audit_revision_details.type                'Initial release' 
_pdbx_audit_revision_details.description         ? 
_pdbx_audit_revision_details.details             ? 
# 
loop_
_pdbx_audit_revision_group.ordinal 
_pdbx_audit_revision_group.revision_ordinal 
_pdbx_audit_revision_group.data_content_type 
_pdbx_audit_revision_group.group 
1 2 'Structure model' 'Version format compliance' 
2 3 'Structure model' 'Version format compliance' 
3 4 'Structure model' 'Data collection'           
4 4 'Structure model' Other                       
5 5 'Structure model' 'Database references'       
6 5 'Structure model' 'Derived calculations'      
7 6 'Structure model' 'Data collection'           
8 7 'Structure model' 'Refinement description'    
# 
loop_
_pdbx_audit_revision_category.ordinal 
_pdbx_audit_revision_category.revision_ordinal 
_pdbx_audit_revision_category.data_content_type 
_pdbx_audit_revision_category.category 
1 4 'Structure model' diffrn_source                 
2 4 'Structure model' pdbx_database_status          
3 5 'Structure model' database_2                    
4 5 'Structure model' struct_conn                   
5 5 'Structure model' struct_ref_seq_dif            
6 5 'Structure model' struct_site                   
7 6 'Structure model' chem_comp_atom                
8 6 'Structure model' chem_comp_bond                
9 7 'Structure model' pdbx_initial_refinement_model 
# 
loop_
_pdbx_audit_revision_item.ordinal 
_pdbx_audit_revision_item.revision_ordinal 
_pdbx_audit_revision_item.data_content_type 
_pdbx_audit_revision_item.item 
1  4 'Structure model' '_diffrn_source.source'               
2  4 'Structure model' '_pdbx_database_status.process_site'  
3  5 'Structure model' '_database_2.pdbx_DOI'                
4  5 'Structure model' '_database_2.pdbx_database_accession' 
5  5 'Structure model' '_struct_conn.ptnr1_auth_comp_id'     
6  5 'Structure model' '_struct_conn.ptnr1_auth_seq_id'      
7  5 'Structure model' '_struct_conn.ptnr1_label_asym_id'    
8  5 'Structure model' '_struct_conn.ptnr1_label_atom_id'    
9  5 'Structure model' '_struct_conn.ptnr1_label_comp_id'    
10 5 'Structure model' '_struct_conn.ptnr1_label_seq_id'     
11 5 'Structure model' '_struct_conn.ptnr2_auth_comp_id'     
12 5 'Structure model' '_struct_conn.ptnr2_auth_seq_id'      
13 5 'Structure model' '_struct_conn.ptnr2_label_asym_id'    
14 5 'Structure model' '_struct_conn.ptnr2_label_atom_id'    
15 5 'Structure model' '_struct_conn.ptnr2_label_comp_id'    
16 5 'Structure model' '_struct_conn.ptnr2_label_seq_id'     
17 5 'Structure model' '_struct_ref_seq_dif.details'         
18 5 'Structure model' '_struct_site.pdbx_auth_asym_id'      
19 5 'Structure model' '_struct_site.pdbx_auth_comp_id'      
20 5 'Structure model' '_struct_site.pdbx_auth_seq_id'       
# 
_pdbx_database_status.status_code                     REL 
_pdbx_database_status.entry_id                        110M 
_pdbx_database_status.recvd_initial_deposition_date   1997-12-23 
_pdbx_database_status.deposit_site                    ? 
_pdbx_database_status.process_site                    BNL 
_pdbx_database_status.status_code_sf                  REL 
_pdbx_database_status.status_code_mr                  ? 
_pdbx_database_status.SG_entry                        ? 
_pdbx_database_status.pdb_format_compatible           Y 
_pdbx_database_status.status_code_cs                  ? 
_pdbx_database_status.methods_development_category    ? 
_pdbx_database_status.status_code_nmr_data            ? 
# 
loop_
_audit_author.name 
_audit_author.pdbx_ordinal 
'Smith, R.D.'        1 
'Olson, J.S.'        2 
'Phillips Jr., G.N.' 3 
# 
_citation.id                        primary 
_citation.title                     
'Correlations between Bound N-Alkyl Isocyanide Orientations and Pathways for Ligand Binding in Recombinant Myoglobins' 
_citation.journal_abbrev            'Thesis, Rice' 
_citation.journal_volume            ? 
_citation.page_first                ? 
_citation.page_last                 ? 
_citation.year                      1999 
_citation.journal_id_ASTM           ? 
_citation.country                   US 
_citation.journal_id_ISSN           ? 
_citation.journal_id_CSD            0806 
_citation.book_publisher            ? 
_citation.pdbx_database_id_PubMed   -1 
_citation.pdbx_database_id_DOI      ? 
# 
_citation_author.citation_id        primary 
_citation_author.name               'Smith, R.D.' 
_citation_author.ordinal            1 
_citation_author.identifier_ORCID   ? 
# 
loop_
_entity.id 
_entity.type 
_entity.src_method 
_entity.pdbx_description 
_entity.formula_weight 
_entity.pdbx_number_of_molecules 
_entity.pdbx_ec 
_entity.pdbx_mutation 
_entity.pdbx_fragment 
_entity.details 
1 polymer     man MYOGLOBIN                         17365.164 1   ? 'INS(M0), D122N' ? ? 
2 non-polymer syn 'SULFATE ION'                     96.063    1   ? ?                ? ? 
3 non-polymer syn 'PROTOPORPHYRIN IX CONTAINING FE' 616.487   1   ? ?                ? ? 
4 non-polymer syn 'METHYL ISOCYANIDE'               41.052    1   ? ?                ? ? 
5 water       nat water                             18.015    179 ? ?                ? ? 
# 
_entity_poly.entity_id                      1 
_entity_poly.type                           'polypeptide(L)' 
_entity_poly.nstd_linkage                   no 
_entity_poly.nstd_monomer                   no 
_entity_poly.pdbx_seq_one_letter_code       
;MVLSEGEWQLVLHVWAKVEADVAGHGQDILIRLFKSHPETLEKFDRFKHLKTEAEMKASEDLKKHGVTVLTALGAILKKK
GHHEAELKPLAQSHATKHKIPIKYLEFISEAIIHVLHSRHPGNFGADAQGAMNKALELFRKDIAAKYKELGYQG
;
_entity_poly.pdbx_seq_one_letter_code_can   
;MVLSEGEWQLVLHVWAKVEADVAGHGQDILIRLFKSHPETLEKFDRFKHLKTEAEMKASEDLKKHGVTVLTALGAILKKK
GHHEAELKPLAQSHATKHKIPIKYLEFISEAIIHVLHSRHPGNFGADAQGAMNKALELFRKDIAAKYKELGYQG
;
_entity_poly.pdbx_strand_id                 A 
_entity_poly.pdbx_target_identifier         ? 
# 
loop_
_pdbx_entity_nonpoly.entity_id 
_pdbx_entity_nonpoly.name 
_pdbx_entity_nonpoly.comp_id 
2 'SULFATE ION'                     SO4 
3 'PROTOPORPHYRIN IX CONTAINING FE' HEM 
4 'METHYL ISOCYANIDE'               MNC 
5 water                             HOH 
# 
loop_
_entity_poly_seq.entity_id 
_entity_poly_seq.num 
_entity_poly_seq.mon_id 
_entity_poly_seq.hetero 
1 1   MET n 
1 2   VAL n 
1 3   LEU n 
1 4   SER n 
1 5   GLU n 
1 6   GLY n 
1 7   GLU n 
1 8   TRP n 
1 9   GLN n 
1 10  LEU n 
1 11  VAL n 
1 12  LEU n 
1 13  HIS n 
1 14  VAL n 
1 15  TRP n 
1 16  ALA n 
1 17  LYS n 
1 18  VAL n 
1 19  GLU n 
1 20  ALA n 
1 21  ASP n 
1 22  VAL n 
1 23  ALA n 
1 24  GLY n 
1 25  HIS n 
1 26  GLY n 
1 27  GLN n 
1 28  ASP n 
1 29  ILE n 
1 30  LEU n 
1 31  ILE n 
1 32  ARG n 
1 33  LEU n 
1 34  PHE n 
1 35  LYS n 
1 36  SER n 
1 37  HIS n 
1 38  PRO n 
1 39  GLU n 
1 40  THR n 
1 41  LEU n 
1 42  GLU n 
1 43  LYS n 
1 44  PHE n 
1 45  ASP n 
1 46  ARG n 
1 47  PHE n 
1 48  LYS n 
1 49  HIS n 
1 50  LEU n 
1 51  LYS n 
1 52  THR n 
1 53  GLU n 
1 54  ALA n 
1 55  GLU n 
1 56  MET n 
1 57  LYS n 
1 58  ALA n 
1 59  SER n 
1 60  GLU n 
1 61  ASP n 
1 62  LEU n 
1 63  LYS n 
1 64  LYS n 
1 65  HIS n 
1 66  GLY n 
1 67  VAL n 
1 68  THR n 
1 69  VAL n 
1 70  LEU n 
1 71  THR n 
1 72  ALA n 
1 73  LEU n 
1 74  GLY n 
1 75  ALA n 
1 76  ILE n 
1 77  LEU n 
1 78  LYS n 
1 79  LYS n 
1 80  LYS n 
1 81  GLY n 
1 82  HIS n 
1 83  HIS n 
1 84  GLU n 
1 85  ALA n 
1 86  GLU n 
1 87  LEU n 
1 88  LYS n 
1 89  PRO n 
1 90  LEU n 
1 91  ALA n 
1 92  GLN n 
1 93  SER n 
1 94  HIS n 
1 95  ALA n 
1 96  THR n 
1 97  LYS n 
1 98  HIS n 
1 99  LYS n 
1 100 ILE n 
1 101 PRO n 
1 102 ILE n 
1 103 LYS n 
1 104 TYR n 
1 105 LEU n 
1 106 GLU n 
1 107 PHE n 
1 108 ILE n 
1 109 SER n 
1 110 GLU n 
1 111 ALA n 
1 112 ILE n 
1 113 ILE n 
1 114 HIS n 
1 115 VAL n 
1 116 LEU n 
1 117 HIS n 
1 118 SER n 
1 119 ARG n 
1 120 HIS n 
1 121 PRO n 
1 122 GLY n 
1 123 ASN n 
1 124 PHE n 
1 125 GLY n 
1 126 ALA n 
1 127 ASP n 
1 128 ALA n 
1 129 GLN n 
1 130 GLY n 
1 131 ALA n 
1 132 MET n 
1 133 ASN n 
1 134 LYS n 
1 135 ALA n 
1 136 LEU n 
1 137 GLU n 
1 138 LEU n 
1 139 PHE n 
1 140 ARG n 
1 141 LYS n 
1 142 ASP n 
1 143 ILE n 
1 144 ALA n 
1 145 ALA n 
1 146 LYS n 
1 147 TYR n 
1 148 LYS n 
1 149 GLU n 
1 150 LEU n 
1 151 GLY n 
1 152 TYR n 
1 153 GLN n 
1 154 GLY n 
# 
_entity_src_gen.entity_id                          1 
_entity_src_gen.pdbx_src_id                        1 
_entity_src_gen.pdbx_alt_source_flag               sample 
_entity_src_gen.pdbx_seq_type                      ? 
_entity_src_gen.pdbx_beg_seq_num                   ? 
_entity_src_gen.pdbx_end_seq_num                   ? 
_entity_src_gen.gene_src_common_name               'sperm whale' 
_entity_src_gen.gene_src_genus                     Physeter 
_entity_src_gen.pdbx_gene_src_gene                 ? 
_entity_src_gen.gene_src_species                   ? 
_entity_src_gen.gene_src_strain                    ? 
_entity_src_gen.gene_src_tissue                    'SKELETAL MUSCLE' 
_entity_src_gen.gene_src_tissue_fraction           ? 
_entity_src_gen.gene_src_details                   ? 
_entity_src_gen.pdbx_gene_src_fragment             ? 
_entity_src_gen.pdbx_gene_src_scientific_name      'Physeter catodon' 
_entity_src_gen.pdbx_gene_src_ncbi_taxonomy_id     9755 
_entity_src_gen.pdbx_gene_src_variant              ? 
_entity_src_gen.pdbx_gene_src_cell_line            ? 
_entity_src_gen.pdbx_gene_src_atcc                 ? 
_entity_src_gen.pdbx_gene_src_organ                SKELETAL 
_entity_src_gen.pdbx_gene_src_organelle            ? 
_entity_src_gen.pdbx_gene_src_cell                 ? 
_entity_src_gen.pdbx_gene_src_cellular_location    CYTOPLASM 
_entity_src_gen.host_org_common_name               ? 
_entity_src_gen.pdbx_host_org_scientific_name      'Escherichia coli' 
_entity_src_gen.pdbx_host_org_ncbi_taxonomy_id     562 
_entity_src_gen.host_org_genus                     Escherichia 
_entity_src_gen.pdbx_host_org_gene                 ? 
_entity_src_gen.pdbx_host_org_organ                ? 
_entity_src_gen.host_org_species                   ? 
_entity_src_gen.pdbx_host_org_tissue               ? 
_entity_src_gen.pdbx_host_org_tissue_fraction      ? 
_entity_src_gen.pdbx_host_org_strain               'PHAGE RESISTANT TB1' 
_entity_src_gen.pdbx_host_org_variant              ? 
_entity_src_gen.pdbx_host_org_cell_line            ? 
_entity_src_gen.pdbx_host_org_atcc                 ? 
_entity_src_gen.pdbx_host_org_culture_collection   ? 
_entity_src_gen.pdbx_host_org_cell                 ? 
_entity_src_gen.pdbx_host_org_organelle            ? 
_entity_src_gen.pdbx_host_org_cellular_location    ? 
_entity_src_gen.pdbx_host_org_vector_type          PLASMID 
_entity_src_gen.pdbx_host_org_vector               ? 
_entity_src_gen.host_org_details                   ? 
_entity_src_gen.expression_system_id               ? 
_entity_src_gen.plasmid_name                       'PEMBL 19+' 
_entity_src_gen.plasmid_details                    ? 
_entity_src_gen.pdbx_description                   ? 
# 
loop_
_chem_comp.id 
_chem_comp.type 
_chem_comp.mon_nstd_flag 
_chem_comp.name 
_chem_comp.pdbx_synonyms 
_chem_comp.formula 
_chem_comp.formula_weight 
ALA 'L-peptide linking' y ALANINE                           ?    'C3 H7 N O2'       89.093  
ARG 'L-peptide linking' y ARGININE                          ?    'C6 H15 N4 O2 1'   175.209 
ASN 'L-peptide linking' y ASPARAGINE                        ?    'C4 H8 N2 O3'      132.118 
ASP 'L-peptide linking' y 'ASPARTIC ACID'                   ?    'C4 H7 N O4'       133.103 
GLN 'L-peptide linking' y GLUTAMINE                         ?    'C5 H10 N2 O3'     146.144 
GLU 'L-peptide linking' y 'GLUTAMIC ACID'                   ?    'C5 H9 N O4'       147.129 
GLY 'peptide linking'   y GLYCINE                           ?    'C2 H5 N O2'       75.067  
HEM non-polymer         . 'PROTOPORPHYRIN IX CONTAINING FE' HEME 'C34 H32 Fe N4 O4' 616.487 
HIS 'L-peptide linking' y HISTIDINE                         ?    'C6 H10 N3 O2 1'   156.162 
HOH non-polymer         . WATER                             ?    'H2 O'             18.015  
ILE 'L-peptide linking' y ISOLEUCINE                        ?    'C6 H13 N O2'      131.173 
LEU 'L-peptide linking' y LEUCINE                           ?    'C6 H13 N O2'      131.173 
LYS 'L-peptide linking' y LYSINE                            ?    'C6 H15 N2 O2 1'   147.195 
MET 'L-peptide linking' y METHIONINE                        ?    'C5 H11 N O2 S'    149.211 
MNC non-polymer         . 'METHYL ISOCYANIDE'               ?    'C2 H3 N'          41.052  
PHE 'L-peptide linking' y PHENYLALANINE                     ?    'C9 H11 N O2'      165.189 
PRO 'L-peptide linking' y PROLINE                           ?    'C5 H9 N O2'       115.130 
SER 'L-peptide linking' y SERINE                            ?    'C3 H7 N O3'       105.093 
SO4 non-polymer         . 'SULFATE ION'                     ?    'O4 S -2'          96.063  
THR 'L-peptide linking' y THREONINE                         ?    'C4 H9 N O3'       119.119 
TRP 'L-peptide linking' y TRYPTOPHAN                        ?    'C11 H12 N2 O2'    204.225 
TYR 'L-peptide linking' y TYROSINE                          ?    'C9 H11 N O3'      181.189 
VAL 'L-peptide linking' y VALINE                            ?    'C5 H11 N O2'      117.146 
# 
loop_
_pdbx_poly_seq_scheme.asym_id 
_pdbx_poly_seq_scheme.entity_id 
_pdbx_poly_seq_scheme.seq_id 
_pdbx_poly_seq_scheme.mon_id 
_pdbx_poly_seq_scheme.ndb_seq_num 
_pdbx_poly_seq_scheme.pdb_seq_num 
_pdbx_poly_seq_scheme.auth_seq_num 
_pdbx_poly_seq_scheme.pdb_mon_id 
_pdbx_poly_seq_scheme.auth_mon_id 
_pdbx_poly_seq_scheme.pdb_strand_id 
_pdbx_poly_seq_scheme.pdb_ins_code 
_pdbx_poly_seq_scheme.hetero 
A 1 1   MET 1   0   0   MET MET A . n 
A 1 2   VAL 2   1   1   VAL VAL A . n 
A 1 3   LEU 3   2   2   LEU LEU A . n 
A 1 4   SER 4   3   3   SER SER A . n 
A 1 5   GLU 5   4   4   GLU GLU A . n 
A 1 6   GLY 6   5   5   GLY GLY A . n 
A 1 7   GLU 7   6   6   GLU GLU A . n 
A 1 8   TRP 8   7   7   TRP TRP A . n 
A 1 9   GLN 9   8   8   GLN GLN A . n 
A 1 10  LEU 10  9   9   LEU LEU A . n 
A 1 11  VAL 11  10  10  VAL VAL A . n 
A 1 12  LEU 12  11  11  LEU LEU A . n 
A 1 13  HIS 13  12  12  HIS HIS A . n 
A 1 14  VAL 14  13  13  VAL VAL A . n 
A 1 15  TRP 15  14  14  TRP TRP A . n 
A 1 16  ALA 16  15  15  ALA ALA A . n 
A 1 17  LYS 17  16  16  LYS LYS A . n 
A 1 18  VAL 18  17  17  VAL VAL A . n 
A 1 19  GLU 19  18  18  GLU GLU A . n 
A 1 20  ALA 20  19  19  ALA ALA A . n 
A 1 21  ASP 21  20  20  ASP ASP A . n 
A 1 22  VAL 22  21  21  VAL VAL A . n 
A 1 23  ALA 23  22  22  ALA ALA A . n 
A 1 24  GLY 24  23  23  GLY GLY A . n 
A 1 25  HIS 25  24  24  HIS HIS A . n 
A 1 26  GLY 26  25  25  GLY GLY A . n 
A 1 27  GLN 27  26  26  GLN GLN A . n 
A 1 28  ASP 28  27  27  ASP ASP A . n 
A 1 29  ILE 29  28  28  ILE ILE A . n 
A 1 30  LEU 30  29  29  LEU LEU A . n 
A 1 31  ILE 31  30  30  ILE ILE A . n 
A 1 32  ARG 32  31  31  ARG ARG A . n 
A 1 33  LEU 33  32  32  LEU LEU A . n 
A 1 34  PHE 34  33  33  PHE PHE A . n 
A 1 35  LYS 35  34  34  LYS LYS A . n 
A 1 36  SER 36  35  35  SER SER A . n 
A 1 37  HIS 37  36  36  HIS HIS A . n 
A 1 38  PRO 38  37  37  PRO PRO A . n 
A 1 39  GLU 39  38  38  GLU GLU A . n 
A 1 40  THR 40  39  39  THR THR A . n 
A 1 41  LEU 41  40  40  LEU LEU A . n 
A 1 42  GLU 42  41  41  GLU GLU A . n 
A 1 43  LYS 43  42  42  LYS LYS A . n 
A 1 44  PHE 44  43  43  PHE PHE A . n 
A 1 45  ASP 45  44  44  ASP ASP A . n 
A 1 46  ARG 46  45  45  ARG ARG A . n 
A 1 47  PHE 47  46  46  PHE PHE A . n 
A 1 48  LYS 48  47  47  LYS LYS A . n 
A 1 49  HIS 49  48  48  HIS HIS A . n 
A 1 50  LEU 50  49  49  LEU LEU A . n 
A 1 51  LYS 51  50  50  LYS LYS A . n 
A 1 52  THR 52  51  51  THR THR A . n 
A 1 53  GLU 53  52  52  GLU GLU A . n 
A 1 54  ALA 54  53  53  ALA ALA A . n 
A 1 55  GLU 55  54  54  GLU GLU A . n 
A 1 56  MET 56  55  55  MET MET A . n 
A 1 57  LYS 57  56  56  LYS LYS A . n 
A 1 58  ALA 58  57  57  ALA ALA A . n 
A 1 59  SER 59  58  58  SER SER A . n 
A 1 60  GLU 60  59  59  GLU GLU A . n 
A 1 61  ASP 61  60  60  ASP ASP A . n 
A 1 62  LEU 62  61  61  LEU LEU A . n 
A 1 63  LYS 63  62  62  LYS LYS A . n 
A 1 64  LYS 64  63  63  LYS LYS A . n 
A 1 65  HIS 65  64  64  HIS HIS A . n 
A 1 66  GLY 66  65  65  GLY GLY A . n 
A 1 67  VAL 67  66  66  VAL VAL A . n 
A 1 68  THR 68  67  67  THR THR A . n 
A 1 69  VAL 69  68  68  VAL VAL A . n 
A 1 70  LEU 70  69  69  LEU LEU A . n 
A 1 71  THR 71  70  70  THR THR A . n 
A 1 72  ALA 72  71  71  ALA ALA A . n 
A 1 73  LEU 73  72  72  LEU LEU A . n 
A 1 74  GLY 74  73  73  GLY GLY A . n 
A 1 75  ALA 75  74  74  ALA ALA A . n 
A 1 76  ILE 76  75  75  ILE ILE A . n 
A 1 77  LEU 77  76  76  LEU LEU A . n 
A 1 78  LYS 78  77  77  LYS LYS A . n 
A 1 79  LYS 79  78  78  LYS LYS A . n 
A 1 80  LYS 80  79  79  LYS LYS A . n 
A 1 81  GLY 81  80  80  GLY GLY A . n 
A 1 82  HIS 82  81  81  HIS HIS A . n 
A 1 83  HIS 83  82  82  HIS HIS A . n 
A 1 84  GLU 84  83  83  GLU GLU A . n 
A 1 85  ALA 85  84  84  ALA ALA A . n 
A 1 86  GLU 86  85  85  GLU GLU A . n 
A 1 87  LEU 87  86  86  LEU LEU A . n 
A 1 88  LYS 88  87  87  LYS LYS A . n 
A 1 89  PRO 89  88  88  PRO PRO A . n 
A 1 90  LEU 90  89  89  LEU LEU A . n 
A 1 91  ALA 91  90  90  ALA ALA A . n 
A 1 92  GLN 92  91  91  GLN GLN A . n 
A 1 93  SER 93  92  92  SER SER A . n 
A 1 94  HIS 94  93  93  HIS HIS A . n 
A 1 95  ALA 95  94  94  ALA ALA A . n 
A 1 96  THR 96  95  95  THR THR A . n 
A 1 97  LYS 97  96  96  LYS LYS A . n 
A 1 98  HIS 98  97  97  HIS HIS A . n 
A 1 99  LYS 99  98  98  LYS LYS A . n 
A 1 100 ILE 100 99  99  ILE ILE A . n 
A 1 101 PRO 101 100 100 PRO PRO A . n 
A 1 102 ILE 102 101 101 ILE ILE A . n 
A 1 103 LYS 103 102 102 LYS LYS A . n 
A 1 104 TYR 104 103 103 TYR TYR A . n 
A 1 105 LEU 105 104 104 LEU LEU A . n 
A 1 106 GLU 106 105 105 GLU GLU A . n 
A 1 107 PHE 107 106 106 PHE PHE A . n 
A 1 108 ILE 108 107 107 ILE ILE A . n 
A 1 109 SER 109 108 108 SER SER A . n 
A 1 110 GLU 110 109 109 GLU GLU A . n 
A 1 111 ALA 111 110 110 ALA ALA A . n 
A 1 112 ILE 112 111 111 ILE ILE A . n 
A 1 113 ILE 113 112 112 ILE ILE A . n 
A 1 114 HIS 114 113 113 HIS HIS A . n 
A 1 115 VAL 115 114 114 VAL VAL A . n 
A 1 116 LEU 116 115 115 LEU LEU A . n 
A 1 117 HIS 117 116 116 HIS HIS A . n 
A 1 118 SER 118 117 117 SER SER A . n 
A 1 119 ARG 119 118 118 ARG ARG A . n 
A 1 120 HIS 120 119 119 HIS HIS A . n 
A 1 121 PRO 121 120 120 PRO PRO A . n 
A 1 122 GLY 122 121 121 GLY GLY A . n 
A 1 123 ASN 123 122 122 ASN ASN A . n 
A 1 124 PHE 124 123 123 PHE PHE A . n 
A 1 125 GLY 125 124 124 GLY GLY A . n 
A 1 126 ALA 126 125 125 ALA ALA A . n 
A 1 127 ASP 127 126 126 ASP ASP A . n 
A 1 128 ALA 128 127 127 ALA ALA A . n 
A 1 129 GLN 129 128 128 GLN GLN A . n 
A 1 130 GLY 130 129 129 GLY GLY A . n 
A 1 131 ALA 131 130 130 ALA ALA A . n 
A 1 132 MET 132 131 131 MET MET A . n 
A 1 133 ASN 133 132 132 ASN ASN A . n 
A 1 134 LYS 134 133 133 LYS LYS A . n 
A 1 135 ALA 135 134 134 ALA ALA A . n 
A 1 136 LEU 136 135 135 LEU LEU A . n 
A 1 137 GLU 137 136 136 GLU GLU A . n 
A 1 138 LEU 138 137 137 LEU LEU A . n 
A 1 139 PHE 139 138 138 PHE PHE A . n 
A 1 140 ARG 140 139 139 ARG ARG A . n 
A 1 141 LYS 141 140 140 LYS LYS A . n 
A 1 142 ASP 142 141 141 ASP ASP A . n 
A 1 143 ILE 143 142 142 ILE ILE A . n 
A 1 144 ALA 144 143 143 ALA ALA A . n 
A 1 145 ALA 145 144 144 ALA ALA A . n 
A 1 146 LYS 146 145 145 LYS LYS A . n 
A 1 147 TYR 147 146 146 TYR TYR A . n 
A 1 148 LYS 148 147 147 LYS LYS A . n 
A 1 149 GLU 149 148 148 GLU GLU A . n 
A 1 150 LEU 150 149 149 LEU LEU A . n 
A 1 151 GLY 151 150 150 GLY GLY A . n 
A 1 152 TYR 152 151 151 TYR TYR A . n 
A 1 153 GLN 153 152 152 GLN GLN A . n 
A 1 154 GLY 154 153 153 GLY GLY A . n 
# 
loop_
_pdbx_nonpoly_scheme.asym_id 
_pdbx_nonpoly_scheme.entity_id 
_pdbx_nonpoly_scheme.mon_id 
_pdbx_nonpoly_scheme.ndb_seq_num 
_pdbx_nonpoly_scheme.pdb_seq_num 
_pdbx_nonpoly_scheme.auth_seq_num 
_pdbx_nonpoly_scheme.pdb_mon_id 
_pdbx_nonpoly_scheme.auth_mon_id 
_pdbx_nonpoly_scheme.pdb_strand_id 
_pdbx_nonpoly_scheme.pdb_ins_code 
B 2 SO4 1   157 157 SO4 SO4 A . 
C 3 HEM 1   155 155 HEM HEM A . 
D 4 MNC 1   156 156 MNC MNC A . 
E 5 HOH 1   201 201 HOH HOH A . 
E 5 HOH 2   202 202 HOH HOH A . 
E 5 HOH 3   203 203 HOH HOH A . 
E 5 HOH 4   204 204 HOH HOH A . 
E 5 HOH 5   205 205 HOH HOH A . 
E 5 HOH 6   206 206 HOH HOH A . 
E 5 HOH 7   207 207 HOH HOH A . 
E 5 HOH 8   208 208 HOH HOH A . 
E 5 HOH 9   209 209 HOH HOH A . 
E 5 HOH 10  210 210 HOH HOH A . 
E 5 HOH 11  211 211 HOH HOH A . 
E 5 HOH 12  212 212 HOH HOH A . 
E 5 HOH 13  213 213 HOH HOH A . 
E 5 HOH 14  214 214 HOH HOH A . 
E 5 HOH 15  215 215 HOH HOH A . 
E 5 HOH 16  216 216 HOH HOH A . 
E 5 HOH 17  217 217 HOH HOH A . 
E 5 HOH 18  218 218 HOH HOH A . 
E 5 HOH 19  219 219 HOH HOH A . 
E 5 HOH 20  220 220 HOH HOH A . 
E 5 HOH 21  221 221 HOH HOH A . 
E 5 HOH 22  222 222 HOH HOH A . 
E 5 HOH 23  223 223 HOH HOH A . 
E 5 HOH 24  224 224 HOH HOH A . 
E 5 HOH 25  225 225 HOH HOH A . 
E 5 HOH 26  226 226 HOH HOH A . 
E 5 HOH 27  227 227 HOH HOH A . 
E 5 HOH 28  228 228 HOH HOH A . 
E 5 HOH 29  229 229 HOH HOH A . 
E 5 HOH 30  230 230 HOH HOH A . 
E 5 HOH 31  231 231 HOH HOH A . 
E 5 HOH 32  232 232 HOH HOH A . 
E 5 HOH 33  233 233 HOH HOH A . 
E 5 HOH 34  234 234 HOH HOH A . 
E 5 HOH 35  235 235 HOH HOH A . 
E 5 HOH 36  236 236 HOH HOH A . 
E 5 HOH 37  237 237 HOH HOH A . 
E 5 HOH 38  238 238 HOH HOH A . 
E 5 HOH 39  239 239 HOH HOH A . 
E 5 HOH 40  240 240 HOH HOH A . 
E 5 HOH 41  241 241 HOH HOH A . 
E 5 HOH 42  242 242 HOH HOH A . 
E 5 HOH 43  243 243 HOH HOH A . 
E 5 HOH 44  244 244 HOH HOH A . 
E 5 HOH 45  245 245 HOH HOH A . 
E 5 HOH 46  246 246 HOH HOH A . 
E 5 HOH 47  247 247 HOH HOH A . 
E 5 HOH 48  248 248 HOH HOH A . 
E 5 HOH 49  249 249 HOH HOH A . 
E 5 HOH 50  250 250 HOH HOH A . 
E 5 HOH 51  251 251 HOH HOH A . 
E 5 HOH 52  252 252 HOH HOH A . 
E 5 HOH 53  253 253 HOH HOH A . 
E 5 HOH 54  254 254 HOH HOH A . 
E 5 HOH 55  255 255 HOH HOH A . 
E 5 HOH 56  256 256 HOH HOH A . 
E 5 HOH 57  257 257 HOH HOH A . 
E 5 HOH 58  258 258 HOH HOH A . 
E 5 HOH 59  259 259 HOH HOH A . 
E 5 HOH 60  260 260 HOH HOH A . 
E 5 HOH 61  261 261 HOH HOH A . 
E 5 HOH 62  262 262 HOH HOH A . 
E 5 HOH 63  263 263 HOH HOH A . 
E 5 HOH 64  264 264 HOH HOH A . 
E 5 HOH 65  265 265 HOH HOH A . 
E 5 HOH 66  266 266 HOH HOH A . 
E 5 HOH 67  267 267 HOH HOH A . 
E 5 HOH 68  268 268 HOH HOH A . 
E 5 HOH 69  269 269 HOH HOH A . 
E 5 HOH 70  270 270 HOH HOH A . 
E 5 HOH 71  271 271 HOH HOH A . 
E 5 HOH 72  272 272 HOH HOH A . 
E 5 HOH 73  273 273 HOH HOH A . 
E 5 HOH 74  274 274 HOH HOH A . 
E 5 HOH 75  275 275 HOH HOH A . 
E 5 HOH 76  276 276 HOH HOH A . 
E 5 HOH 77  277 277 HOH HOH A . 
E 5 HOH 78  278 278 HOH HOH A . 
E 5 HOH 79  279 279 HOH HOH A . 
E 5 HOH 80  280 280 HOH HOH A . 
E 5 HOH 81  281 281 HOH HOH A . 
E 5 HOH 82  282 282 HOH HOH A . 
E 5 HOH 83  283 283 HOH HOH A . 
E 5 HOH 84  284 284 HOH HOH A . 
E 5 HOH 85  285 285 HOH HOH A . 
E 5 HOH 86  286 286 HOH HOH A . 
E 5 HOH 87  287 287 HOH HOH A . 
E 5 HOH 88  288 288 HOH HOH A . 
E 5 HOH 89  289 289 HOH HOH A . 
E 5 HOH 90  290 290 HOH HOH A . 
E 5 HOH 91  291 291 HOH HOH A . 
E 5 HOH 92  292 292 HOH HOH A . 
E 5 HOH 93  293 293 HOH HOH A . 
E 5 HOH 94  294 294 HOH HOH A . 
E 5 HOH 95  295 295 HOH HOH A . 
E 5 HOH 96  296 296 HOH HOH A . 
E 5 HOH 97  297 297 HOH HOH A . 
E 5 HOH 98  298 298 HOH HOH A . 
E 5 HOH 99  299 299 HOH HOH A . 
E 5 HOH 100 300 300 HOH HOH A . 
E 5 HOH 101 301 301 HOH HOH A . 
E 5 HOH 102 302 302 HOH HOH A . 
E 5 HOH 103 303 303 HOH HOH A . 
E 5 HOH 104 304 304 HOH HOH A . 
E 5 HOH 105 305 305 HOH HOH A . 
E 5 HOH 106 306 306 HOH HOH A . 
E 5 HOH 107 307 307 HOH HOH A . 
E 5 HOH 108 308 308 HOH HOH A . 
E 5 HOH 109 309 309 HOH HOH A . 
E 5 HOH 110 310 310 HOH HOH A . 
E 5 HOH 111 311 311 HOH HOH A . 
E 5 HOH 112 312 312 HOH HOH A . 
E 5 HOH 113 313 313 HOH HOH A . 
E 5 HOH 114 314 314 HOH HOH A . 
E 5 HOH 115 315 315 HOH HOH A . 
E 5 HOH 116 316 316 HOH HOH A . 
E 5 HOH 117 317 317 HOH HOH A . 
E 5 HOH 118 318 318 HOH HOH A . 
E 5 HOH 119 319 319 HOH HOH A . 
E 5 HOH 120 320 320 HOH HOH A . 
E 5 HOH 121 321 321 HOH HOH A . 
E 5 HOH 122 322 322 HOH HOH A . 
E 5 HOH 123 323 323 HOH HOH A . 
E 5 HOH 124 324 324 HOH HOH A . 
E 5 HOH 125 325 325 HOH HOH A . 
E 5 HOH 126 326 326 HOH HOH A . 
E 5 HOH 127 327 327 HOH HOH A . 
E 5 HOH 128 328 328 HOH HOH A . 
E 5 HOH 129 329 329 HOH HOH A . 
E 5 HOH 130 330 330 HOH HOH A . 
E 5 HOH 131 331 331 HOH HOH A . 
E 5 HOH 132 332 332 HOH HOH A . 
E 5 HOH 133 333 333 HOH HOH A . 
E 5 HOH 134 334 334 HOH HOH A . 
E 5 HOH 135 335 335 HOH HOH A . 
E 5 HOH 136 336 336 HOH HOH A . 
E 5 HOH 137 337 337 HOH HOH A . 
E 5 HOH 138 338 338 HOH HOH A . 
E 5 HOH 139 339 339 HOH HOH A . 
E 5 HOH 140 340 340 HOH HOH A . 
E 5 HOH 141 341 341 HOH HOH A . 
E 5 HOH 142 342 342 HOH HOH A . 
E 5 HOH 143 343 343 HOH HOH A . 
E 5 HOH 144 344 344 HOH HOH A . 
E 5 HOH 145 345 345 HOH HOH A . 
E 5 HOH 146 346 346 HOH HOH A . 
E 5 HOH 147 347 347 HOH HOH A . 
E 5 HOH 148 348 348 HOH HOH A . 
E 5 HOH 149 349 349 HOH HOH A . 
E 5 HOH 150 350 350 HOH HOH A . 
E 5 HOH 151 351 351 HOH HOH A . 
E 5 HOH 152 352 352 HOH HOH A . 
E 5 HOH 153 353 353 HOH HOH A . 
E 5 HOH 154 354 354 HOH HOH A . 
E 5 HOH 155 355 355 HOH HOH A . 
E 5 HOH 156 356 356 HOH HOH A . 
E 5 HOH 157 357 357 HOH HOH A . 
E 5 HOH 158 358 358 HOH HOH A . 
E 5 HOH 159 359 359 HOH HOH A . 
E 5 HOH 160 360 360 HOH HOH A . 
E 5 HOH 161 361 361 HOH HOH A . 
E 5 HOH 162 362 362 HOH HOH A . 
E 5 HOH 163 363 363 HOH HOH A . 
E 5 HOH 164 364 364 HOH HOH A . 
E 5 HOH 165 365 365 HOH HOH A . 
E 5 HOH 166 366 366 HOH HOH A . 
E 5 HOH 167 367 367 HOH HOH A . 
E 5 HOH 168 368 368 HOH HOH A . 
E 5 HOH 169 369 369 HOH HOH A . 
E 5 HOH 170 370 370 HOH HOH A . 
E 5 HOH 171 371 371 HOH HOH A . 
E 5 HOH 172 372 372 HOH HOH A . 
E 5 HOH 173 373 373 HOH HOH A . 
E 5 HOH 174 374 374 HOH HOH A . 
E 5 HOH 175 375 375 HOH HOH A . 
E 5 HOH 176 376 376 HOH HOH A . 
E 5 HOH 177 377 377 HOH HOH A . 
E 5 HOH 178 378 378 HOH HOH A . 
E 5 HOH 179 379 379 HOH HOH A . 
# 
loop_
_software.name 
_software.classification 
_software.version 
_software.citation_id 
_software.pdbx_ordinal 
X-PLOR 'model building' 3.851 ? 1 
X-PLOR refinement       3.851 ? 2 
XDS    'data reduction' .     ? 3 
XSCALE 'data scaling'   .     ? 4 
X-PLOR phasing          3.851 ? 5 
# 
_cell.entry_id           110M 
_cell.length_a           91.442 
_cell.length_b           91.442 
_cell.length_c           45.843 
_cell.angle_alpha        90.00 
_cell.angle_beta         90.00 
_cell.angle_gamma        120.00 
_cell.Z_PDB              6 
_cell.pdbx_unique_axis   ? 
# 
_symmetry.entry_id                         110M 
_symmetry.space_group_name_H-M             'P 6' 
_symmetry.pdbx_full_space_group_name_H-M   ? 
_symmetry.cell_setting                     ? 
_symmetry.Int_Tables_number                168 
# 
_exptl.entry_id          110M 
_exptl.method            'X-RAY DIFFRACTION' 
_exptl.crystals_number   1 
# 
_exptl_crystal.id                    1 
_exptl_crystal.density_meas          ? 
_exptl_crystal.density_Matthews      3.06 
_exptl_crystal.density_percent_sol   59.9 
_exptl_crystal.description           ? 
# 
_exptl_crystal_grow.crystal_id      1 
_exptl_crystal_grow.method          ? 
_exptl_crystal_grow.temp            ? 
_exptl_crystal_grow.temp_details    ? 
_exptl_crystal_grow.pH              9.0 
_exptl_crystal_grow.pdbx_pH_range   ? 
_exptl_crystal_grow.pdbx_details    '3.0 M AMMONIUM SULFATE, 20 MM TRIS, 1MM EDTA, PH 9.0' 
# 
_diffrn.id                     1 
_diffrn.ambient_temp           292 
_diffrn.ambient_temp_details   ? 
_diffrn.crystal_id             1 
# 
_diffrn_detector.diffrn_id              1 
_diffrn_detector.detector               'IMAGE PLATE' 
_diffrn_detector.type                   RIGAKU 
_diffrn_detector.pdbx_collection_date   1993-04 
_diffrn_detector.details                'PINHOLE COLLIMATOR' 
# 
_diffrn_radiation.diffrn_id                        1 
_diffrn_radiation.wavelength_id                    1 
_diffrn_radiation.pdbx_monochromatic_or_laue_m_l   M 
_diffrn_radiation.monochromator                    'GRAPHITE(002)' 
_diffrn_radiation.pdbx_diffrn_protocol             ? 
_diffrn_radiation.pdbx_scattering_type             x-ray 
# 
_diffrn_radiation_wavelength.id           1 
_diffrn_radiation_wavelength.wavelength   1.5418 
_diffrn_radiation_wavelength.wt           1.0 
# 
_diffrn_source.diffrn_id                   1 
_diffrn_source.source                      'ROTATING ANODE' 
_diffrn_source.type                        SIEMENS 
_diffrn_source.pdbx_synchrotron_site       ? 
_diffrn_source.pdbx_synchrotron_beamline   ? 
_diffrn_source.pdbx_wavelength             1.5418 
_diffrn_source.pdbx_wavelength_list        ? 
# 
_reflns.entry_id                     110M 
_reflns.observed_criterion_sigma_I   0. 
_reflns.observed_criterion_sigma_F   ? 
_reflns.d_resolution_low             6.00 
_reflns.d_resolution_high            1.77 
_reflns.number_obs                   18978 
_reflns.number_all                   ? 
_reflns.percent_possible_obs         88.2 
_reflns.pdbx_Rmerge_I_obs            0.0520000 
_reflns.pdbx_Rsym_value              ? 
_reflns.pdbx_netI_over_sigmaI        ? 
_reflns.B_iso_Wilson_estimate        15.8 
_reflns.pdbx_redundancy              2.35 
_reflns.pdbx_diffrn_id               1 
_reflns.pdbx_ordinal                 1 
# 
_reflns_shell.d_res_high             1.77 
_reflns_shell.d_res_low              1.78 
_reflns_shell.percent_possible_all   83.4 
_reflns_shell.Rmerge_I_obs           0.2980000 
_reflns_shell.pdbx_Rsym_value        ? 
_reflns_shell.meanI_over_sigI_obs    ? 
_reflns_shell.pdbx_redundancy        1.77 
_reflns_shell.pdbx_diffrn_id         ? 
_reflns_shell.pdbx_ordinal           1 
# 
_refine.entry_id                                 110M 
_refine.ls_number_reflns_obs                     16422 
_refine.ls_number_reflns_all                     ? 
_refine.pdbx_ls_sigma_I                          ? 
_refine.pdbx_ls_sigma_F                          0.0 
_refine.pdbx_data_cutoff_high_absF               10000000.00 
_refine.pdbx_data_cutoff_low_absF                0.00100 
_refine.pdbx_data_cutoff_high_rms_absF           ? 
_refine.ls_d_res_low                             5.00 
_refine.ls_d_res_high                            1.77 
_refine.ls_percent_reflns_obs                    80.1 
_refine.ls_R_factor_obs                          0.1570000 
_refine.ls_R_factor_all                          ? 
_refine.ls_R_factor_R_work                       0.1570000 
_refine.ls_R_factor_R_free                       0.2140000 
_refine.ls_R_factor_R_free_error                 0.005 
_refine.ls_R_factor_R_free_error_details         ? 
_refine.ls_percent_reflns_R_free                 9.8 
_refine.ls_number_reflns_R_free                  1614 
_refine.ls_number_parameters                     ? 
_refine.ls_number_restraints                     ? 
_refine.occupancy_min                            ? 
_refine.occupancy_max                            ? 
_refine.B_iso_mean                               20.4 
_refine.aniso_B[1][1]                            ? 
_refine.aniso_B[2][2]                            ? 
_refine.aniso_B[3][3]                            ? 
_refine.aniso_B[1][2]                            ? 
_refine.aniso_B[1][3]                            ? 
_refine.aniso_B[2][3]                            ? 
_refine.solvent_model_details                    ? 
_refine.solvent_model_param_ksol                 ? 
_refine.solvent_model_param_bsol                 ? 
_refine.pdbx_ls_cross_valid_method               THROUGHOUT 
_refine.details                                  ? 
_refine.pdbx_starting_model                      'SPERM WHALE MYOGLOBIN 0M, D122N (DEOXY)' 
_refine.pdbx_method_to_determine_struct          'MOLECULAR REPLACEMENT' 
_refine.pdbx_isotropic_thermal_model             RESTRAINED 
_refine.pdbx_stereochemistry_target_values       ? 
_refine.pdbx_stereochem_target_val_spec_case     ? 
_refine.pdbx_R_Free_selection_details            RANDOM 
_refine.pdbx_overall_ESU_R                       ? 
_refine.pdbx_overall_ESU_R_Free                  ? 
_refine.overall_SU_ML                            ? 
_refine.overall_SU_B                             ? 
_refine.pdbx_refine_id                           'X-RAY DIFFRACTION' 
_refine.pdbx_diffrn_id                           1 
_refine.pdbx_TLS_residual_ADP_flag               ? 
_refine.correlation_coeff_Fo_to_Fc               ? 
_refine.correlation_coeff_Fo_to_Fc_free          ? 
_refine.pdbx_solvent_vdw_probe_radii             ? 
_refine.pdbx_solvent_ion_probe_radii             ? 
_refine.pdbx_solvent_shrinkage_radii             ? 
_refine.pdbx_overall_phase_error                 ? 
_refine.overall_SU_R_Cruickshank_DPI             ? 
_refine.pdbx_overall_SU_R_free_Cruickshank_DPI   ? 
_refine.pdbx_overall_SU_R_Blow_DPI               ? 
_refine.pdbx_overall_SU_R_free_Blow_DPI          ? 
# 
_refine_analyze.entry_id                        110M 
_refine_analyze.Luzzati_coordinate_error_obs    0.16 
_refine_analyze.Luzzati_sigma_a_obs             0.17 
_refine_analyze.Luzzati_d_res_low_obs           5.00 
_refine_analyze.Luzzati_coordinate_error_free   0.22 
_refine_analyze.Luzzati_sigma_a_free            0.15 
_refine_analyze.Luzzati_d_res_low_free          ? 
_refine_analyze.number_disordered_residues      ? 
_refine_analyze.occupancy_sum_hydrogen          ? 
_refine_analyze.occupancy_sum_non_hydrogen      ? 
_refine_analyze.pdbx_refine_id                  'X-RAY DIFFRACTION' 
# 
_refine_hist.pdbx_refine_id                   'X-RAY DIFFRACTION' 
_refine_hist.cycle_id                         LAST 
_refine_hist.pdbx_number_atoms_protein        1225 
_refine_hist.pdbx_number_atoms_nucleic_acid   0 
_refine_hist.pdbx_number_atoms_ligand         46 
_refine_hist.number_atoms_solvent             184 
_refine_hist.number_atoms_total               1455 
_refine_hist.d_res_high                       1.77 
_refine_hist.d_res_low                        5.00 
# 
loop_
_refine_ls_restr.type 
_refine_ls_restr.dev_ideal 
_refine_ls_restr.dev_ideal_target 
_refine_ls_restr.weight 
_refine_ls_restr.number 
_refine_ls_restr.pdbx_refine_id 
_refine_ls_restr.pdbx_restraint_function 
x_bond_d                0.009 ?    ? ? 'X-RAY DIFFRACTION' ? 
x_bond_d_na             ?     ?    ? ? 'X-RAY DIFFRACTION' ? 
x_bond_d_prot           ?     ?    ? ? 'X-RAY DIFFRACTION' ? 
x_angle_d               ?     ?    ? ? 'X-RAY DIFFRACTION' ? 
x_angle_d_na            ?     ?    ? ? 'X-RAY DIFFRACTION' ? 
x_angle_d_prot          ?     ?    ? ? 'X-RAY DIFFRACTION' ? 
x_angle_deg             1.4   ?    ? ? 'X-RAY DIFFRACTION' ? 
x_angle_deg_na          ?     ?    ? ? 'X-RAY DIFFRACTION' ? 
x_angle_deg_prot        ?     ?    ? ? 'X-RAY DIFFRACTION' ? 
x_dihedral_angle_d      18.6  ?    ? ? 'X-RAY DIFFRACTION' ? 
x_dihedral_angle_d_na   ?     ?    ? ? 'X-RAY DIFFRACTION' ? 
x_dihedral_angle_d_prot ?     ?    ? ? 'X-RAY DIFFRACTION' ? 
x_improper_angle_d      1.31  ?    ? ? 'X-RAY DIFFRACTION' ? 
x_improper_angle_d_na   ?     ?    ? ? 'X-RAY DIFFRACTION' ? 
x_improper_angle_d_prot ?     ?    ? ? 'X-RAY DIFFRACTION' ? 
x_mcbond_it             1.97  1.50 ? ? 'X-RAY DIFFRACTION' ? 
x_mcangle_it            2.42  2.00 ? ? 'X-RAY DIFFRACTION' ? 
x_scbond_it             8.06  2.50 ? ? 'X-RAY DIFFRACTION' ? 
x_scangle_it            11.47 2.50 ? ? 'X-RAY DIFFRACTION' ? 
# 
_refine_ls_shell.pdbx_total_number_of_bins_used   8 
_refine_ls_shell.d_res_high                       1.77 
_refine_ls_shell.d_res_low                        1.85 
_refine_ls_shell.number_reflns_R_work             1424 
_refine_ls_shell.R_factor_R_work                  0.2270000 
_refine_ls_shell.percent_reflns_obs               62.2 
_refine_ls_shell.R_factor_R_free                  0.2310000 
_refine_ls_shell.R_factor_R_free_error            0.019 
_refine_ls_shell.percent_reflns_R_free            9.4 
_refine_ls_shell.number_reflns_R_free             148 
_refine_ls_shell.pdbx_refine_id                   'X-RAY DIFFRACTION' 
_refine_ls_shell.number_reflns_all                ? 
_refine_ls_shell.R_factor_all                     ? 
# 
loop_
_pdbx_xplor_file.serial_no 
_pdbx_xplor_file.param_file 
_pdbx_xplor_file.topol_file 
_pdbx_xplor_file.pdbx_refine_id 
1 PARHCSDX.PRO   TOPHCSDX.PRO  'X-RAY DIFFRACTION' 
2 PARAMETER.HEME TOPOLOGY.HEME 'X-RAY DIFFRACTION' 
3 PARAMETER.MENC TOPOLOGY.MENC 'X-RAY DIFFRACTION' 
4 PARAM19.SOLV   TOPH19.SOLV   'X-RAY DIFFRACTION' 
# 
_struct.entry_id                  110M 
_struct.title                     'SPERM WHALE MYOGLOBIN D122N METHYL ISOCYANIDE AT PH 9.0' 
_struct.pdbx_model_details        ? 
_struct.pdbx_CASP_flag            ? 
_struct.pdbx_model_type_details   ? 
# 
_struct_keywords.entry_id        110M 
_struct_keywords.pdbx_keywords   'OXYGEN TRANSPORT' 
_struct_keywords.text            'LIGAND BINDING, OXYGEN STORAGE, OXYGEN BINDING, HEME, OXYGEN TRANSPORT' 
# 
loop_
_struct_asym.id 
_struct_asym.pdbx_blank_PDB_chainid_flag 
_struct_asym.pdbx_modified 
_struct_asym.entity_id 
_struct_asym.details 
A N N 1 ? 
B N N 2 ? 
C N N 3 ? 
D N N 4 ? 
E N N 5 ? 
# 
_struct_ref.id                         1 
_struct_ref.db_name                    UNP 
_struct_ref.db_code                    MYG_PHYCA 
_struct_ref.entity_id                  1 
_struct_ref.pdbx_db_accession          P02185 
_struct_ref.pdbx_align_begin           1 
_struct_ref.pdbx_seq_one_letter_code   
;VLSEGEWQLVLHVWAKVEADVAGHGQDILIRLFKSHPETLEKFDRFKHLKTEAEMKASEDLKKHGVTVLTALGAILKKKG
HHEAELKPLAQSHATKHKIPIKYLEFISEAIIHVLHSRHPGDFGADAQGAMNKALELFRKDIAAKYKELGYQG
;
_struct_ref.pdbx_db_isoform            ? 
# 
_struct_ref_seq.align_id                      1 
_struct_ref_seq.ref_id                        1 
_struct_ref_seq.pdbx_PDB_id_code              110M 
_struct_ref_seq.pdbx_strand_id                A 
_struct_ref_seq.seq_align_beg                 2 
_struct_ref_seq.pdbx_seq_align_beg_ins_code   ? 
_struct_ref_seq.seq_align_end                 154 
_struct_ref_seq.pdbx_seq_align_end_ins_code   ? 
_struct_ref_seq.pdbx_db_accession             P02185 
_struct_ref_seq.db_align_beg                  1 
_struct_ref_seq.pdbx_db_align_beg_ins_code    ? 
_struct_ref_seq.db_align_end                  153 
_struct_ref_seq.pdbx_db_align_end_ins_code    ? 
_struct_ref_seq.pdbx_auth_seq_align_beg       1 
_struct_ref_seq.pdbx_auth_seq_align_end       153 
# 
_struct_ref_seq_dif.align_id                     1 
_struct_ref_seq_dif.pdbx_pdb_id_code             110M 
_struct_ref_seq_dif.mon_id                       ASN 
_struct_ref_seq_dif.pdbx_pdb_strand_id           A 
_struct_ref_seq_dif.seq_num                      123 
_struct_ref_seq_dif.pdbx_pdb_ins_code            ? 
_struct_ref_seq_dif.pdbx_seq_db_name             UNP 
_struct_ref_seq_dif.pdbx_seq_db_accession_code   P02185 
_struct_ref_seq_dif.db_mon_id                    ASP 
_struct_ref_seq_dif.pdbx_seq_db_seq_num          122 
_struct_ref_seq_dif.details                      'engineered mutation' 
_struct_ref_seq_dif.pdbx_auth_seq_num            122 
_struct_ref_seq_dif.pdbx_ordinal                 1 
# 
_pdbx_struct_assembly.id                   1 
_pdbx_struct_assembly.details              author_defined_assembly 
_pdbx_struct_assembly.method_details       ? 
_pdbx_struct_assembly.oligomeric_details   monomeric 
_pdbx_struct_assembly.oligomeric_count     1 
# 
_pdbx_struct_assembly_gen.assembly_id       1 
_pdbx_struct_assembly_gen.oper_expression   1 
_pdbx_struct_assembly_gen.asym_id_list      A,B,C,D,E 
# 
_pdbx_struct_oper_list.id                   1 
_pdbx_struct_oper_list.type                 'identity operation' 
_pdbx_struct_oper_list.name                 1_555 
_pdbx_struct_oper_list.symmetry_operation   x,y,z 
_pdbx_struct_oper_list.matrix[1][1]         1.0000000000 
_pdbx_struct_oper_list.matrix[1][2]         0.0000000000 
_pdbx_struct_oper_list.matrix[1][3]         0.0000000000 
_pdbx_struct_oper_list.vector[1]            0.0000000000 
_pdbx_struct_oper_list.matrix[2][1]         0.0000000000 
_pdbx_struct_oper_list.matrix[2][2]         1.0000000000 
_pdbx_struct_oper_list.matrix[2][3]         0.0000000000 
_pdbx_struct_oper_list.vector[2]            0.0000000000 
_pdbx_struct_oper_list.matrix[3][1]         0.0000000000 
_pdbx_struct_oper_list.matrix[3][2]         0.0000000000 
_pdbx_struct_oper_list.matrix[3][3]         1.0000000000 
_pdbx_struct_oper_list.vector[3]            0.0000000000 
# 
_struct_biol.id   1 
# 
loop_
_struct_conf.conf_type_id 
_struct_conf.id 
_struct_conf.pdbx_PDB_helix_id 
_struct_conf.beg_label_comp_id 
_struct_conf.beg_label_asym_id 
_struct_conf.beg_label_seq_id 
_struct_conf.pdbx_beg_PDB_ins_code 
_struct_conf.end_label_comp_id 
_struct_conf.end_label_asym_id 
_struct_conf.end_label_seq_id 
_struct_conf.pdbx_end_PDB_ins_code 
_struct_conf.beg_auth_comp_id 
_struct_conf.beg_auth_asym_id 
_struct_conf.beg_auth_seq_id 
_struct_conf.end_auth_comp_id 
_struct_conf.end_auth_asym_id 
_struct_conf.end_auth_seq_id 
_struct_conf.pdbx_PDB_helix_class 
_struct_conf.details 
_struct_conf.pdbx_PDB_helix_length 
HELX_P HELX_P1 1 SER A 4   ? GLU A 19  ? SER A 3   GLU A 18  1 ? 16 
HELX_P HELX_P2 2 ASP A 21  ? SER A 36  ? ASP A 20  SER A 35  1 ? 16 
HELX_P HELX_P3 3 HIS A 37  ? LYS A 43  ? HIS A 36  LYS A 42  1 ? 7  
HELX_P HELX_P4 4 THR A 52  ? ALA A 58  ? THR A 51  ALA A 57  1 ? 7  
HELX_P HELX_P5 5 SER A 59  ? LYS A 78  ? SER A 58  LYS A 77  1 ? 20 
HELX_P HELX_P6 6 LEU A 87  ? ALA A 95  ? LEU A 86  ALA A 94  1 ? 9  
HELX_P HELX_P7 7 PRO A 101 ? ARG A 119 ? PRO A 100 ARG A 118 1 ? 19 
HELX_P HELX_P8 8 GLY A 125 ? LEU A 150 ? GLY A 124 LEU A 149 1 ? 26 
# 
_struct_conf_type.id          HELX_P 
_struct_conf_type.criteria    ? 
_struct_conf_type.reference   ? 
# 
loop_
_struct_conn.id 
_struct_conn.conn_type_id 
_struct_conn.pdbx_leaving_atom_flag 
_struct_conn.pdbx_PDB_id 
_struct_conn.ptnr1_label_asym_id 
_struct_conn.ptnr1_label_comp_id 
_struct_conn.ptnr1_label_seq_id 
_struct_conn.ptnr1_label_atom_id 
_struct_conn.pdbx_ptnr1_label_alt_id 
_struct_conn.pdbx_ptnr1_PDB_ins_code 
_struct_conn.pdbx_ptnr1_standard_comp_id 
_struct_conn.ptnr1_symmetry 
_struct_conn.ptnr2_label_asym_id 
_struct_conn.ptnr2_label_comp_id 
_struct_conn.ptnr2_label_seq_id 
_struct_conn.ptnr2_label_atom_id 
_struct_conn.pdbx_ptnr2_label_alt_id 
_struct_conn.pdbx_ptnr2_PDB_ins_code 
_struct_conn.ptnr1_auth_asym_id 
_struct_conn.ptnr1_auth_comp_id 
_struct_conn.ptnr1_auth_seq_id 
_struct_conn.ptnr2_auth_asym_id 
_struct_conn.ptnr2_auth_comp_id 
_struct_conn.ptnr2_auth_seq_id 
_struct_conn.ptnr2_symmetry 
_struct_conn.pdbx_ptnr3_label_atom_id 
_struct_conn.pdbx_ptnr3_label_seq_id 
_struct_conn.pdbx_ptnr3_label_comp_id 
_struct_conn.pdbx_ptnr3_label_asym_id 
_struct_conn.pdbx_ptnr3_label_alt_id 
_struct_conn.pdbx_ptnr3_PDB_ins_code 
_struct_conn.details 
_struct_conn.pdbx_dist_value 
_struct_conn.pdbx_value_order 
_struct_conn.pdbx_role 
metalc1 metalc ? ? A HIS 94 NE2 ? ? ? 1_555 C HEM . FE ? ? A HIS 93  A HEM 155 1_555 ? ? ? ? ? ? ? 2.219 ? ? 
metalc2 metalc ? ? C HEM .  FE  ? ? ? 1_555 D MNC . C  ? ? A HEM 155 A MNC 156 1_555 ? ? ? ? ? ? ? 2.128 ? ? 
# 
_struct_conn_type.id          metalc 
_struct_conn_type.criteria    ? 
_struct_conn_type.reference   ? 
# 
loop_
_pdbx_struct_conn_angle.id 
_pdbx_struct_conn_angle.ptnr1_label_atom_id 
_pdbx_struct_conn_angle.ptnr1_label_alt_id 
_pdbx_struct_conn_angle.ptnr1_label_asym_id 
_pdbx_struct_conn_angle.ptnr1_label_comp_id 
_pdbx_struct_conn_angle.ptnr1_label_seq_id 
_pdbx_struct_conn_angle.ptnr1_auth_atom_id 
_pdbx_struct_conn_angle.ptnr1_auth_asym_id 
_pdbx_struct_conn_angle.ptnr1_auth_comp_id 
_pdbx_struct_conn_angle.ptnr1_auth_seq_id 
_pdbx_struct_conn_angle.ptnr1_PDB_ins_code 
_pdbx_struct_conn_angle.ptnr1_symmetry 
_pdbx_struct_conn_angle.ptnr2_label_atom_id 
_pdbx_struct_conn_angle.ptnr2_label_alt_id 
_pdbx_struct_conn_angle.ptnr2_label_asym_id 
_pdbx_struct_conn_angle.ptnr2_label_comp_id 
_pdbx_struct_conn_angle.ptnr2_label_seq_id 
_pdbx_struct_conn_angle.ptnr2_auth_atom_id 
_pdbx_struct_conn_angle.ptnr2_auth_asym_id 
_pdbx_struct_conn_angle.ptnr2_auth_comp_id 
_pdbx_struct_conn_angle.ptnr2_auth_seq_id 
_pdbx_struct_conn_angle.ptnr2_PDB_ins_code 
_pdbx_struct_conn_angle.ptnr2_symmetry 
_pdbx_struct_conn_angle.ptnr3_label_atom_id 
_pdbx_struct_conn_angle.ptnr3_label_alt_id 
_pdbx_struct_conn_angle.ptnr3_label_asym_id 
_pdbx_struct_conn_angle.ptnr3_label_comp_id 
_pdbx_struct_conn_angle.ptnr3_label_seq_id 
_pdbx_struct_conn_angle.ptnr3_auth_atom_id 
_pdbx_struct_conn_angle.ptnr3_auth_asym_id 
_pdbx_struct_conn_angle.ptnr3_auth_comp_id 
_pdbx_struct_conn_angle.ptnr3_auth_seq_id 
_pdbx_struct_conn_angle.ptnr3_PDB_ins_code 
_pdbx_struct_conn_angle.ptnr3_symmetry 
_pdbx_struct_conn_angle.value 
_pdbx_struct_conn_angle.value_esd 
1  NE2 ? A HIS 94 ? A HIS 93  ? 1_555 FE ? C HEM . ? A HEM 155 ? 1_555 NA ? C HEM . ? A HEM 155 ? 1_555 87.7  ? 
2  NE2 ? A HIS 94 ? A HIS 93  ? 1_555 FE ? C HEM . ? A HEM 155 ? 1_555 NB ? C HEM . ? A HEM 155 ? 1_555 89.7  ? 
3  NA  ? C HEM .  ? A HEM 155 ? 1_555 FE ? C HEM . ? A HEM 155 ? 1_555 NB ? C HEM . ? A HEM 155 ? 1_555 92.2  ? 
4  NE2 ? A HIS 94 ? A HIS 93  ? 1_555 FE ? C HEM . ? A HEM 155 ? 1_555 NC ? C HEM . ? A HEM 155 ? 1_555 92.1  ? 
5  NA  ? C HEM .  ? A HEM 155 ? 1_555 FE ? C HEM . ? A HEM 155 ? 1_555 NC ? C HEM . ? A HEM 155 ? 1_555 177.9 ? 
6  NB  ? C HEM .  ? A HEM 155 ? 1_555 FE ? C HEM . ? A HEM 155 ? 1_555 NC ? C HEM . ? A HEM 155 ? 1_555 89.9  ? 
7  NE2 ? A HIS 94 ? A HIS 93  ? 1_555 FE ? C HEM . ? A HEM 155 ? 1_555 ND ? C HEM . ? A HEM 155 ? 1_555 88.6  ? 
8  NA  ? C HEM .  ? A HEM 155 ? 1_555 FE ? C HEM . ? A HEM 155 ? 1_555 ND ? C HEM . ? A HEM 155 ? 1_555 88.0  ? 
9  NB  ? C HEM .  ? A HEM 155 ? 1_555 FE ? C HEM . ? A HEM 155 ? 1_555 ND ? C HEM . ? A HEM 155 ? 1_555 178.4 ? 
10 NC  ? C HEM .  ? A HEM 155 ? 1_555 FE ? C HEM . ? A HEM 155 ? 1_555 ND ? C HEM . ? A HEM 155 ? 1_555 90.0  ? 
11 NE2 ? A HIS 94 ? A HIS 93  ? 1_555 FE ? C HEM . ? A HEM 155 ? 1_555 C  ? D MNC . ? A MNC 156 ? 1_555 176.8 ? 
12 NA  ? C HEM .  ? A HEM 155 ? 1_555 FE ? C HEM . ? A HEM 155 ? 1_555 C  ? D MNC . ? A MNC 156 ? 1_555 95.0  ? 
13 NB  ? C HEM .  ? A HEM 155 ? 1_555 FE ? C HEM . ? A HEM 155 ? 1_555 C  ? D MNC . ? A MNC 156 ? 1_555 91.8  ? 
14 NC  ? C HEM .  ? A HEM 155 ? 1_555 FE ? C HEM . ? A HEM 155 ? 1_555 C  ? D MNC . ? A MNC 156 ? 1_555 85.1  ? 
15 ND  ? C HEM .  ? A HEM 155 ? 1_555 FE ? C HEM . ? A HEM 155 ? 1_555 C  ? D MNC . ? A MNC 156 ? 1_555 89.8  ? 
# 
loop_
_struct_site.id 
_struct_site.pdbx_evidence_code 
_struct_site.pdbx_auth_asym_id 
_struct_site.pdbx_auth_comp_id 
_struct_site.pdbx_auth_seq_id 
_struct_site.pdbx_auth_ins_code 
_struct_site.pdbx_num_residues 
_struct_site.details 
HEM Unknown  ? ?   ?   ? 1  'LIGAND BINDING SITE.'               
AC1 Software A SO4 157 ? 5  'BINDING SITE FOR RESIDUE SO4 A 157' 
AC2 Software A HEM 155 ? 17 'BINDING SITE FOR RESIDUE HEM A 155' 
AC3 Software A MNC 156 ? 5  'BINDING SITE FOR RESIDUE MNC A 156' 
# 
loop_
_struct_site_gen.id 
_struct_site_gen.site_id 
_struct_site_gen.pdbx_num_res 
_struct_site_gen.label_comp_id 
_struct_site_gen.label_asym_id 
_struct_site_gen.label_seq_id 
_struct_site_gen.pdbx_auth_ins_code 
_struct_site_gen.auth_comp_id 
_struct_site_gen.auth_asym_id 
_struct_site_gen.auth_seq_id 
_struct_site_gen.label_atom_id 
_struct_site_gen.label_alt_id 
_struct_site_gen.symmetry 
_struct_site_gen.details 
1  HEM 1  HEM C .   ? HEM A 155 . ? 1_555 ? 
2  AC1 5  SER A 4   ? SER A 3   . ? 1_556 ? 
3  AC1 5  GLU A 5   ? GLU A 4   . ? 1_556 ? 
4  AC1 5  THR A 52  ? THR A 51  . ? 1_555 ? 
5  AC1 5  GLU A 53  ? GLU A 52  . ? 1_555 ? 
6  AC1 5  HOH E .   ? HOH A 319 . ? 1_555 ? 
7  AC2 17 THR A 40  ? THR A 39  . ? 1_555 ? 
8  AC2 17 LYS A 43  ? LYS A 42  . ? 1_555 ? 
9  AC2 17 PHE A 44  ? PHE A 43  . ? 1_555 ? 
10 AC2 17 ARG A 46  ? ARG A 45  . ? 1_555 ? 
11 AC2 17 HIS A 65  ? HIS A 64  . ? 1_555 ? 
12 AC2 17 LEU A 90  ? LEU A 89  . ? 1_555 ? 
13 AC2 17 SER A 93  ? SER A 92  . ? 1_555 ? 
14 AC2 17 HIS A 94  ? HIS A 93  . ? 1_555 ? 
15 AC2 17 HIS A 98  ? HIS A 97  . ? 1_555 ? 
16 AC2 17 ILE A 100 ? ILE A 99  . ? 1_555 ? 
17 AC2 17 TYR A 104 ? TYR A 103 . ? 1_555 ? 
18 AC2 17 MNC D .   ? MNC A 156 . ? 1_555 ? 
19 AC2 17 HOH E .   ? HOH A 237 . ? 1_555 ? 
20 AC2 17 HOH E .   ? HOH A 276 . ? 1_555 ? 
21 AC2 17 HOH E .   ? HOH A 279 . ? 1_555 ? 
22 AC2 17 HOH E .   ? HOH A 280 . ? 1_555 ? 
23 AC2 17 HOH E .   ? HOH A 306 . ? 1_555 ? 
24 AC3 5  LEU A 30  ? LEU A 29  . ? 1_555 ? 
25 AC3 5  PHE A 44  ? PHE A 43  . ? 1_555 ? 
26 AC3 5  HIS A 65  ? HIS A 64  . ? 1_555 ? 
27 AC3 5  VAL A 69  ? VAL A 68  . ? 1_555 ? 
28 AC3 5  HEM C .   ? HEM A 155 . ? 1_555 ? 
# 
loop_
_pdbx_validate_torsion.id 
_pdbx_validate_torsion.PDB_model_num 
_pdbx_validate_torsion.auth_comp_id 
_pdbx_validate_torsion.auth_asym_id 
_pdbx_validate_torsion.auth_seq_id 
_pdbx_validate_torsion.PDB_ins_code 
_pdbx_validate_torsion.label_alt_id 
_pdbx_validate_torsion.phi 
_pdbx_validate_torsion.psi 
1 1 ASP A 20  ? ? -150.80 73.58 
2 1 LYS A 98  ? ? 60.93   65.36 
3 1 GLN A 152 ? ? 40.57   25.95 
# 
loop_
_chem_comp_atom.comp_id 
_chem_comp_atom.atom_id 
_chem_comp_atom.type_symbol 
_chem_comp_atom.pdbx_aromatic_flag 
_chem_comp_atom.pdbx_stereo_config 
_chem_comp_atom.pdbx_ordinal 
ALA N    N  N N 1   
ALA CA   C  N S 2   
ALA C    C  N N 3   
ALA O    O  N N 4   
ALA CB   C  N N 5   
ALA OXT  O  N N 6   
ALA H    H  N N 7   
ALA H2   H  N N 8   
ALA HA   H  N N 9   
ALA HB1  H  N N 10  
ALA HB2  H  N N 11  
ALA HB3  H  N N 12  
ALA HXT  H  N N 13  
ARG N    N  N N 14  
ARG CA   C  N S 15  
ARG C    C  N N 16  
ARG O    O  N N 17  
ARG CB   C  N N 18  
ARG CG   C  N N 19  
ARG CD   C  N N 20  
ARG NE   N  N N 21  
ARG CZ   C  N N 22  
ARG NH1  N  N N 23  
ARG NH2  N  N N 24  
ARG OXT  O  N N 25  
ARG H    H  N N 26  
ARG H2   H  N N 27  
ARG HA   H  N N 28  
ARG HB2  H  N N 29  
ARG HB3  H  N N 30  
ARG HG2  H  N N 31  
ARG HG3  H  N N 32  
ARG HD2  H  N N 33  
ARG HD3  H  N N 34  
ARG HE   H  N N 35  
ARG HH11 H  N N 36  
ARG HH12 H  N N 37  
ARG HH21 H  N N 38  
ARG HH22 H  N N 39  
ARG HXT  H  N N 40  
ASN N    N  N N 41  
ASN CA   C  N S 42  
ASN C    C  N N 43  
ASN O    O  N N 44  
ASN CB   C  N N 45  
ASN CG   C  N N 46  
ASN OD1  O  N N 47  
ASN ND2  N  N N 48  
ASN OXT  O  N N 49  
ASN H    H  N N 50  
ASN H2   H  N N 51  
ASN HA   H  N N 52  
ASN HB2  H  N N 53  
ASN HB3  H  N N 54  
ASN HD21 H  N N 55  
ASN HD22 H  N N 56  
ASN HXT  H  N N 57  
ASP N    N  N N 58  
ASP CA   C  N S 59  
ASP C    C  N N 60  
ASP O    O  N N 61  
ASP CB   C  N N 62  
ASP CG   C  N N 63  
ASP OD1  O  N N 64  
ASP OD2  O  N N 65  
ASP OXT  O  N N 66  
ASP H    H  N N 67  
ASP H2   H  N N 68  
ASP HA   H  N N 69  
ASP HB2  H  N N 70  
ASP HB3  H  N N 71  
ASP HD2  H  N N 72  
ASP HXT  H  N N 73  
GLN N    N  N N 74  
GLN CA   C  N S 75  
GLN C    C  N N 76  
GLN O    O  N N 77  
GLN CB   C  N N 78  
GLN CG   C  N N 79  
GLN CD   C  N N 80  
GLN OE1  O  N N 81  
GLN NE2  N  N N 82  
GLN OXT  O  N N 83  
GLN H    H  N N 84  
GLN H2   H  N N 85  
GLN HA   H  N N 86  
GLN HB2  H  N N 87  
GLN HB3  H  N N 88  
GLN HG2  H  N N 89  
GLN HG3  H  N N 90  
GLN HE21 H  N N 91  
GLN HE22 H  N N 92  
GLN HXT  H  N N 93  
GLU N    N  N N 94  
GLU CA   C  N S 95  
GLU C    C  N N 96  
GLU O    O  N N 97  
GLU CB   C  N N 98  
GLU CG   C  N N 99  
GLU CD   C  N N 100 
GLU OE1  O  N N 101 
GLU OE2  O  N N 102 
GLU OXT  O  N N 103 
GLU H    H  N N 104 
GLU H2   H  N N 105 
GLU HA   H  N N 106 
GLU HB2  H  N N 107 
GLU HB3  H  N N 108 
GLU HG2  H  N N 109 
GLU HG3  H  N N 110 
GLU HE2  H  N N 111 
GLU HXT  H  N N 112 
GLY N    N  N N 113 
GLY CA   C  N N 114 
GLY C    C  N N 115 
GLY O    O  N N 116 
GLY OXT  O  N N 117 
GLY H    H  N N 118 
GLY H2   H  N N 119 
GLY HA2  H  N N 120 
GLY HA3  H  N N 121 
GLY HXT  H  N N 122 
HEM CHA  C  N N 123 
HEM CHB  C  N N 124 
HEM CHC  C  N N 125 
HEM CHD  C  N N 126 
HEM C1A  C  Y N 127 
HEM C2A  C  Y N 128 
HEM C3A  C  Y N 129 
HEM C4A  C  Y N 130 
HEM CMA  C  N N 131 
HEM CAA  C  N N 132 
HEM CBA  C  N N 133 
HEM CGA  C  N N 134 
HEM O1A  O  N N 135 
HEM O2A  O  N N 136 
HEM C1B  C  N N 137 
HEM C2B  C  N N 138 
HEM C3B  C  N N 139 
HEM C4B  C  N N 140 
HEM CMB  C  N N 141 
HEM CAB  C  N N 142 
HEM CBB  C  N N 143 
HEM C1C  C  Y N 144 
HEM C2C  C  Y N 145 
HEM C3C  C  Y N 146 
HEM C4C  C  Y N 147 
HEM CMC  C  N N 148 
HEM CAC  C  N N 149 
HEM CBC  C  N N 150 
HEM C1D  C  N N 151 
HEM C2D  C  N N 152 
HEM C3D  C  N N 153 
HEM C4D  C  N N 154 
HEM CMD  C  N N 155 
HEM CAD  C  N N 156 
HEM CBD  C  N N 157 
HEM CGD  C  N N 158 
HEM O1D  O  N N 159 
HEM O2D  O  N N 160 
HEM NA   N  Y N 161 
HEM NB   N  N N 162 
HEM NC   N  Y N 163 
HEM ND   N  N N 164 
HEM FE   FE N N 165 
HEM HHB  H  N N 166 
HEM HHC  H  N N 167 
HEM HHD  H  N N 168 
HEM HMA  H  N N 169 
HEM HMAA H  N N 170 
HEM HMAB H  N N 171 
HEM HAA  H  N N 172 
HEM HAAA H  N N 173 
HEM HBA  H  N N 174 
HEM HBAA H  N N 175 
HEM HMB  H  N N 176 
HEM HMBA H  N N 177 
HEM HMBB H  N N 178 
HEM HAB  H  N N 179 
HEM HBB  H  N N 180 
HEM HBBA H  N N 181 
HEM HMC  H  N N 182 
HEM HMCA H  N N 183 
HEM HMCB H  N N 184 
HEM HAC  H  N N 185 
HEM HBC  H  N N 186 
HEM HBCA H  N N 187 
HEM HMD  H  N N 188 
HEM HMDA H  N N 189 
HEM HMDB H  N N 190 
HEM HAD  H  N N 191 
HEM HADA H  N N 192 
HEM HBD  H  N N 193 
HEM HBDA H  N N 194 
HEM H2A  H  N N 195 
HEM H2D  H  N N 196 
HEM HHA  H  N N 197 
HIS N    N  N N 198 
HIS CA   C  N S 199 
HIS C    C  N N 200 
HIS O    O  N N 201 
HIS CB   C  N N 202 
HIS CG   C  Y N 203 
HIS ND1  N  Y N 204 
HIS CD2  C  Y N 205 
HIS CE1  C  Y N 206 
HIS NE2  N  Y N 207 
HIS OXT  O  N N 208 
HIS H    H  N N 209 
HIS H2   H  N N 210 
HIS HA   H  N N 211 
HIS HB2  H  N N 212 
HIS HB3  H  N N 213 
HIS HD1  H  N N 214 
HIS HD2  H  N N 215 
HIS HE1  H  N N 216 
HIS HE2  H  N N 217 
HIS HXT  H  N N 218 
HOH O    O  N N 219 
HOH H1   H  N N 220 
HOH H2   H  N N 221 
ILE N    N  N N 222 
ILE CA   C  N S 223 
ILE C    C  N N 224 
ILE O    O  N N 225 
ILE CB   C  N S 226 
ILE CG1  C  N N 227 
ILE CG2  C  N N 228 
ILE CD1  C  N N 229 
ILE OXT  O  N N 230 
ILE H    H  N N 231 
ILE H2   H  N N 232 
ILE HA   H  N N 233 
ILE HB   H  N N 234 
ILE HG12 H  N N 235 
ILE HG13 H  N N 236 
ILE HG21 H  N N 237 
ILE HG22 H  N N 238 
ILE HG23 H  N N 239 
ILE HD11 H  N N 240 
ILE HD12 H  N N 241 
ILE HD13 H  N N 242 
ILE HXT  H  N N 243 
LEU N    N  N N 244 
LEU CA   C  N S 245 
LEU C    C  N N 246 
LEU O    O  N N 247 
LEU CB   C  N N 248 
LEU CG   C  N N 249 
LEU CD1  C  N N 250 
LEU CD2  C  N N 251 
LEU OXT  O  N N 252 
LEU H    H  N N 253 
LEU H2   H  N N 254 
LEU HA   H  N N 255 
LEU HB2  H  N N 256 
LEU HB3  H  N N 257 
LEU HG   H  N N 258 
LEU HD11 H  N N 259 
LEU HD12 H  N N 260 
LEU HD13 H  N N 261 
LEU HD21 H  N N 262 
LEU HD22 H  N N 263 
LEU HD23 H  N N 264 
LEU HXT  H  N N 265 
LYS N    N  N N 266 
LYS CA   C  N S 267 
LYS C    C  N N 268 
LYS O    O  N N 269 
LYS CB   C  N N 270 
LYS CG   C  N N 271 
LYS CD   C  N N 272 
LYS CE   C  N N 273 
LYS NZ   N  N N 274 
LYS OXT  O  N N 275 
LYS H    H  N N 276 
LYS H2   H  N N 277 
LYS HA   H  N N 278 
LYS HB2  H  N N 279 
LYS HB3  H  N N 280 
LYS HG2  H  N N 281 
LYS HG3  H  N N 282 
LYS HD2  H  N N 283 
LYS HD3  H  N N 284 
LYS HE2  H  N N 285 
LYS HE3  H  N N 286 
LYS HZ1  H  N N 287 
LYS HZ2  H  N N 288 
LYS HZ3  H  N N 289 
LYS HXT  H  N N 290 
MET N    N  N N 291 
MET CA   C  N S 292 
MET C    C  N N 293 
MET O    O  N N 294 
MET CB   C  N N 295 
MET CG   C  N N 296 
MET SD   S  N N 297 
MET CE   C  N N 298 
MET OXT  O  N N 299 
MET H    H  N N 300 
MET H2   H  N N 301 
MET HA   H  N N 302 
MET HB2  H  N N 303 
MET HB3  H  N N 304 
MET HG2  H  N N 305 
MET HG3  H  N N 306 
MET HE1  H  N N 307 
MET HE2  H  N N 308 
MET HE3  H  N N 309 
MET HXT  H  N N 310 
MNC C    C  N N 311 
MNC N    N  N N 312 
MNC C1   C  N N 313 
MNC H11  H  N N 314 
MNC H12  H  N N 315 
MNC H13  H  N N 316 
PHE N    N  N N 317 
PHE CA   C  N S 318 
PHE C    C  N N 319 
PHE O    O  N N 320 
PHE CB   C  N N 321 
PHE CG   C  Y N 322 
PHE CD1  C  Y N 323 
PHE CD2  C  Y N 324 
PHE CE1  C  Y N 325 
PHE CE2  C  Y N 326 
PHE CZ   C  Y N 327 
PHE OXT  O  N N 328 
PHE H    H  N N 329 
PHE H2   H  N N 330 
PHE HA   H  N N 331 
PHE HB2  H  N N 332 
PHE HB3  H  N N 333 
PHE HD1  H  N N 334 
PHE HD2  H  N N 335 
PHE HE1  H  N N 336 
PHE HE2  H  N N 337 
PHE HZ   H  N N 338 
PHE HXT  H  N N 339 
PRO N    N  N N 340 
PRO CA   C  N S 341 
PRO C    C  N N 342 
PRO O    O  N N 343 
PRO CB   C  N N 344 
PRO CG   C  N N 345 
PRO CD   C  N N 346 
PRO OXT  O  N N 347 
PRO H    H  N N 348 
PRO HA   H  N N 349 
PRO HB2  H  N N 350 
PRO HB3  H  N N 351 
PRO HG2  H  N N 352 
PRO HG3  H  N N 353 
PRO HD2  H  N N 354 
PRO HD3  H  N N 355 
PRO HXT  H  N N 356 
SER N    N  N N 357 
SER CA   C  N S 358 
SER C    C  N N 359 
SER O    O  N N 360 
SER CB   C  N N 361 
SER OG   O  N N 362 
SER OXT  O  N N 363 
SER H    H  N N 364 
SER H2   H  N N 365 
SER HA   H  N N 366 
SER HB2  H  N N 367 
SER HB3  H  N N 368 
SER HG   H  N N 369 
SER HXT  H  N N 370 
SO4 S    S  N N 371 
SO4 O1   O  N N 372 
SO4 O2   O  N N 373 
SO4 O3   O  N N 374 
SO4 O4   O  N N 375 
THR N    N  N N 376 
THR CA   C  N S 377 
THR C    C  N N 378 
THR O    O  N N 379 
THR CB   C  N R 380 
THR OG1  O  N N 381 
THR CG2  C  N N 382 
THR OXT  O  N N 383 
THR H    H  N N 384 
THR H2   H  N N 385 
THR HA   H  N N 386 
THR HB   H  N N 387 
THR HG1  H  N N 388 
THR HG21 H  N N 389 
THR HG22 H  N N 390 
THR HG23 H  N N 391 
THR HXT  H  N N 392 
TRP N    N  N N 393 
TRP CA   C  N S 394 
TRP C    C  N N 395 
TRP O    O  N N 396 
TRP CB   C  N N 397 
TRP CG   C  Y N 398 
TRP CD1  C  Y N 399 
TRP CD2  C  Y N 400 
TRP NE1  N  Y N 401 
TRP CE2  C  Y N 402 
TRP CE3  C  Y N 403 
TRP CZ2  C  Y N 404 
TRP CZ3  C  Y N 405 
TRP CH2  C  Y N 406 
TRP OXT  O  N N 407 
TRP H    H  N N 408 
TRP H2   H  N N 409 
TRP HA   H  N N 410 
TRP HB2  H  N N 411 
TRP HB3  H  N N 412 
TRP HD1  H  N N 413 
TRP HE1  H  N N 414 
TRP HE3  H  N N 415 
TRP HZ2  H  N N 416 
TRP HZ3  H  N N 417 
TRP HH2  H  N N 418 
TRP HXT  H  N N 419 
TYR N    N  N N 420 
TYR CA   C  N S 421 
TYR C    C  N N 422 
TYR O    O  N N 423 
TYR CB   C  N N 424 
TYR CG   C  Y N 425 
TYR CD1  C  Y N 426 
TYR CD2  C  Y N 427 
TYR CE1  C  Y N 428 
TYR CE2  C  Y N 429 
TYR CZ   C  Y N 430 
TYR OH   O  N N 431 
TYR OXT  O  N N 432 
TYR H    H  N N 433 
TYR H2   H  N N 434 
TYR HA   H  N N 435 
TYR HB2  H  N N 436 
TYR HB3  H  N N 437 
TYR HD1  H  N N 438 
TYR HD2  H  N N 439 
TYR HE1  H  N N 440 
TYR HE2  H  N N 441 
TYR HH   H  N N 442 
TYR HXT  H  N N 443 
VAL N    N  N N 444 
VAL CA   C  N S 445 
VAL C    C  N N 446 
VAL O    O  N N 447 
VAL CB   C  N N 448 
VAL CG1  C  N N 449 
VAL CG2  C  N N 450 
VAL OXT  O  N N 451 
VAL H    H  N N 452 
VAL H2   H  N N 453 
VAL HA   H  N N 454 
VAL HB   H  N N 455 
VAL HG11 H  N N 456 
VAL HG12 H  N N 457 
VAL HG13 H  N N 458 
VAL HG21 H  N N 459 
VAL HG22 H  N N 460 
VAL HG23 H  N N 461 
VAL HXT  H  N N 462 
# 
loop_
_chem_comp_bond.comp_id 
_chem_comp_bond.atom_id_1 
_chem_comp_bond.atom_id_2 
_chem_comp_bond.value_order 
_chem_comp_bond.pdbx_aromatic_flag 
_chem_comp_bond.pdbx_stereo_config 
_chem_comp_bond.pdbx_ordinal 
ALA N   CA   sing N N 1   
ALA N   H    sing N N 2   
ALA N   H2   sing N N 3   
ALA CA  C    sing N N 4   
ALA CA  CB   sing N N 5   
ALA CA  HA   sing N N 6   
ALA C   O    doub N N 7   
ALA C   OXT  sing N N 8   
ALA CB  HB1  sing N N 9   
ALA CB  HB2  sing N N 10  
ALA CB  HB3  sing N N 11  
ALA OXT HXT  sing N N 12  
ARG N   CA   sing N N 13  
ARG N   H    sing N N 14  
ARG N   H2   sing N N 15  
ARG CA  C    sing N N 16  
ARG CA  CB   sing N N 17  
ARG CA  HA   sing N N 18  
ARG C   O    doub N N 19  
ARG C   OXT  sing N N 20  
ARG CB  CG   sing N N 21  
ARG CB  HB2  sing N N 22  
ARG CB  HB3  sing N N 23  
ARG CG  CD   sing N N 24  
ARG CG  HG2  sing N N 25  
ARG CG  HG3  sing N N 26  
ARG CD  NE   sing N N 27  
ARG CD  HD2  sing N N 28  
ARG CD  HD3  sing N N 29  
ARG NE  CZ   sing N N 30  
ARG NE  HE   sing N N 31  
ARG CZ  NH1  sing N N 32  
ARG CZ  NH2  doub N N 33  
ARG NH1 HH11 sing N N 34  
ARG NH1 HH12 sing N N 35  
ARG NH2 HH21 sing N N 36  
ARG NH2 HH22 sing N N 37  
ARG OXT HXT  sing N N 38  
ASN N   CA   sing N N 39  
ASN N   H    sing N N 40  
ASN N   H2   sing N N 41  
ASN CA  C    sing N N 42  
ASN CA  CB   sing N N 43  
ASN CA  HA   sing N N 44  
ASN C   O    doub N N 45  
ASN C   OXT  sing N N 46  
ASN CB  CG   sing N N 47  
ASN CB  HB2  sing N N 48  
ASN CB  HB3  sing N N 49  
ASN CG  OD1  doub N N 50  
ASN CG  ND2  sing N N 51  
ASN ND2 HD21 sing N N 52  
ASN ND2 HD22 sing N N 53  
ASN OXT HXT  sing N N 54  
ASP N   CA   sing N N 55  
ASP N   H    sing N N 56  
ASP N   H2   sing N N 57  
ASP CA  C    sing N N 58  
ASP CA  CB   sing N N 59  
ASP CA  HA   sing N N 60  
ASP C   O    doub N N 61  
ASP C   OXT  sing N N 62  
ASP CB  CG   sing N N 63  
ASP CB  HB2  sing N N 64  
ASP CB  HB3  sing N N 65  
ASP CG  OD1  doub N N 66  
ASP CG  OD2  sing N N 67  
ASP OD2 HD2  sing N N 68  
ASP OXT HXT  sing N N 69  
GLN N   CA   sing N N 70  
GLN N   H    sing N N 71  
GLN N   H2   sing N N 72  
GLN CA  C    sing N N 73  
GLN CA  CB   sing N N 74  
GLN CA  HA   sing N N 75  
GLN C   O    doub N N 76  
GLN C   OXT  sing N N 77  
GLN CB  CG   sing N N 78  
GLN CB  HB2  sing N N 79  
GLN CB  HB3  sing N N 80  
GLN CG  CD   sing N N 81  
GLN CG  HG2  sing N N 82  
GLN CG  HG3  sing N N 83  
GLN CD  OE1  doub N N 84  
GLN CD  NE2  sing N N 85  
GLN NE2 HE21 sing N N 86  
GLN NE2 HE22 sing N N 87  
GLN OXT HXT  sing N N 88  
GLU N   CA   sing N N 89  
GLU N   H    sing N N 90  
GLU N   H2   sing N N 91  
GLU CA  C    sing N N 92  
GLU CA  CB   sing N N 93  
GLU CA  HA   sing N N 94  
GLU C   O    doub N N 95  
GLU C   OXT  sing N N 96  
GLU CB  CG   sing N N 97  
GLU CB  HB2  sing N N 98  
GLU CB  HB3  sing N N 99  
GLU CG  CD   sing N N 100 
GLU CG  HG2  sing N N 101 
GLU CG  HG3  sing N N 102 
GLU CD  OE1  doub N N 103 
GLU CD  OE2  sing N N 104 
GLU OE2 HE2  sing N N 105 
GLU OXT HXT  sing N N 106 
GLY N   CA   sing N N 107 
GLY N   H    sing N N 108 
GLY N   H2   sing N N 109 
GLY CA  C    sing N N 110 
GLY CA  HA2  sing N N 111 
GLY CA  HA3  sing N N 112 
GLY C   O    doub N N 113 
GLY C   OXT  sing N N 114 
GLY OXT HXT  sing N N 115 
HEM CHA C1A  sing N N 116 
HEM CHA C4D  doub N N 117 
HEM CHA HHA  sing N N 118 
HEM CHB C4A  sing N N 119 
HEM CHB C1B  doub N N 120 
HEM CHB HHB  sing N N 121 
HEM CHC C4B  sing N N 122 
HEM CHC C1C  doub N N 123 
HEM CHC HHC  sing N N 124 
HEM CHD C4C  doub N N 125 
HEM CHD C1D  sing N N 126 
HEM CHD HHD  sing N N 127 
HEM C1A C2A  doub Y N 128 
HEM C1A NA   sing Y N 129 
HEM C2A C3A  sing Y N 130 
HEM C2A CAA  sing N N 131 
HEM C3A C4A  doub Y N 132 
HEM C3A CMA  sing N N 133 
HEM C4A NA   sing Y N 134 
HEM CMA HMA  sing N N 135 
HEM CMA HMAA sing N N 136 
HEM CMA HMAB sing N N 137 
HEM CAA CBA  sing N N 138 
HEM CAA HAA  sing N N 139 
HEM CAA HAAA sing N N 140 
HEM CBA CGA  sing N N 141 
HEM CBA HBA  sing N N 142 
HEM CBA HBAA sing N N 143 
HEM CGA O1A  doub N N 144 
HEM CGA O2A  sing N N 145 
HEM C1B C2B  sing N N 146 
HEM C1B NB   sing N N 147 
HEM C2B C3B  doub N N 148 
HEM C2B CMB  sing N N 149 
HEM C3B C4B  sing N N 150 
HEM C3B CAB  sing N N 151 
HEM C4B NB   doub N N 152 
HEM CMB HMB  sing N N 153 
HEM CMB HMBA sing N N 154 
HEM CMB HMBB sing N N 155 
HEM CAB CBB  doub N N 156 
HEM CAB HAB  sing N N 157 
HEM CBB HBB  sing N N 158 
HEM CBB HBBA sing N N 159 
HEM C1C C2C  sing Y N 160 
HEM C1C NC   sing Y N 161 
HEM C2C C3C  doub Y N 162 
HEM C2C CMC  sing N N 163 
HEM C3C C4C  sing Y N 164 
HEM C3C CAC  sing N N 165 
HEM C4C NC   sing Y N 166 
HEM CMC HMC  sing N N 167 
HEM CMC HMCA sing N N 168 
HEM CMC HMCB sing N N 169 
HEM CAC CBC  doub N N 170 
HEM CAC HAC  sing N N 171 
HEM CBC HBC  sing N N 172 
HEM CBC HBCA sing N N 173 
HEM C1D C2D  sing N N 174 
HEM C1D ND   doub N N 175 
HEM C2D C3D  doub N N 176 
HEM C2D CMD  sing N N 177 
HEM C3D C4D  sing N N 178 
HEM C3D CAD  sing N N 179 
HEM C4D ND   sing N N 180 
HEM CMD HMD  sing N N 181 
HEM CMD HMDA sing N N 182 
HEM CMD HMDB sing N N 183 
HEM CAD CBD  sing N N 184 
HEM CAD HAD  sing N N 185 
HEM CAD HADA sing N N 186 
HEM CBD CGD  sing N N 187 
HEM CBD HBD  sing N N 188 
HEM CBD HBDA sing N N 189 
HEM CGD O1D  doub N N 190 
HEM CGD O2D  sing N N 191 
HEM O2A H2A  sing N N 192 
HEM O2D H2D  sing N N 193 
HEM FE  NA   sing N N 194 
HEM FE  NB   sing N N 195 
HEM FE  NC   sing N N 196 
HEM FE  ND   sing N N 197 
HIS N   CA   sing N N 198 
HIS N   H    sing N N 199 
HIS N   H2   sing N N 200 
HIS CA  C    sing N N 201 
HIS CA  CB   sing N N 202 
HIS CA  HA   sing N N 203 
HIS C   O    doub N N 204 
HIS C   OXT  sing N N 205 
HIS CB  CG   sing N N 206 
HIS CB  HB2  sing N N 207 
HIS CB  HB3  sing N N 208 
HIS CG  ND1  sing Y N 209 
HIS CG  CD2  doub Y N 210 
HIS ND1 CE1  doub Y N 211 
HIS ND1 HD1  sing N N 212 
HIS CD2 NE2  sing Y N 213 
HIS CD2 HD2  sing N N 214 
HIS CE1 NE2  sing Y N 215 
HIS CE1 HE1  sing N N 216 
HIS NE2 HE2  sing N N 217 
HIS OXT HXT  sing N N 218 
HOH O   H1   sing N N 219 
HOH O   H2   sing N N 220 
ILE N   CA   sing N N 221 
ILE N   H    sing N N 222 
ILE N   H2   sing N N 223 
ILE CA  C    sing N N 224 
ILE CA  CB   sing N N 225 
ILE CA  HA   sing N N 226 
ILE C   O    doub N N 227 
ILE C   OXT  sing N N 228 
ILE CB  CG1  sing N N 229 
ILE CB  CG2  sing N N 230 
ILE CB  HB   sing N N 231 
ILE CG1 CD1  sing N N 232 
ILE CG1 HG12 sing N N 233 
ILE CG1 HG13 sing N N 234 
ILE CG2 HG21 sing N N 235 
ILE CG2 HG22 sing N N 236 
ILE CG2 HG23 sing N N 237 
ILE CD1 HD11 sing N N 238 
ILE CD1 HD12 sing N N 239 
ILE CD1 HD13 sing N N 240 
ILE OXT HXT  sing N N 241 
LEU N   CA   sing N N 242 
LEU N   H    sing N N 243 
LEU N   H2   sing N N 244 
LEU CA  C    sing N N 245 
LEU CA  CB   sing N N 246 
LEU CA  HA   sing N N 247 
LEU C   O    doub N N 248 
LEU C   OXT  sing N N 249 
LEU CB  CG   sing N N 250 
LEU CB  HB2  sing N N 251 
LEU CB  HB3  sing N N 252 
LEU CG  CD1  sing N N 253 
LEU CG  CD2  sing N N 254 
LEU CG  HG   sing N N 255 
LEU CD1 HD11 sing N N 256 
LEU CD1 HD12 sing N N 257 
LEU CD1 HD13 sing N N 258 
LEU CD2 HD21 sing N N 259 
LEU CD2 HD22 sing N N 260 
LEU CD2 HD23 sing N N 261 
LEU OXT HXT  sing N N 262 
LYS N   CA   sing N N 263 
LYS N   H    sing N N 264 
LYS N   H2   sing N N 265 
LYS CA  C    sing N N 266 
LYS CA  CB   sing N N 267 
LYS CA  HA   sing N N 268 
LYS C   O    doub N N 269 
LYS C   OXT  sing N N 270 
LYS CB  CG   sing N N 271 
LYS CB  HB2  sing N N 272 
LYS CB  HB3  sing N N 273 
LYS CG  CD   sing N N 274 
LYS CG  HG2  sing N N 275 
LYS CG  HG3  sing N N 276 
LYS CD  CE   sing N N 277 
LYS CD  HD2  sing N N 278 
LYS CD  HD3  sing N N 279 
LYS CE  NZ   sing N N 280 
LYS CE  HE2  sing N N 281 
LYS CE  HE3  sing N N 282 
LYS NZ  HZ1  sing N N 283 
LYS NZ  HZ2  sing N N 284 
LYS NZ  HZ3  sing N N 285 
LYS OXT HXT  sing N N 286 
MET N   CA   sing N N 287 
MET N   H    sing N N 288 
MET N   H2   sing N N 289 
MET CA  C    sing N N 290 
MET CA  CB   sing N N 291 
MET CA  HA   sing N N 292 
MET C   O    doub N N 293 
MET C   OXT  sing N N 294 
MET CB  CG   sing N N 295 
MET CB  HB2  sing N N 296 
MET CB  HB3  sing N N 297 
MET CG  SD   sing N N 298 
MET CG  HG2  sing N N 299 
MET CG  HG3  sing N N 300 
MET SD  CE   sing N N 301 
MET CE  HE1  sing N N 302 
MET CE  HE2  sing N N 303 
MET CE  HE3  sing N N 304 
MET OXT HXT  sing N N 305 
MNC C   N    trip N N 306 
MNC N   C1   sing N N 307 
MNC C1  H11  sing N N 308 
MNC C1  H12  sing N N 309 
MNC C1  H13  sing N N 310 
PHE N   CA   sing N N 311 
PHE N   H    sing N N 312 
PHE N   H2   sing N N 313 
PHE CA  C    sing N N 314 
PHE CA  CB   sing N N 315 
PHE CA  HA   sing N N 316 
PHE C   O    doub N N 317 
PHE C   OXT  sing N N 318 
PHE CB  CG   sing N N 319 
PHE CB  HB2  sing N N 320 
PHE CB  HB3  sing N N 321 
PHE CG  CD1  doub Y N 322 
PHE CG  CD2  sing Y N 323 
PHE CD1 CE1  sing Y N 324 
PHE CD1 HD1  sing N N 325 
PHE CD2 CE2  doub Y N 326 
PHE CD2 HD2  sing N N 327 
PHE CE1 CZ   doub Y N 328 
PHE CE1 HE1  sing N N 329 
PHE CE2 CZ   sing Y N 330 
PHE CE2 HE2  sing N N 331 
PHE CZ  HZ   sing N N 332 
PHE OXT HXT  sing N N 333 
PRO N   CA   sing N N 334 
PRO N   CD   sing N N 335 
PRO N   H    sing N N 336 
PRO CA  C    sing N N 337 
PRO CA  CB   sing N N 338 
PRO CA  HA   sing N N 339 
PRO C   O    doub N N 340 
PRO C   OXT  sing N N 341 
PRO CB  CG   sing N N 342 
PRO CB  HB2  sing N N 343 
PRO CB  HB3  sing N N 344 
PRO CG  CD   sing N N 345 
PRO CG  HG2  sing N N 346 
PRO CG  HG3  sing N N 347 
PRO CD  HD2  sing N N 348 
PRO CD  HD3  sing N N 349 
PRO OXT HXT  sing N N 350 
SER N   CA   sing N N 351 
SER N   H    sing N N 352 
SER N   H2   sing N N 353 
SER CA  C    sing N N 354 
SER CA  CB   sing N N 355 
SER CA  HA   sing N N 356 
SER C   O    doub N N 357 
SER C   OXT  sing N N 358 
SER CB  OG   sing N N 359 
SER CB  HB2  sing N N 360 
SER CB  HB3  sing N N 361 
SER OG  HG   sing N N 362 
SER OXT HXT  sing N N 363 
SO4 S   O1   doub N N 364 
SO4 S   O2   doub N N 365 
SO4 S   O3   sing N N 366 
SO4 S   O4   sing N N 367 
THR N   CA   sing N N 368 
THR N   H    sing N N 369 
THR N   H2   sing N N 370 
THR CA  C    sing N N 371 
THR CA  CB   sing N N 372 
THR CA  HA   sing N N 373 
THR C   O    doub N N 374 
THR C   OXT  sing N N 375 
THR CB  OG1  sing N N 376 
THR CB  CG2  sing N N 377 
THR CB  HB   sing N N 378 
THR OG1 HG1  sing N N 379 
THR CG2 HG21 sing N N 380 
THR CG2 HG22 sing N N 381 
THR CG2 HG23 sing N N 382 
THR OXT HXT  sing N N 383 
TRP N   CA   sing N N 384 
TRP N   H    sing N N 385 
TRP N   H2   sing N N 386 
TRP CA  C    sing N N 387 
TRP CA  CB   sing N N 388 
TRP CA  HA   sing N N 389 
TRP C   O    doub N N 390 
TRP C   OXT  sing N N 391 
TRP CB  CG   sing N N 392 
TRP CB  HB2  sing N N 393 
TRP CB  HB3  sing N N 394 
TRP CG  CD1  doub Y N 395 
TRP CG  CD2  sing Y N 396 
TRP CD1 NE1  sing Y N 397 
TRP CD1 HD1  sing N N 398 
TRP CD2 CE2  doub Y N 399 
TRP CD2 CE3  sing Y N 400 
TRP NE1 CE2  sing Y N 401 
TRP NE1 HE1  sing N N 402 
TRP CE2 CZ2  sing Y N 403 
TRP CE3 CZ3  doub Y N 404 
TRP CE3 HE3  sing N N 405 
TRP CZ2 CH2  doub Y N 406 
TRP CZ2 HZ2  sing N N 407 
TRP CZ3 CH2  sing Y N 408 
TRP CZ3 HZ3  sing N N 409 
TRP CH2 HH2  sing N N 410 
TRP OXT HXT  sing N N 411 
TYR N   CA   sing N N 412 
TYR N   H    sing N N 413 
TYR N   H2   sing N N 414 
TYR CA  C    sing N N 415 
TYR CA  CB   sing N N 416 
TYR CA  HA   sing N N 417 
TYR C   O    doub N N 418 
TYR C   OXT  sing N N 419 
TYR CB  CG   sing N N 420 
TYR CB  HB2  sing N N 421 
TYR CB  HB3  sing N N 422 
TYR CG  CD1  doub Y N 423 
TYR CG  CD2  sing Y N 424 
TYR CD1 CE1  sing Y N 425 
TYR CD1 HD1  sing N N 426 
TYR CD2 CE2  doub Y N 427 
TYR CD2 HD2  sing N N 428 
TYR CE1 CZ   doub Y N 429 
TYR CE1 HE1  sing N N 430 
TYR CE2 CZ   sing Y N 431 
TYR CE2 HE2  sing N N 432 
TYR CZ  OH   sing N N 433 
TYR OH  HH   sing N N 434 
TYR OXT HXT  sing N N 435 
VAL N   CA   sing N N 436 
VAL N   H    sing N N 437 
VAL N   H2   sing N N 438 
VAL CA  C    sing N N 439 
VAL CA  CB   sing N N 440 
VAL CA  HA   sing N N 441 
VAL C   O    doub N N 442 
VAL C   OXT  sing N N 443 
VAL CB  CG1  sing N N 444 
VAL CB  CG2  sing N N 445 
VAL CB  HB   sing N N 446 
VAL CG1 HG11 sing N N 447 
VAL CG1 HG12 sing N N 448 
VAL CG1 HG13 sing N N 449 
VAL CG2 HG21 sing N N 450 
VAL CG2 HG22 sing N N 451 
VAL CG2 HG23 sing N N 452 
VAL OXT HXT  sing N N 453 
# 
_pdbx_initial_refinement_model.accession_code   ? 
_pdbx_initial_refinement_model.id               1 
_pdbx_initial_refinement_model.entity_id_list   ? 
_pdbx_initial_refinement_model.type             'experimental model' 
_pdbx_initial_refinement_model.source_name      Other 
_pdbx_initial_refinement_model.details          'SPERM WHALE MYOGLOBIN 0M, D122N (DEOXY)' 
# 
_atom_sites.entry_id                    110M 
_atom_sites.fract_transf_matrix[1][1]   -0.01071560 
_atom_sites.fract_transf_matrix[1][2]   -0.00268888 
_atom_sites.fract_transf_matrix[1][3]   0.00611626 
_atom_sites.fract_transf_matrix[2][1]   -0.00190185 
_atom_sites.fract_transf_matrix[2][2]   0.00445402 
_atom_sites.fract_transf_matrix[2][3]   0.01166238 
_atom_sites.fract_transf_matrix[3][1]   -0.00925647 
_atom_sites.fract_transf_matrix[3][2]   0.01790253 
_atom_sites.fract_transf_matrix[3][3]   -0.00834673 
_atom_sites.fract_transf_vector[1]      0.433538 
_atom_sites.fract_transf_vector[2]      0.143303 
_atom_sites.fract_transf_vector[3]      0.147969 
# 
loop_
_atom_type.symbol 
C  
FE 
N  
O  
S  
# 
loop_
_atom_site.group_PDB 
_atom_site.id 
_atom_site.type_symbol 
_atom_site.label_atom_id 
_atom_site.label_alt_id 
_atom_site.label_comp_id 
_atom_site.label_asym_id 
_atom_site.label_entity_id 
_atom_site.label_seq_id 
_atom_site.pdbx_PDB_ins_code 
_atom_site.Cartn_x 
_atom_site.Cartn_y 
_atom_site.Cartn_z 
_atom_site.occupancy 
_atom_site.B_iso_or_equiv 
_atom_site.pdbx_formal_charge 
_atom_site.auth_seq_id 
_atom_site.auth_comp_id 
_atom_site.auth_asym_id 
_atom_site.auth_atom_id 
_atom_site.pdbx_PDB_model_num 
ATOM   1    N  N   . MET A 1 1   ? 14.969  -10.734 2.981   1.00 30.77 ? 0   MET A N   1 
ATOM   2    C  CA  . MET A 1 1   ? 14.858  -10.380 4.429   1.00 30.17 ? 0   MET A CA  1 
ATOM   3    C  C   . MET A 1 1   ? 13.776  -11.204 5.113   1.00 29.01 ? 0   MET A C   1 
ATOM   4    O  O   . MET A 1 1   ? 12.894  -11.746 4.442   1.00 29.19 ? 0   MET A O   1 
ATOM   5    C  CB  . MET A 1 1   ? 14.576  -8.894  4.581   1.00 31.63 ? 0   MET A CB  1 
ATOM   6    C  CG  . MET A 1 1   ? 13.596  -8.367  3.562   1.00 33.19 ? 0   MET A CG  1 
ATOM   7    S  SD  . MET A 1 1   ? 13.612  -6.581  3.515   1.00 35.87 ? 0   MET A SD  1 
ATOM   8    C  CE  . MET A 1 1   ? 12.909  -6.216  5.161   1.00 33.75 ? 0   MET A CE  1 
ATOM   9    N  N   . VAL A 1 2   ? 13.865  -11.317 6.439   1.00 27.08 ? 1   VAL A N   1 
ATOM   10   C  CA  . VAL A 1 2   ? 12.903  -12.102 7.205   1.00 25.20 ? 1   VAL A CA  1 
ATOM   11   C  C   . VAL A 1 2   ? 12.472  -11.430 8.504   1.00 23.65 ? 1   VAL A C   1 
ATOM   12   O  O   . VAL A 1 2   ? 13.308  -11.008 9.302   1.00 24.03 ? 1   VAL A O   1 
ATOM   13   C  CB  . VAL A 1 2   ? 13.461  -13.521 7.521   1.00 25.39 ? 1   VAL A CB  1 
ATOM   14   C  CG1 . VAL A 1 2   ? 12.565  -14.255 8.525   1.00 25.58 ? 1   VAL A CG1 1 
ATOM   15   C  CG2 . VAL A 1 2   ? 13.563  -14.338 6.250   1.00 26.00 ? 1   VAL A CG2 1 
ATOM   16   N  N   . LEU A 1 3   ? 11.162  -11.312 8.703   1.00 21.36 ? 2   LEU A N   1 
ATOM   17   C  CA  . LEU A 1 3   ? 10.641  -10.721 9.929   1.00 19.38 ? 2   LEU A CA  1 
ATOM   18   C  C   . LEU A 1 3   ? 10.463  -11.816 10.965  1.00 18.14 ? 2   LEU A C   1 
ATOM   19   O  O   . LEU A 1 3   ? 10.276  -12.988 10.628  1.00 17.94 ? 2   LEU A O   1 
ATOM   20   C  CB  . LEU A 1 3   ? 9.285   -10.041 9.697   1.00 18.81 ? 2   LEU A CB  1 
ATOM   21   C  CG  . LEU A 1 3   ? 9.240   -8.653  9.051   1.00 18.56 ? 2   LEU A CG  1 
ATOM   22   C  CD1 . LEU A 1 3   ? 9.589   -8.741  7.569   1.00 17.51 ? 2   LEU A CD1 1 
ATOM   23   C  CD2 . LEU A 1 3   ? 7.861   -8.049  9.248   1.00 17.57 ? 2   LEU A CD2 1 
ATOM   24   N  N   . SER A 1 4   ? 10.560  -11.449 12.230  1.00 16.98 ? 3   SER A N   1 
ATOM   25   C  CA  . SER A 1 4   ? 10.354  -12.418 13.294  1.00 16.18 ? 3   SER A CA  1 
ATOM   26   C  C   . SER A 1 4   ? 8.841   -12.481 13.554  1.00 15.71 ? 3   SER A C   1 
ATOM   27   O  O   . SER A 1 4   ? 8.080   -11.635 13.062  1.00 14.93 ? 3   SER A O   1 
ATOM   28   C  CB  . SER A 1 4   ? 11.080  -11.954 14.556  1.00 16.54 ? 3   SER A CB  1 
ATOM   29   O  OG  . SER A 1 4   ? 10.537  -10.728 15.008  1.00 16.62 ? 3   SER A OG  1 
ATOM   30   N  N   . GLU A 1 5   ? 8.406   -13.488 14.306  1.00 14.04 ? 4   GLU A N   1 
ATOM   31   C  CA  . GLU A 1 5   ? 6.992   -13.636 14.652  1.00 16.69 ? 4   GLU A CA  1 
ATOM   32   C  C   . GLU A 1 5   ? 6.522   -12.391 15.419  1.00 17.00 ? 4   GLU A C   1 
ATOM   33   O  O   . GLU A 1 5   ? 5.421   -11.893 15.188  1.00 16.75 ? 4   GLU A O   1 
ATOM   34   C  CB  . GLU A 1 5   ? 6.771   -14.892 15.515  1.00 12.69 ? 4   GLU A CB  1 
ATOM   35   C  CG  . GLU A 1 5   ? 5.331   -15.081 16.029  1.00 13.59 ? 4   GLU A CG  1 
ATOM   36   C  CD  . GLU A 1 5   ? 4.299   -15.327 14.917  1.00 24.62 ? 4   GLU A CD  1 
ATOM   37   O  OE1 . GLU A 1 5   ? 4.697   -15.609 13.769  1.00 24.62 ? 4   GLU A OE1 1 
ATOM   38   O  OE2 . GLU A 1 5   ? 3.077   -15.252 15.190  1.00 26.10 ? 4   GLU A OE2 1 
ATOM   39   N  N   . GLY A 1 6   ? 7.373   -11.894 16.319  1.00 15.99 ? 5   GLY A N   1 
ATOM   40   C  CA  . GLY A 1 6   ? 7.043   -10.713 17.102  1.00 15.30 ? 5   GLY A CA  1 
ATOM   41   C  C   . GLY A 1 6   ? 6.766   -9.494  16.234  1.00 15.25 ? 5   GLY A C   1 
ATOM   42   O  O   . GLY A 1 6   ? 5.856   -8.715  16.534  1.00 14.68 ? 5   GLY A O   1 
ATOM   43   N  N   . GLU A 1 7   ? 7.541   -9.332  15.159  1.00 13.34 ? 6   GLU A N   1 
ATOM   44   C  CA  . GLU A 1 7   ? 7.351   -8.217  14.231  1.00 11.90 ? 6   GLU A CA  1 
ATOM   45   C  C   . GLU A 1 7   ? 6.028   -8.407  13.451  1.00 11.99 ? 6   GLU A C   1 
ATOM   46   O  O   . GLU A 1 7   ? 5.251   -7.459  13.283  1.00 12.31 ? 6   GLU A O   1 
ATOM   47   C  CB  . GLU A 1 7   ? 8.570   -8.085  13.295  1.00 12.51 ? 6   GLU A CB  1 
ATOM   48   C  CG  . GLU A 1 7   ? 9.816   -7.502  14.002  1.00 16.90 ? 6   GLU A CG  1 
ATOM   49   C  CD  . GLU A 1 7   ? 11.119  -7.621  13.207  1.00 17.75 ? 6   GLU A CD  1 
ATOM   50   O  OE1 . GLU A 1 7   ? 11.267  -8.570  12.412  1.00 18.33 ? 6   GLU A OE1 1 
ATOM   51   O  OE2 . GLU A 1 7   ? 12.011  -6.773  13.403  1.00 21.26 ? 6   GLU A OE2 1 
ATOM   52   N  N   . TRP A 1 8   ? 5.754   -9.635  13.003  1.00 12.93 ? 7   TRP A N   1 
ATOM   53   C  CA  . TRP A 1 8   ? 4.493   -9.920  12.293  1.00 12.75 ? 7   TRP A CA  1 
ATOM   54   C  C   . TRP A 1 8   ? 3.305   -9.617  13.207  1.00 12.67 ? 7   TRP A C   1 
ATOM   55   O  O   . TRP A 1 8   ? 2.300   -9.079  12.765  1.00 12.08 ? 7   TRP A O   1 
ATOM   56   C  CB  . TRP A 1 8   ? 4.421   -11.386 11.820  1.00 12.35 ? 7   TRP A CB  1 
ATOM   57   C  CG  . TRP A 1 8   ? 5.221   -11.637 10.571  1.00 12.76 ? 7   TRP A CG  1 
ATOM   58   C  CD1 . TRP A 1 8   ? 6.277   -12.498 10.422  1.00 12.63 ? 7   TRP A CD1 1 
ATOM   59   C  CD2 . TRP A 1 8   ? 5.064   -10.973 9.311   1.00 12.59 ? 7   TRP A CD2 1 
ATOM   60   N  NE1 . TRP A 1 8   ? 6.793   -12.399 9.149   1.00 12.78 ? 7   TRP A NE1 1 
ATOM   61   C  CE2 . TRP A 1 8   ? 6.072   -11.468 8.446   1.00 13.13 ? 7   TRP A CE2 1 
ATOM   62   C  CE3 . TRP A 1 8   ? 4.175   -10.001 8.830   1.00 12.50 ? 7   TRP A CE3 1 
ATOM   63   C  CZ2 . TRP A 1 8   ? 6.216   -11.018 7.122   1.00 13.23 ? 7   TRP A CZ2 1 
ATOM   64   C  CZ3 . TRP A 1 8   ? 4.317   -9.554  7.525   1.00 13.07 ? 7   TRP A CZ3 1 
ATOM   65   C  CH2 . TRP A 1 8   ? 5.332   -10.061 6.683   1.00 12.96 ? 7   TRP A CH2 1 
ATOM   66   N  N   . GLN A 1 9   ? 3.446   -9.932  14.492  1.00 12.63 ? 8   GLN A N   1 
ATOM   67   C  CA  . GLN A 1 9   ? 2.371   -9.672  15.439  1.00 12.75 ? 8   GLN A CA  1 
ATOM   68   C  C   . GLN A 1 9   ? 2.058   -8.180  15.573  1.00 12.65 ? 8   GLN A C   1 
ATOM   69   O  O   . GLN A 1 9   ? 0.887   -7.797  15.665  1.00 12.75 ? 8   GLN A O   1 
ATOM   70   C  CB  . GLN A 1 9   ? 2.695   -10.298 16.797  1.00 15.04 ? 8   GLN A CB  1 
ATOM   71   C  CG  . GLN A 1 9   ? 2.606   -11.814 16.778  1.00 24.01 ? 8   GLN A CG  1 
ATOM   72   C  CD  . GLN A 1 9   ? 1.241   -12.299 16.323  1.00 39.15 ? 8   GLN A CD  1 
ATOM   73   O  OE1 . GLN A 1 9   ? 0.242   -12.109 17.019  1.00 61.12 ? 8   GLN A OE1 1 
ATOM   74   N  NE2 . GLN A 1 9   ? 1.188   -12.918 15.144  1.00 48.57 ? 8   GLN A NE2 1 
ATOM   75   N  N   . LEU A 1 10  ? 3.090   -7.340  15.569  1.00 12.03 ? 9   LEU A N   1 
ATOM   76   C  CA  . LEU A 1 10  ? 2.882   -5.899  15.660  1.00 11.91 ? 9   LEU A CA  1 
ATOM   77   C  C   . LEU A 1 10  ? 2.179   -5.403  14.400  1.00 11.72 ? 9   LEU A C   1 
ATOM   78   O  O   . LEU A 1 10  ? 1.302   -4.537  14.474  1.00 12.05 ? 9   LEU A O   1 
ATOM   79   C  CB  . LEU A 1 10  ? 4.215   -5.162  15.835  1.00 12.26 ? 9   LEU A CB  1 
ATOM   80   C  CG  . LEU A 1 10  ? 4.891   -5.333  17.203  1.00 12.93 ? 9   LEU A CG  1 
ATOM   81   C  CD1 . LEU A 1 10  ? 6.319   -4.786  17.168  1.00 13.32 ? 9   LEU A CD1 1 
ATOM   82   C  CD2 . LEU A 1 10  ? 4.061   -4.617  18.253  1.00 13.24 ? 9   LEU A CD2 1 
ATOM   83   N  N   . VAL A 1 11  ? 2.547   -5.975  13.255  1.00 11.30 ? 10  VAL A N   1 
ATOM   84   C  CA  . VAL A 1 11  ? 1.964   -5.594  11.968  1.00 11.09 ? 10  VAL A CA  1 
ATOM   85   C  C   . VAL A 1 11  ? 0.491   -5.980  11.905  1.00 11.30 ? 10  VAL A C   1 
ATOM   86   O  O   . VAL A 1 11  ? -0.370  -5.143  11.639  1.00 10.61 ? 10  VAL A O   1 
ATOM   87   C  CB  . VAL A 1 11  ? 2.727   -6.266  10.776  1.00 11.52 ? 10  VAL A CB  1 
ATOM   88   C  CG1 . VAL A 1 11  ? 1.976   -6.049  9.437   1.00 10.57 ? 10  VAL A CG1 1 
ATOM   89   C  CG2 . VAL A 1 11  ? 4.185   -5.721  10.688  1.00 10.90 ? 10  VAL A CG2 1 
ATOM   90   N  N   . LEU A 1 12  ? 0.202   -7.237  12.215  1.00 11.57 ? 11  LEU A N   1 
ATOM   91   C  CA  . LEU A 1 12  ? -1.174  -7.730  12.155  1.00 11.83 ? 11  LEU A CA  1 
ATOM   92   C  C   . LEU A 1 12  ? -2.079  -7.152  13.240  1.00 12.07 ? 11  LEU A C   1 
ATOM   93   O  O   . LEU A 1 12  ? -3.289  -7.088  13.052  1.00 12.13 ? 11  LEU A O   1 
ATOM   94   C  CB  . LEU A 1 12  ? -1.177  -9.260  12.150  1.00 12.47 ? 11  LEU A CB  1 
ATOM   95   C  CG  . LEU A 1 12  ? -0.424  -9.824  10.935  1.00 13.09 ? 11  LEU A CG  1 
ATOM   96   C  CD1 . LEU A 1 12  ? -0.366  -11.329 10.993  1.00 13.57 ? 11  LEU A CD1 1 
ATOM   97   C  CD2 . LEU A 1 12  ? -1.098  -9.372  9.647   1.00 13.97 ? 11  LEU A CD2 1 
ATOM   98   N  N   . HIS A 1 13  ? -1.493  -6.682  14.347  1.00 11.73 ? 12  HIS A N   1 
ATOM   99   C  CA  . HIS A 1 13  ? -2.279  -6.072  15.420  1.00 12.11 ? 12  HIS A CA  1 
ATOM   100  C  C   . HIS A 1 13  ? -2.817  -4.725  14.941  1.00 12.07 ? 12  HIS A C   1 
ATOM   101  O  O   . HIS A 1 13  ? -4.007  -4.446  15.074  1.00 12.27 ? 12  HIS A O   1 
ATOM   102  C  CB  . HIS A 1 13  ? -1.452  -5.904  16.706  1.00 12.91 ? 12  HIS A CB  1 
ATOM   103  C  CG  . HIS A 1 13  ? -2.208  -5.261  17.830  1.00 20.90 ? 12  HIS A CG  1 
ATOM   104  N  ND1 . HIS A 1 13  ? -3.237  -5.872  18.521  1.00 25.82 ? 12  HIS A ND1 1 
ATOM   105  C  CD2 . HIS A 1 13  ? -2.076  -4.028  18.386  1.00 19.83 ? 12  HIS A CD2 1 
ATOM   106  C  CE1 . HIS A 1 13  ? -3.683  -5.013  19.451  1.00 23.98 ? 12  HIS A CE1 1 
ATOM   107  N  NE2 . HIS A 1 13  ? -3.011  -3.878  19.410  1.00 21.23 ? 12  HIS A NE2 1 
ATOM   108  N  N   . VAL A 1 14  ? -1.962  -3.897  14.344  1.00 12.25 ? 13  VAL A N   1 
ATOM   109  C  CA  . VAL A 1 14  ? -2.444  -2.610  13.833  1.00 12.59 ? 13  VAL A CA  1 
ATOM   110  C  C   . VAL A 1 14  ? -3.334  -2.808  12.588  1.00 12.37 ? 13  VAL A C   1 
ATOM   111  O  O   . VAL A 1 14  ? -4.304  -2.070  12.379  1.00 11.30 ? 13  VAL A O   1 
ATOM   112  C  CB  . VAL A 1 14  ? -1.284  -1.612  13.543  1.00 13.15 ? 13  VAL A CB  1 
ATOM   113  C  CG1 . VAL A 1 14  ? -0.419  -2.115  12.416  1.00 13.52 ? 13  VAL A CG1 1 
ATOM   114  C  CG2 . VAL A 1 14  ? -1.844  -0.230  13.228  1.00 13.57 ? 13  VAL A CG2 1 
ATOM   115  N  N   . TRP A 1 15  ? -3.057  -3.849  11.801  1.00 12.24 ? 14  TRP A N   1 
ATOM   116  C  CA  . TRP A 1 15  ? -3.886  -4.100  10.616  1.00 12.01 ? 14  TRP A CA  1 
ATOM   117  C  C   . TRP A 1 15  ? -5.330  -4.502  10.993  1.00 11.98 ? 14  TRP A C   1 
ATOM   118  O  O   . TRP A 1 15  ? -6.277  -4.190  10.265  1.00 12.23 ? 14  TRP A O   1 
ATOM   119  C  CB  . TRP A 1 15  ? -3.253  -5.153  9.702   1.00 12.00 ? 14  TRP A CB  1 
ATOM   120  C  CG  . TRP A 1 15  ? -3.816  -5.100  8.308   1.00 12.88 ? 14  TRP A CG  1 
ATOM   121  C  CD1 . TRP A 1 15  ? -4.720  -5.958  7.755   1.00 13.39 ? 14  TRP A CD1 1 
ATOM   122  C  CD2 . TRP A 1 15  ? -3.575  -4.083  7.321   1.00 13.73 ? 14  TRP A CD2 1 
ATOM   123  N  NE1 . TRP A 1 15  ? -5.068  -5.530  6.490   1.00 13.46 ? 14  TRP A NE1 1 
ATOM   124  C  CE2 . TRP A 1 15  ? -4.379  -4.387  6.200   1.00 13.23 ? 14  TRP A CE2 1 
ATOM   125  C  CE3 . TRP A 1 15  ? -2.759  -2.941  7.282   1.00 14.04 ? 14  TRP A CE3 1 
ATOM   126  C  CZ2 . TRP A 1 15  ? -4.395  -3.596  5.049   1.00 14.37 ? 14  TRP A CZ2 1 
ATOM   127  C  CZ3 . TRP A 1 15  ? -2.775  -2.149  6.133   1.00 15.01 ? 14  TRP A CZ3 1 
ATOM   128  C  CH2 . TRP A 1 15  ? -3.592  -2.482  5.032   1.00 14.51 ? 14  TRP A CH2 1 
ATOM   129  N  N   . ALA A 1 16  ? -5.492  -5.186  12.127  1.00 11.88 ? 15  ALA A N   1 
ATOM   130  C  CA  . ALA A 1 16  ? -6.813  -5.595  12.611  1.00 11.82 ? 15  ALA A CA  1 
ATOM   131  C  C   . ALA A 1 16  ? -7.687  -4.356  12.889  1.00 12.42 ? 15  ALA A C   1 
ATOM   132  O  O   . ALA A 1 16  ? -8.914  -4.384  12.693  1.00 12.71 ? 15  ALA A O   1 
ATOM   133  C  CB  . ALA A 1 16  ? -6.668  -6.434  13.865  1.00 11.62 ? 15  ALA A CB  1 
ATOM   134  N  N   . LYS A 1 17  ? -7.040  -3.262  13.304  1.00 13.48 ? 16  LYS A N   1 
ATOM   135  C  CA  . LYS A 1 17  ? -7.712  -1.988  13.577  1.00 16.17 ? 16  LYS A CA  1 
ATOM   136  C  C   . LYS A 1 17  ? -8.091  -1.354  12.244  1.00 14.95 ? 16  LYS A C   1 
ATOM   137  O  O   . LYS A 1 17  ? -9.205  -0.861  12.092  1.00 13.37 ? 16  LYS A O   1 
ATOM   138  C  CB  . LYS A 1 17  ? -6.803  -1.031  14.363  1.00 12.45 ? 16  LYS A CB  1 
ATOM   139  C  CG  . LYS A 1 17  ? -6.233  -1.614  15.657  1.00 14.06 ? 16  LYS A CG  1 
ATOM   140  C  CD  . LYS A 1 17  ? -7.349  -2.126  16.544  1.00 16.09 ? 16  LYS A CD  1 
ATOM   141  C  CE  . LYS A 1 17  ? -6.807  -2.875  17.747  1.00 35.87 ? 16  LYS A CE  1 
ATOM   142  N  NZ  . LYS A 1 17  ? -7.899  -3.424  18.596  1.00 39.83 ? 16  LYS A NZ  1 
ATOM   143  N  N   . VAL A 1 18  ? -7.162  -1.363  11.286  1.00 9.74  ? 17  VAL A N   1 
ATOM   144  C  CA  . VAL A 1 18  ? -7.425  -0.836  9.944   1.00 10.19 ? 17  VAL A CA  1 
ATOM   145  C  C   . VAL A 1 18  ? -8.654  -1.539  9.333   1.00 10.05 ? 17  VAL A C   1 
ATOM   146  O  O   . VAL A 1 18  ? -9.513  -0.902  8.714   1.00 10.05 ? 17  VAL A O   1 
ATOM   147  C  CB  . VAL A 1 18  ? -6.203  -1.059  8.994   1.00 10.51 ? 17  VAL A CB  1 
ATOM   148  C  CG1 . VAL A 1 18  ? -6.575  -0.727  7.535   1.00 10.65 ? 17  VAL A CG1 1 
ATOM   149  C  CG2 . VAL A 1 18  ? -5.039  -0.190  9.434   1.00 10.54 ? 17  VAL A CG2 1 
ATOM   150  N  N   . GLU A 1 19  ? -8.744  -2.852  9.534   1.00 10.32 ? 18  GLU A N   1 
ATOM   151  C  CA  . GLU A 1 19  ? -9.871  -3.635  9.006   1.00 12.05 ? 18  GLU A CA  1 
ATOM   152  C  C   . GLU A 1 19  ? -11.248 -3.275  9.570   1.00 12.69 ? 18  GLU A C   1 
ATOM   153  O  O   . GLU A 1 19  ? -12.267 -3.642  8.991   1.00 12.12 ? 18  GLU A O   1 
ATOM   154  C  CB  . GLU A 1 19  ? -9.594  -5.131  9.109   1.00 8.02  ? 18  GLU A CB  1 
ATOM   155  C  CG  . GLU A 1 19  ? -8.497  -5.549  8.149   1.00 10.51 ? 18  GLU A CG  1 
ATOM   156  C  CD  . GLU A 1 19  ? -8.258  -7.039  8.111   1.00 14.31 ? 18  GLU A CD  1 
ATOM   157  O  OE1 . GLU A 1 19  ? -8.573  -7.728  9.090   1.00 19.21 ? 18  GLU A OE1 1 
ATOM   158  O  OE2 . GLU A 1 19  ? -7.739  -7.513  7.089   1.00 22.23 ? 18  GLU A OE2 1 
ATOM   159  N  N   . ALA A 1 20  ? -11.279 -2.543  10.679  1.00 10.77 ? 19  ALA A N   1 
ATOM   160  C  CA  . ALA A 1 20  ? -12.552 -2.091  11.246  1.00 11.42 ? 19  ALA A CA  1 
ATOM   161  C  C   . ALA A 1 20  ? -13.184 -1.066  10.294  1.00 11.58 ? 19  ALA A C   1 
ATOM   162  O  O   . ALA A 1 20  ? -14.399 -0.873  10.311  1.00 12.12 ? 19  ALA A O   1 
ATOM   163  C  CB  . ALA A 1 20  ? -12.340 -1.461  12.609  1.00 11.07 ? 19  ALA A CB  1 
ATOM   164  N  N   . ASP A 1 21  ? -12.371 -0.430  9.448   1.00 7.83  ? 20  ASP A N   1 
ATOM   165  C  CA  . ASP A 1 21  ? -12.896 0.552   8.500   1.00 8.08  ? 20  ASP A CA  1 
ATOM   166  C  C   . ASP A 1 21  ? -12.008 0.576   7.249   1.00 11.18 ? 20  ASP A C   1 
ATOM   167  O  O   . ASP A 1 21  ? -11.279 1.542   7.018   1.00 11.18 ? 20  ASP A O   1 
ATOM   168  C  CB  . ASP A 1 21  ? -12.937 1.944   9.169   1.00 11.83 ? 20  ASP A CB  1 
ATOM   169  C  CG  . ASP A 1 21  ? -13.387 3.055   8.219   1.00 20.27 ? 20  ASP A CG  1 
ATOM   170  O  OD1 . ASP A 1 21  ? -14.111 2.770   7.237   1.00 14.97 ? 20  ASP A OD1 1 
ATOM   171  O  OD2 . ASP A 1 21  ? -12.997 4.219   8.455   1.00 24.57 ? 20  ASP A OD2 1 
ATOM   172  N  N   . VAL A 1 22  ? -12.102 -0.449  6.410   1.00 10.90 ? 21  VAL A N   1 
ATOM   173  C  CA  . VAL A 1 22  ? -11.247 -0.507  5.227   1.00 11.37 ? 21  VAL A CA  1 
ATOM   174  C  C   . VAL A 1 22  ? -11.454 0.645   4.242   1.00 11.04 ? 21  VAL A C   1 
ATOM   175  O  O   . VAL A 1 22  ? -10.484 1.231   3.761   1.00 10.79 ? 21  VAL A O   1 
ATOM   176  C  CB  . VAL A 1 22  ? -11.357 -1.881  4.487   1.00 11.91 ? 21  VAL A CB  1 
ATOM   177  C  CG1 . VAL A 1 22  ? -10.443 -1.894  3.269   1.00 13.11 ? 21  VAL A CG1 1 
ATOM   178  C  CG2 . VAL A 1 22  ? -10.953 -3.009  5.425   1.00 13.78 ? 21  VAL A CG2 1 
ATOM   179  N  N   . ALA A 1 23  ? -12.708 0.997   3.977   1.00 10.78 ? 22  ALA A N   1 
ATOM   180  C  CA  . ALA A 1 23  ? -13.019 2.071   3.042   1.00 10.94 ? 22  ALA A CA  1 
ATOM   181  C  C   . ALA A 1 23  ? -12.457 3.426   3.479   1.00 11.12 ? 22  ALA A C   1 
ATOM   182  O  O   . ALA A 1 23  ? -11.898 4.162   2.668   1.00 10.79 ? 22  ALA A O   1 
ATOM   183  C  CB  . ALA A 1 23  ? -14.528 2.155   2.828   1.00 11.34 ? 22  ALA A CB  1 
ATOM   184  N  N   . GLY A 1 24  ? -12.592 3.737   4.769   1.00 11.08 ? 23  GLY A N   1 
ATOM   185  C  CA  . GLY A 1 24  ? -12.097 5.000   5.288   1.00 10.44 ? 23  GLY A CA  1 
ATOM   186  C  C   . GLY A 1 24  ? -10.589 5.074   5.231   1.00 10.22 ? 23  GLY A C   1 
ATOM   187  O  O   . GLY A 1 24  ? -10.038 6.114   4.876   1.00 10.09 ? 23  GLY A O   1 
ATOM   188  N  N   . HIS A 1 25  ? -9.918  3.989   5.613   1.00 9.76  ? 24  HIS A N   1 
ATOM   189  C  CA  . HIS A 1 25  ? -8.458  3.949   5.556   1.00 9.76  ? 24  HIS A CA  1 
ATOM   190  C  C   . HIS A 1 25  ? -7.973  4.042   4.100   1.00 9.97  ? 24  HIS A C   1 
ATOM   191  O  O   . HIS A 1 25  ? -7.017  4.744   3.832   1.00 9.83  ? 24  HIS A O   1 
ATOM   192  C  CB  . HIS A 1 25  ? -7.905  2.676   6.203   1.00 8.13  ? 24  HIS A CB  1 
ATOM   193  C  CG  . HIS A 1 25  ? -7.945  2.693   7.704   1.00 8.38  ? 24  HIS A CG  1 
ATOM   194  N  ND1 . HIS A 1 25  ? -9.060  2.387   8.450   1.00 7.62  ? 24  HIS A ND1 1 
ATOM   195  C  CD2 . HIS A 1 25  ? -6.979  3.012   8.605   1.00 10.75 ? 24  HIS A CD2 1 
ATOM   196  C  CE1 . HIS A 1 25  ? -8.747  2.528   9.748   1.00 10.25 ? 24  HIS A CE1 1 
ATOM   197  N  NE2 . HIS A 1 25  ? -7.495  2.906   9.895   1.00 9.32  ? 24  HIS A NE2 1 
ATOM   198  N  N   . GLY A 1 26  ? -8.649  3.360   3.173   1.00 10.15 ? 25  GLY A N   1 
ATOM   199  C  CA  . GLY A 1 26  ? -8.250  3.403   1.766   1.00 10.87 ? 25  GLY A CA  1 
ATOM   200  C  C   . GLY A 1 26  ? -8.317  4.819   1.208   1.00 11.71 ? 25  GLY A C   1 
ATOM   201  O  O   . GLY A 1 26  ? -7.425  5.267   0.495   1.00 12.05 ? 25  GLY A O   1 
ATOM   202  N  N   . GLN A 1 27  ? -9.373  5.539   1.577   1.00 12.11 ? 26  GLN A N   1 
ATOM   203  C  CA  . GLN A 1 27  ? -9.569  6.915   1.156   1.00 12.53 ? 26  GLN A CA  1 
ATOM   204  C  C   . GLN A 1 27  ? -8.422  7.780   1.655   1.00 12.72 ? 26  GLN A C   1 
ATOM   205  O  O   . GLN A 1 27  ? -7.801  8.501   0.881   1.00 13.16 ? 26  GLN A O   1 
ATOM   206  C  CB  . GLN A 1 27  ? -10.861 7.443   1.763   1.00 13.15 ? 26  GLN A CB  1 
ATOM   207  C  CG  . GLN A 1 27  ? -11.706 8.273   0.844   1.00 24.82 ? 26  GLN A CG  1 
ATOM   208  C  CD  . GLN A 1 27  ? -13.165 8.310   1.290   1.00 34.02 ? 26  GLN A CD  1 
ATOM   209  O  OE1 . GLN A 1 27  ? -13.533 7.746   2.329   1.00 30.42 ? 26  GLN A OE1 1 
ATOM   210  N  NE2 . GLN A 1 27  ? -14.003 8.968   0.501   1.00 28.66 ? 26  GLN A NE2 1 
ATOM   211  N  N   . ASP A 1 28  ? -8.186  7.742   2.966   1.00 8.82  ? 27  ASP A N   1 
ATOM   212  C  CA  . ASP A 1 28  ? -7.120  8.530   3.593   1.00 9.71  ? 27  ASP A CA  1 
ATOM   213  C  C   . ASP A 1 28  ? -5.747  8.291   2.967   1.00 9.25  ? 27  ASP A C   1 
ATOM   214  O  O   . ASP A 1 28  ? -4.982  9.228   2.761   1.00 12.91 ? 27  ASP A O   1 
ATOM   215  C  CB  . ASP A 1 28  ? -7.030  8.200   5.093   1.00 13.18 ? 27  ASP A CB  1 
ATOM   216  C  CG  . ASP A 1 28  ? -8.161  8.802   5.907   1.00 17.75 ? 27  ASP A CG  1 
ATOM   217  O  OD1 . ASP A 1 28  ? -9.004  9.533   5.352   1.00 17.26 ? 27  ASP A OD1 1 
ATOM   218  O  OD2 . ASP A 1 28  ? -8.198  8.540   7.123   1.00 21.09 ? 27  ASP A OD2 1 
ATOM   219  N  N   . ILE A 1 29  ? -5.420  7.029   2.733   1.00 10.93 ? 28  ILE A N   1 
ATOM   220  C  CA  . ILE A 1 29  ? -4.137  6.657   2.138   1.00 11.58 ? 28  ILE A CA  1 
ATOM   221  C  C   . ILE A 1 29  ? -3.949  7.133   0.685   1.00 11.89 ? 28  ILE A C   1 
ATOM   222  O  O   . ILE A 1 29  ? -2.917  7.730   0.346   1.00 11.75 ? 28  ILE A O   1 
ATOM   223  C  CB  . ILE A 1 29  ? -3.921  5.127   2.248   1.00 11.23 ? 28  ILE A CB  1 
ATOM   224  C  CG1 . ILE A 1 29  ? -3.691  4.771   3.727   1.00 10.93 ? 28  ILE A CG1 1 
ATOM   225  C  CG2 . ILE A 1 29  ? -2.745  4.682   1.370   1.00 11.61 ? 28  ILE A CG2 1 
ATOM   226  C  CD1 . ILE A 1 29  ? -3.826  3.284   4.074   1.00 11.52 ? 28  ILE A CD1 1 
ATOM   227  N  N   . LEU A 1 30  ? -4.958  6.919   -0.159  1.00 12.12 ? 29  LEU A N   1 
ATOM   228  C  CA  . LEU A 1 30  ? -4.855  7.330   -1.557  1.00 13.01 ? 29  LEU A CA  1 
ATOM   229  C  C   . LEU A 1 30  ? -4.798  8.845   -1.688  1.00 13.56 ? 29  LEU A C   1 
ATOM   230  O  O   . LEU A 1 30  ? -4.068  9.379   -2.522  1.00 14.10 ? 29  LEU A O   1 
ATOM   231  C  CB  . LEU A 1 30  ? -6.020  6.764   -2.385  1.00 13.76 ? 29  LEU A CB  1 
ATOM   232  C  CG  . LEU A 1 30  ? -6.068  5.243   -2.589  1.00 14.46 ? 29  LEU A CG  1 
ATOM   233  C  CD1 . LEU A 1 30  ? -7.087  4.868   -3.687  1.00 15.26 ? 29  LEU A CD1 1 
ATOM   234  C  CD2 . LEU A 1 30  ? -4.701  4.753   -2.987  1.00 15.96 ? 29  LEU A CD2 1 
ATOM   235  N  N   . ILE A 1 31  ? -5.576  9.539   -0.870  1.00 13.91 ? 30  ILE A N   1 
ATOM   236  C  CA  . ILE A 1 31  ? -5.604  10.994  -0.907  1.00 14.45 ? 30  ILE A CA  1 
ATOM   237  C  C   . ILE A 1 31  ? -4.253  11.535  -0.449  1.00 15.06 ? 30  ILE A C   1 
ATOM   238  O  O   . ILE A 1 31  ? -3.711  12.460  -1.062  1.00 15.02 ? 30  ILE A O   1 
ATOM   239  C  CB  . ILE A 1 31  ? -6.798  11.548  -0.065  1.00 14.55 ? 30  ILE A CB  1 
ATOM   240  C  CG1 . ILE A 1 31  ? -8.111  11.265  -0.826  1.00 14.53 ? 30  ILE A CG1 1 
ATOM   241  C  CG2 . ILE A 1 31  ? -6.618  13.049  0.236   1.00 14.82 ? 30  ILE A CG2 1 
ATOM   242  C  CD1 . ILE A 1 31  ? -9.369  11.662  -0.094  1.00 15.82 ? 30  ILE A CD1 1 
ATOM   243  N  N   . ARG A 1 32  ? -3.688  10.911  0.586   1.00 15.02 ? 31  ARG A N   1 
ATOM   244  C  CA  . ARG A 1 32  ? -2.375  11.305  1.107   1.00 15.60 ? 31  ARG A CA  1 
ATOM   245  C  C   . ARG A 1 32  ? -1.344  11.137  -0.011  1.00 15.94 ? 31  ARG A C   1 
ATOM   246  O  O   . ARG A 1 32  ? -0.584  12.061  -0.297  1.00 15.69 ? 31  ARG A O   1 
ATOM   247  C  CB  . ARG A 1 32  ? -2.035  10.462  2.349   1.00 16.49 ? 31  ARG A CB  1 
ATOM   248  C  CG  . ARG A 1 32  ? -0.597  10.514  2.891   1.00 20.11 ? 31  ARG A CG  1 
ATOM   249  C  CD  . ARG A 1 32  ? 0.075   11.862  2.776   1.00 29.49 ? 31  ARG A CD  1 
ATOM   250  N  NE  . ARG A 1 32  ? -0.207  12.791  3.856   1.00 38.53 ? 31  ARG A NE  1 
ATOM   251  C  CZ  . ARG A 1 32  ? 0.725   13.532  4.456   1.00 49.69 ? 31  ARG A CZ  1 
ATOM   252  N  NH1 . ARG A 1 32  ? 2.010   13.392  4.142   1.00 38.57 ? 31  ARG A NH1 1 
ATOM   253  N  NH2 . ARG A 1 32  ? 0.383   14.372  5.418   1.00 55.13 ? 31  ARG A NH2 1 
ATOM   254  N  N   . LEU A 1 33  ? -1.410  10.005  -0.712  1.00 16.02 ? 32  LEU A N   1 
ATOM   255  C  CA  . LEU A 1 33  ? -0.493  9.720   -1.825  1.00 16.78 ? 32  LEU A CA  1 
ATOM   256  C  C   . LEU A 1 33  ? -0.597  10.781  -2.937  1.00 17.16 ? 32  LEU A C   1 
ATOM   257  O  O   . LEU A 1 33  ? 0.410   11.356  -3.369  1.00 17.06 ? 32  LEU A O   1 
ATOM   258  C  CB  . LEU A 1 33  ? -0.800  8.335   -2.418  1.00 16.21 ? 32  LEU A CB  1 
ATOM   259  C  CG  . LEU A 1 33  ? -0.006  7.900   -3.666  1.00 17.39 ? 32  LEU A CG  1 
ATOM   260  C  CD1 . LEU A 1 33  ? 1.451   7.625   -3.279  1.00 16.53 ? 32  LEU A CD1 1 
ATOM   261  C  CD2 . LEU A 1 33  ? -0.627  6.662   -4.313  1.00 16.54 ? 32  LEU A CD2 1 
ATOM   262  N  N   . PHE A 1 34  ? -1.826  11.026  -3.393  1.00 17.79 ? 33  PHE A N   1 
ATOM   263  C  CA  . PHE A 1 34  ? -2.094  11.988  -4.456  1.00 18.42 ? 33  PHE A CA  1 
ATOM   264  C  C   . PHE A 1 34  ? -1.764  13.430  -4.085  1.00 19.38 ? 33  PHE A C   1 
ATOM   265  O  O   . PHE A 1 34  ? -1.382  14.222  -4.947  1.00 20.49 ? 33  PHE A O   1 
ATOM   266  C  CB  . PHE A 1 34  ? -3.548  11.885  -4.888  1.00 18.20 ? 33  PHE A CB  1 
ATOM   267  C  CG  . PHE A 1 34  ? -3.920  10.545  -5.445  1.00 17.95 ? 33  PHE A CG  1 
ATOM   268  C  CD1 . PHE A 1 34  ? -2.968  9.759   -6.093  1.00 17.77 ? 33  PHE A CD1 1 
ATOM   269  C  CD2 . PHE A 1 34  ? -5.236  10.082  -5.359  1.00 17.87 ? 33  PHE A CD2 1 
ATOM   270  C  CE1 . PHE A 1 34  ? -3.326  8.526   -6.657  1.00 17.59 ? 33  PHE A CE1 1 
ATOM   271  C  CE2 . PHE A 1 34  ? -5.600  8.854   -5.919  1.00 17.61 ? 33  PHE A CE2 1 
ATOM   272  C  CZ  . PHE A 1 34  ? -4.638  8.079   -6.571  1.00 17.83 ? 33  PHE A CZ  1 
ATOM   273  N  N   . LYS A 1 35  ? -1.919  13.787  -2.818  1.00 16.59 ? 34  LYS A N   1 
ATOM   274  C  CA  . LYS A 1 35  ? -1.597  15.149  -2.413  1.00 21.22 ? 34  LYS A CA  1 
ATOM   275  C  C   . LYS A 1 35  ? -0.094  15.340  -2.242  1.00 24.94 ? 34  LYS A C   1 
ATOM   276  O  O   . LYS A 1 35  ? 0.445   16.373  -2.611  1.00 27.89 ? 34  LYS A O   1 
ATOM   277  C  CB  . LYS A 1 35  ? -2.318  15.534  -1.114  1.00 27.80 ? 34  LYS A CB  1 
ATOM   278  C  CG  . LYS A 1 35  ? -3.812  15.773  -1.274  1.00 37.71 ? 34  LYS A CG  1 
ATOM   279  C  CD  . LYS A 1 35  ? -4.307  16.771  -0.235  1.00 74.34 ? 34  LYS A CD  1 
ATOM   280  C  CE  . LYS A 1 35  ? -3.865  16.383  1.172   1.00 69.28 ? 34  LYS A CE  1 
ATOM   281  N  NZ  . LYS A 1 35  ? -4.279  17.390  2.183   1.00 63.13 ? 34  LYS A NZ  1 
ATOM   282  N  N   . SER A 1 36  ? 0.570   14.347  -1.660  1.00 21.14 ? 35  SER A N   1 
ATOM   283  C  CA  . SER A 1 36  ? 2.006   14.407  -1.421  1.00 21.43 ? 35  SER A CA  1 
ATOM   284  C  C   . SER A 1 36  ? 2.858   14.221  -2.673  1.00 21.65 ? 35  SER A C   1 
ATOM   285  O  O   . SER A 1 36  ? 3.930   14.824  -2.808  1.00 21.58 ? 35  SER A O   1 
ATOM   286  C  CB  . SER A 1 36  ? 2.407   13.356  -0.395  1.00 21.60 ? 35  SER A CB  1 
ATOM   287  O  OG  . SER A 1 36  ? 1.909   13.707  0.878   1.00 22.83 ? 35  SER A OG  1 
ATOM   288  N  N   . HIS A 1 37  ? 2.388   13.372  -3.579  1.00 21.25 ? 36  HIS A N   1 
ATOM   289  C  CA  . HIS A 1 37  ? 3.123   13.088  -4.801  1.00 21.16 ? 36  HIS A CA  1 
ATOM   290  C  C   . HIS A 1 37  ? 2.127   13.056  -5.939  1.00 21.17 ? 36  HIS A C   1 
ATOM   291  O  O   . HIS A 1 37  ? 1.775   11.985  -6.434  1.00 20.82 ? 36  HIS A O   1 
ATOM   292  C  CB  . HIS A 1 37  ? 3.845   11.728  -4.697  1.00 21.07 ? 36  HIS A CB  1 
ATOM   293  C  CG  . HIS A 1 37  ? 4.745   11.604  -3.504  1.00 20.15 ? 36  HIS A CG  1 
ATOM   294  N  ND1 . HIS A 1 37  ? 6.042   12.059  -3.463  1.00 24.26 ? 36  HIS A ND1 1 
ATOM   295  C  CD2 . HIS A 1 37  ? 4.508   11.072  -2.280  1.00 18.98 ? 36  HIS A CD2 1 
ATOM   296  C  CE1 . HIS A 1 37  ? 6.540   11.799  -2.247  1.00 22.25 ? 36  HIS A CE1 1 
ATOM   297  N  NE2 . HIS A 1 37  ? 5.647   11.199  -1.490  1.00 25.17 ? 36  HIS A NE2 1 
ATOM   298  N  N   . PRO A 1 38  ? 1.689   14.243  -6.392  1.00 21.26 ? 37  PRO A N   1 
ATOM   299  C  CA  . PRO A 1 38  ? 0.726   14.462  -7.478  1.00 21.25 ? 37  PRO A CA  1 
ATOM   300  C  C   . PRO A 1 38  ? 1.054   13.728  -8.783  1.00 21.22 ? 37  PRO A C   1 
ATOM   301  O  O   . PRO A 1 38  ? 0.153   13.419  -9.571  1.00 21.05 ? 37  PRO A O   1 
ATOM   302  C  CB  . PRO A 1 38  ? 0.778   15.973  -7.664  1.00 21.40 ? 37  PRO A CB  1 
ATOM   303  C  CG  . PRO A 1 38  ? 1.079   16.467  -6.288  1.00 21.33 ? 37  PRO A CG  1 
ATOM   304  C  CD  . PRO A 1 38  ? 2.168   15.536  -5.864  1.00 21.29 ? 37  PRO A CD  1 
ATOM   305  N  N   . GLU A 1 39  ? 2.336   13.451  -9.012  1.00 20.88 ? 38  GLU A N   1 
ATOM   306  C  CA  . GLU A 1 39  ? 2.736   12.746  -10.227 1.00 21.94 ? 38  GLU A CA  1 
ATOM   307  C  C   . GLU A 1 39  ? 2.130   11.343  -10.280 1.00 23.01 ? 38  GLU A C   1 
ATOM   308  O  O   . GLU A 1 39  ? 1.852   10.822  -11.361 1.00 26.92 ? 38  GLU A O   1 
ATOM   309  C  CB  . GLU A 1 39  ? 4.270   12.698  -10.384 1.00 20.36 ? 38  GLU A CB  1 
ATOM   310  C  CG  . GLU A 1 39  ? 5.052   11.958  -9.293  1.00 22.80 ? 38  GLU A CG  1 
ATOM   311  C  CD  . GLU A 1 39  ? 5.524   12.851  -8.139  1.00 32.16 ? 38  GLU A CD  1 
ATOM   312  O  OE1 . GLU A 1 39  ? 4.846   13.844  -7.790  1.00 33.02 ? 38  GLU A OE1 1 
ATOM   313  O  OE2 . GLU A 1 39  ? 6.588   12.541  -7.569  1.00 32.35 ? 38  GLU A OE2 1 
ATOM   314  N  N   . THR A 1 40  ? 1.873   10.752  -9.112  1.00 19.78 ? 39  THR A N   1 
ATOM   315  C  CA  . THR A 1 40  ? 1.284   9.416   -9.059  1.00 19.47 ? 39  THR A CA  1 
ATOM   316  C  C   . THR A 1 40  ? -0.161  9.403   -9.589  1.00 19.80 ? 39  THR A C   1 
ATOM   317  O  O   . THR A 1 40  ? -0.604  8.404   -10.163 1.00 20.08 ? 39  THR A O   1 
ATOM   318  C  CB  . THR A 1 40  ? 1.311   8.812   -7.624  1.00 19.15 ? 39  THR A CB  1 
ATOM   319  O  OG1 . THR A 1 40  ? 0.558   9.643   -6.735  1.00 19.00 ? 39  THR A OG1 1 
ATOM   320  C  CG2 . THR A 1 40  ? 2.730   8.670   -7.114  1.00 18.48 ? 39  THR A CG2 1 
ATOM   321  N  N   . LEU A 1 41  ? -0.883  10.507  -9.415  1.00 19.45 ? 40  LEU A N   1 
ATOM   322  C  CA  . LEU A 1 41  ? -2.264  10.592  -9.884  1.00 19.92 ? 40  LEU A CA  1 
ATOM   323  C  C   . LEU A 1 41  ? -2.356  10.427  -11.408 1.00 19.85 ? 40  LEU A C   1 
ATOM   324  O  O   . LEU A 1 41  ? -3.365  9.939   -11.936 1.00 19.73 ? 40  LEU A O   1 
ATOM   325  C  CB  . LEU A 1 41  ? -2.889  11.929  -9.451  1.00 20.19 ? 40  LEU A CB  1 
ATOM   326  C  CG  . LEU A 1 41  ? -4.374  12.167  -9.760  1.00 20.46 ? 40  LEU A CG  1 
ATOM   327  C  CD1 . LEU A 1 41  ? -5.212  11.018  -9.217  1.00 20.91 ? 40  LEU A CD1 1 
ATOM   328  C  CD2 . LEU A 1 41  ? -4.833  13.479  -9.165  1.00 20.55 ? 40  LEU A CD2 1 
ATOM   329  N  N   . GLU A 1 42  ? -1.284  10.805  -12.102 1.00 22.89 ? 41  GLU A N   1 
ATOM   330  C  CA  . GLU A 1 42  ? -1.221  10.707  -13.559 1.00 20.29 ? 41  GLU A CA  1 
ATOM   331  C  C   . GLU A 1 42  ? -1.306  9.278   -14.093 1.00 26.04 ? 41  GLU A C   1 
ATOM   332  O  O   . GLU A 1 42  ? -1.655  9.068   -15.251 1.00 25.30 ? 41  GLU A O   1 
ATOM   333  C  CB  . GLU A 1 42  ? 0.048   11.373  -14.080 1.00 26.10 ? 41  GLU A CB  1 
ATOM   334  C  CG  . GLU A 1 42  ? -0.005  12.897  -14.088 1.00 52.04 ? 41  GLU A CG  1 
ATOM   335  C  CD  . GLU A 1 42  ? 1.336   13.518  -14.445 1.00 74.29 ? 41  GLU A CD  1 
ATOM   336  O  OE1 . GLU A 1 42  ? 1.627   13.671  -15.653 1.00 82.80 ? 41  GLU A OE1 1 
ATOM   337  O  OE2 . GLU A 1 42  ? 2.107   13.848  -13.516 1.00 86.01 ? 41  GLU A OE2 1 
ATOM   338  N  N   . LYS A 1 43  ? -0.988  8.297   -13.254 1.00 25.57 ? 42  LYS A N   1 
ATOM   339  C  CA  . LYS A 1 43  ? -1.043  6.896   -13.670 1.00 18.83 ? 42  LYS A CA  1 
ATOM   340  C  C   . LYS A 1 43  ? -2.459  6.353   -13.717 1.00 15.10 ? 42  LYS A C   1 
ATOM   341  O  O   . LYS A 1 43  ? -2.712  5.328   -14.337 1.00 25.63 ? 42  LYS A O   1 
ATOM   342  C  CB  . LYS A 1 43  ? -0.195  6.031   -12.744 1.00 15.95 ? 42  LYS A CB  1 
ATOM   343  C  CG  . LYS A 1 43  ? 1.292   6.221   -12.922 1.00 27.54 ? 42  LYS A CG  1 
ATOM   344  C  CD  . LYS A 1 43  ? 1.791   5.592   -14.222 1.00 21.90 ? 42  LYS A CD  1 
ATOM   345  C  CE  . LYS A 1 43  ? 3.290   5.737   -14.341 1.00 26.24 ? 42  LYS A CE  1 
ATOM   346  N  NZ  . LYS A 1 43  ? 3.785   5.026   -15.542 1.00 35.67 ? 42  LYS A NZ  1 
ATOM   347  N  N   . PHE A 1 44  ? -3.391  7.056   -13.087 1.00 19.71 ? 43  PHE A N   1 
ATOM   348  C  CA  . PHE A 1 44  ? -4.778  6.615   -13.051 1.00 19.84 ? 43  PHE A CA  1 
ATOM   349  C  C   . PHE A 1 44  ? -5.662  7.354   -14.051 1.00 20.20 ? 43  PHE A C   1 
ATOM   350  O  O   . PHE A 1 44  ? -6.094  8.472   -13.796 1.00 20.41 ? 43  PHE A O   1 
ATOM   351  C  CB  . PHE A 1 44  ? -5.356  6.790   -11.635 1.00 19.20 ? 43  PHE A CB  1 
ATOM   352  C  CG  . PHE A 1 44  ? -4.653  5.975   -10.582 1.00 18.89 ? 43  PHE A CG  1 
ATOM   353  C  CD1 . PHE A 1 44  ? -3.465  6.428   -10.007 1.00 18.04 ? 43  PHE A CD1 1 
ATOM   354  C  CD2 . PHE A 1 44  ? -5.196  4.767   -10.142 1.00 18.35 ? 43  PHE A CD2 1 
ATOM   355  C  CE1 . PHE A 1 44  ? -2.839  5.695   -9.010  1.00 18.40 ? 43  PHE A CE1 1 
ATOM   356  C  CE2 . PHE A 1 44  ? -4.572  4.028   -9.145  1.00 18.12 ? 43  PHE A CE2 1 
ATOM   357  C  CZ  . PHE A 1 44  ? -3.401  4.490   -8.579  1.00 17.94 ? 43  PHE A CZ  1 
ATOM   358  N  N   . ASP A 1 45  ? -5.973  6.697   -15.164 1.00 25.03 ? 44  ASP A N   1 
ATOM   359  C  CA  . ASP A 1 45  ? -6.824  7.292   -16.193 1.00 31.70 ? 44  ASP A CA  1 
ATOM   360  C  C   . ASP A 1 45  ? -8.193  7.651   -15.631 1.00 27.24 ? 44  ASP A C   1 
ATOM   361  O  O   . ASP A 1 45  ? -8.775  8.672   -15.996 1.00 30.36 ? 44  ASP A O   1 
ATOM   362  C  CB  . ASP A 1 45  ? -6.979  6.335   -17.379 1.00 38.19 ? 44  ASP A CB  1 
ATOM   363  C  CG  . ASP A 1 45  ? -5.668  6.097   -18.109 1.00 53.52 ? 44  ASP A CG  1 
ATOM   364  O  OD1 . ASP A 1 45  ? -4.935  7.082   -18.359 1.00 55.10 ? 44  ASP A OD1 1 
ATOM   365  O  OD2 . ASP A 1 45  ? -5.366  4.923   -18.424 1.00 66.56 ? 44  ASP A OD2 1 
ATOM   366  N  N   . ARG A 1 46  ? -8.667  6.833   -14.694 1.00 25.71 ? 45  ARG A N   1 
ATOM   367  C  CA  . ARG A 1 46  ? -9.963  7.029   -14.057 1.00 25.58 ? 45  ARG A CA  1 
ATOM   368  C  C   . ARG A 1 46  ? -10.053 8.164   -13.043 1.00 25.30 ? 45  ARG A C   1 
ATOM   369  O  O   . ARG A 1 46  ? -11.144 8.654   -12.787 1.00 25.62 ? 45  ARG A O   1 
ATOM   370  C  CB  . ARG A 1 46  ? -10.405 5.745   -13.352 1.00 26.87 ? 45  ARG A CB  1 
ATOM   371  C  CG  . ARG A 1 46  ? -10.942 4.672   -14.273 1.00 32.26 ? 45  ARG A CG  1 
ATOM   372  C  CD  . ARG A 1 46  ? -11.831 3.700   -13.502 1.00 43.27 ? 45  ARG A CD  1 
ATOM   373  N  NE  . ARG A 1 46  ? -11.090 2.902   -12.527 1.00 51.17 ? 45  ARG A NE  1 
ATOM   374  C  CZ  . ARG A 1 46  ? -11.533 2.597   -11.311 1.00 58.05 ? 45  ARG A CZ  1 
ATOM   375  N  NH1 . ARG A 1 46  ? -12.716 3.040   -10.903 1.00 71.43 ? 45  ARG A NH1 1 
ATOM   376  N  NH2 . ARG A 1 46  ? -10.788 1.857   -10.499 1.00 63.18 ? 45  ARG A NH2 1 
ATOM   377  N  N   . PHE A 1 47  ? -8.926  8.570   -12.459 1.00 24.92 ? 46  PHE A N   1 
ATOM   378  C  CA  . PHE A 1 47  ? -8.926  9.616   -11.421 1.00 24.46 ? 46  PHE A CA  1 
ATOM   379  C  C   . PHE A 1 47  ? -8.128  10.849  -11.778 1.00 24.28 ? 46  PHE A C   1 
ATOM   380  O  O   . PHE A 1 47  ? -8.147  11.829  -11.052 1.00 23.91 ? 46  PHE A O   1 
ATOM   381  C  CB  . PHE A 1 47  ? -8.357  9.054   -10.109 1.00 24.68 ? 46  PHE A CB  1 
ATOM   382  C  CG  . PHE A 1 47  ? -8.988  7.765   -9.680  1.00 25.12 ? 46  PHE A CG  1 
ATOM   383  C  CD1 . PHE A 1 47  ? -10.375 7.619   -9.684  1.00 24.97 ? 46  PHE A CD1 1 
ATOM   384  C  CD2 . PHE A 1 47  ? -8.196  6.676   -9.320  1.00 25.72 ? 46  PHE A CD2 1 
ATOM   385  C  CE1 . PHE A 1 47  ? -10.963 6.405   -9.341  1.00 25.56 ? 46  PHE A CE1 1 
ATOM   386  C  CE2 . PHE A 1 47  ? -8.772  5.453   -8.975  1.00 25.55 ? 46  PHE A CE2 1 
ATOM   387  C  CZ  . PHE A 1 47  ? -10.159 5.316   -8.986  1.00 25.69 ? 46  PHE A CZ  1 
ATOM   388  N  N   . LYS A 1 48  ? -7.425  10.777  -12.900 1.00 20.31 ? 47  LYS A N   1 
ATOM   389  C  CA  . LYS A 1 48  ? -6.564  11.835  -13.409 1.00 21.05 ? 47  LYS A CA  1 
ATOM   390  C  C   . LYS A 1 48  ? -7.163  13.250  -13.400 1.00 25.28 ? 47  LYS A C   1 
ATOM   391  O  O   . LYS A 1 48  ? -6.432  14.224  -13.276 1.00 25.55 ? 47  LYS A O   1 
ATOM   392  C  CB  . LYS A 1 48  ? -6.165  11.445  -14.839 1.00 24.75 ? 47  LYS A CB  1 
ATOM   393  C  CG  . LYS A 1 48  ? -4.933  12.097  -15.398 1.00 42.76 ? 47  LYS A CG  1 
ATOM   394  C  CD  . LYS A 1 48  ? -4.432  11.304  -16.598 1.00 41.69 ? 47  LYS A CD  1 
ATOM   395  C  CE  . LYS A 1 48  ? -5.521  11.125  -17.643 1.00 50.98 ? 47  LYS A CE  1 
ATOM   396  N  NZ  . LYS A 1 48  ? -5.071  10.300  -18.799 1.00 56.69 ? 47  LYS A NZ  1 
ATOM   397  N  N   . HIS A 1 49  ? -8.485  13.348  -13.520 1.00 19.11 ? 48  HIS A N   1 
ATOM   398  C  CA  . HIS A 1 49  ? -9.190  14.626  -13.576 1.00 19.80 ? 48  HIS A CA  1 
ATOM   399  C  C   . HIS A 1 49  ? -9.508  15.281  -12.237 1.00 19.83 ? 48  HIS A C   1 
ATOM   400  O  O   . HIS A 1 49  ? -9.898  16.452  -12.202 1.00 20.42 ? 48  HIS A O   1 
ATOM   401  C  CB  . HIS A 1 49  ? -10.504 14.444  -14.331 1.00 19.73 ? 48  HIS A CB  1 
ATOM   402  C  CG  . HIS A 1 49  ? -11.449 13.512  -13.648 1.00 25.94 ? 48  HIS A CG  1 
ATOM   403  N  ND1 . HIS A 1 49  ? -11.210 12.165  -13.479 1.00 26.36 ? 48  HIS A ND1 1 
ATOM   404  C  CD2 . HIS A 1 49  ? -12.619 13.764  -13.007 1.00 25.72 ? 48  HIS A CD2 1 
ATOM   405  C  CE1 . HIS A 1 49  ? -12.214 11.654  -12.751 1.00 27.97 ? 48  HIS A CE1 1 
ATOM   406  N  NE2 . HIS A 1 49  ? -13.093 12.586  -12.442 1.00 29.06 ? 48  HIS A NE2 1 
ATOM   407  N  N   . LEU A 1 50  ? -9.430  14.516  -11.155 1.00 19.58 ? 49  LEU A N   1 
ATOM   408  C  CA  . LEU A 1 50  ? -9.731  15.041  -9.823  1.00 19.57 ? 49  LEU A CA  1 
ATOM   409  C  C   . LEU A 1 50  ? -8.766  16.180  -9.532  1.00 19.44 ? 49  LEU A C   1 
ATOM   410  O  O   . LEU A 1 50  ? -7.553  16.011  -9.614  1.00 19.31 ? 49  LEU A O   1 
ATOM   411  C  CB  . LEU A 1 50  ? -9.632  13.929  -8.769  1.00 19.72 ? 49  LEU A CB  1 
ATOM   412  C  CG  . LEU A 1 50  ? -10.561 12.716  -8.958  1.00 19.40 ? 49  LEU A CG  1 
ATOM   413  C  CD1 . LEU A 1 50  ? -10.275 11.682  -7.886  1.00 19.53 ? 49  LEU A CD1 1 
ATOM   414  C  CD2 . LEU A 1 50  ? -12.022 13.138  -8.911  1.00 19.78 ? 49  LEU A CD2 1 
ATOM   415  N  N   . LYS A 1 51  ? -9.321  17.353  -9.234  1.00 16.94 ? 50  LYS A N   1 
ATOM   416  C  CA  . LYS A 1 51  ? -8.517  18.552  -8.995  1.00 23.82 ? 50  LYS A CA  1 
ATOM   417  C  C   . LYS A 1 51  ? -8.246  18.908  -7.540  1.00 21.77 ? 50  LYS A C   1 
ATOM   418  O  O   . LYS A 1 51  ? -7.234  19.537  -7.242  1.00 26.76 ? 50  LYS A O   1 
ATOM   419  C  CB  . LYS A 1 51  ? -9.176  19.766  -9.660  1.00 23.51 ? 50  LYS A CB  1 
ATOM   420  C  CG  . LYS A 1 51  ? -9.407  19.670  -11.171 1.00 24.66 ? 50  LYS A CG  1 
ATOM   421  C  CD  . LYS A 1 51  ? -10.182 20.905  -11.641 1.00 20.13 ? 50  LYS A CD  1 
ATOM   422  C  CE  . LYS A 1 51  ? -10.527 20.869  -13.124 1.00 27.94 ? 50  LYS A CE  1 
ATOM   423  N  NZ  . LYS A 1 51  ? -9.318  21.033  -13.957 1.00 24.68 ? 50  LYS A NZ  1 
ATOM   424  N  N   . THR A 1 52  ? -9.149  18.521  -6.642  1.00 17.54 ? 51  THR A N   1 
ATOM   425  C  CA  . THR A 1 52  ? -9.011  18.866  -5.235  1.00 17.64 ? 51  THR A CA  1 
ATOM   426  C  C   . THR A 1 52  ? -9.276  17.691  -4.325  1.00 17.88 ? 51  THR A C   1 
ATOM   427  O  O   . THR A 1 52  ? -9.852  16.687  -4.750  1.00 18.18 ? 51  THR A O   1 
ATOM   428  C  CB  . THR A 1 52  ? -10.023 19.976  -4.844  1.00 17.51 ? 51  THR A CB  1 
ATOM   429  O  OG1 . THR A 1 52  ? -11.356 19.463  -4.962  1.00 17.14 ? 51  THR A OG1 1 
ATOM   430  C  CG2 . THR A 1 52  ? -9.874  21.193  -5.751  1.00 17.68 ? 51  THR A CG2 1 
ATOM   431  N  N   . GLU A 1 53  ? -8.901  17.844  -3.055  1.00 18.01 ? 52  GLU A N   1 
ATOM   432  C  CA  . GLU A 1 53  ? -9.137  16.804  -2.068  1.00 16.30 ? 52  GLU A CA  1 
ATOM   433  C  C   . GLU A 1 53  ? -10.629 16.569  -1.896  1.00 16.61 ? 52  GLU A C   1 
ATOM   434  O  O   . GLU A 1 53  ? -11.064 15.427  -1.744  1.00 22.11 ? 52  GLU A O   1 
ATOM   435  C  CB  . GLU A 1 53  ? -8.518  17.157  -0.722  1.00 19.91 ? 52  GLU A CB  1 
ATOM   436  C  CG  . GLU A 1 53  ? -8.848  16.106  0.340   1.00 29.33 ? 52  GLU A CG  1 
ATOM   437  C  CD  . GLU A 1 53  ? -8.108  16.298  1.644   1.00 43.19 ? 52  GLU A CD  1 
ATOM   438  O  OE1 . GLU A 1 53  ? -7.232  17.190  1.733   1.00 32.04 ? 52  GLU A OE1 1 
ATOM   439  O  OE2 . GLU A 1 53  ? -8.402  15.532  2.583   1.00 45.83 ? 52  GLU A OE2 1 
ATOM   440  N  N   . ALA A 1 54  ? -11.409 17.652  -1.933  1.00 15.85 ? 53  ALA A N   1 
ATOM   441  C  CA  . ALA A 1 54  ? -12.854 17.558  -1.806  1.00 16.19 ? 53  ALA A CA  1 
ATOM   442  C  C   . ALA A 1 54  ? -13.389 16.657  -2.901  1.00 16.23 ? 53  ALA A C   1 
ATOM   443  O  O   . ALA A 1 54  ? -14.235 15.799  -2.646  1.00 16.12 ? 53  ALA A O   1 
ATOM   444  C  CB  . ALA A 1 54  ? -13.490 18.938  -1.908  1.00 16.99 ? 53  ALA A CB  1 
ATOM   445  N  N   . GLU A 1 55  ? -12.884 16.831  -4.120  1.00 15.99 ? 54  GLU A N   1 
ATOM   446  C  CA  . GLU A 1 55  ? -13.338 15.992  -5.230  1.00 19.40 ? 54  GLU A CA  1 
ATOM   447  C  C   . GLU A 1 55  ? -12.932 14.541  -5.024  1.00 15.81 ? 54  GLU A C   1 
ATOM   448  O  O   . GLU A 1 55  ? -13.690 13.621  -5.324  1.00 15.35 ? 54  GLU A O   1 
ATOM   449  C  CB  . GLU A 1 55  ? -12.802 16.510  -6.557  1.00 19.53 ? 54  GLU A CB  1 
ATOM   450  C  CG  . GLU A 1 55  ? -13.500 17.762  -6.993  1.00 23.83 ? 54  GLU A CG  1 
ATOM   451  C  CD  . GLU A 1 55  ? -13.062 18.241  -8.357  1.00 27.79 ? 54  GLU A CD  1 
ATOM   452  O  OE1 . GLU A 1 55  ? -12.157 17.631  -8.960  1.00 23.48 ? 54  GLU A OE1 1 
ATOM   453  O  OE2 . GLU A 1 55  ? -13.642 19.232  -8.831  1.00 27.94 ? 54  GLU A OE2 1 
ATOM   454  N  N   . MET A 1 56  ? -11.741 14.350  -4.472  1.00 17.31 ? 55  MET A N   1 
ATOM   455  C  CA  . MET A 1 56  ? -11.244 13.020  -4.191  1.00 17.01 ? 55  MET A CA  1 
ATOM   456  C  C   . MET A 1 56  ? -12.106 12.345  -3.131  1.00 16.94 ? 55  MET A C   1 
ATOM   457  O  O   . MET A 1 56  ? -12.465 11.182  -3.276  1.00 16.47 ? 55  MET A O   1 
ATOM   458  C  CB  . MET A 1 56  ? -9.794  13.095  -3.729  1.00 17.55 ? 55  MET A CB  1 
ATOM   459  C  CG  . MET A 1 56  ? -8.814  13.326  -4.864  1.00 17.98 ? 55  MET A CG  1 
ATOM   460  S  SD  . MET A 1 56  ? -7.196  13.657  -4.218  1.00 19.84 ? 55  MET A SD  1 
ATOM   461  C  CE  . MET A 1 56  ? -6.533  14.671  -5.546  1.00 19.56 ? 55  MET A CE  1 
ATOM   462  N  N   . LYS A 1 57  ? -12.485 13.097  -2.098  1.00 16.45 ? 56  LYS A N   1 
ATOM   463  C  CA  . LYS A 1 57  ? -13.317 12.553  -1.027  1.00 21.01 ? 56  LYS A CA  1 
ATOM   464  C  C   . LYS A 1 57  ? -14.704 12.143  -1.498  1.00 23.66 ? 56  LYS A C   1 
ATOM   465  O  O   . LYS A 1 57  ? -15.289 11.185  -0.986  1.00 27.66 ? 56  LYS A O   1 
ATOM   466  C  CB  . LYS A 1 57  ? -13.461 13.567  0.104   1.00 17.43 ? 56  LYS A CB  1 
ATOM   467  C  CG  . LYS A 1 57  ? -12.306 13.596  1.059   1.00 28.26 ? 56  LYS A CG  1 
ATOM   468  C  CD  . LYS A 1 57  ? -12.499 14.674  2.103   1.00 60.82 ? 56  LYS A CD  1 
ATOM   469  C  CE  . LYS A 1 57  ? -11.353 14.685  3.088   1.00 46.18 ? 56  LYS A CE  1 
ATOM   470  N  NZ  . LYS A 1 57  ? -11.553 15.698  4.158   1.00 79.28 ? 56  LYS A NZ  1 
ATOM   471  N  N   . ALA A 1 58  ? -15.221 12.870  -2.484  1.00 18.37 ? 57  ALA A N   1 
ATOM   472  C  CA  . ALA A 1 58  ? -16.551 12.617  -3.008  1.00 18.35 ? 57  ALA A CA  1 
ATOM   473  C  C   . ALA A 1 58  ? -16.614 11.510  -4.050  1.00 18.65 ? 57  ALA A C   1 
ATOM   474  O  O   . ALA A 1 58  ? -17.695 11.013  -4.364  1.00 19.11 ? 57  ALA A O   1 
ATOM   475  C  CB  . ALA A 1 58  ? -17.131 13.904  -3.567  1.00 18.78 ? 57  ALA A CB  1 
ATOM   476  N  N   . SER A 1 59  ? -15.459 11.096  -4.559  1.00 18.34 ? 58  SER A N   1 
ATOM   477  C  CA  . SER A 1 59  ? -15.421 10.061  -5.570  1.00 18.02 ? 58  SER A CA  1 
ATOM   478  C  C   . SER A 1 59  ? -15.721 8.662   -5.028  1.00 18.45 ? 58  SER A C   1 
ATOM   479  O  O   . SER A 1 59  ? -14.953 8.102   -4.237  1.00 18.00 ? 58  SER A O   1 
ATOM   480  C  CB  . SER A 1 59  ? -14.074 10.067  -6.295  1.00 18.05 ? 58  SER A CB  1 
ATOM   481  O  OG  . SER A 1 59  ? -14.012 8.989   -7.213  1.00 16.89 ? 58  SER A OG  1 
ATOM   482  N  N   . GLU A 1 60  ? -16.839 8.096   -5.478  1.00 21.05 ? 59  GLU A N   1 
ATOM   483  C  CA  . GLU A 1 60  ? -17.233 6.758   -5.063  1.00 18.98 ? 59  GLU A CA  1 
ATOM   484  C  C   . GLU A 1 60  ? -16.260 5.759   -5.685  1.00 21.30 ? 59  GLU A C   1 
ATOM   485  O  O   . GLU A 1 60  ? -15.899 4.767   -5.053  1.00 20.89 ? 59  GLU A O   1 
ATOM   486  C  CB  . GLU A 1 60  ? -18.664 6.460   -5.507  1.00 26.89 ? 59  GLU A CB  1 
ATOM   487  C  CG  . GLU A 1 60  ? -19.427 5.574   -4.547  1.00 50.35 ? 59  GLU A CG  1 
ATOM   488  C  CD  . GLU A 1 60  ? -19.538 6.179   -3.154  1.00 62.43 ? 59  GLU A CD  1 
ATOM   489  O  OE1 . GLU A 1 60  ? -19.608 7.424   -3.031  1.00 65.48 ? 59  GLU A OE1 1 
ATOM   490  O  OE2 . GLU A 1 60  ? -19.564 5.403   -2.178  1.00 61.67 ? 59  GLU A OE2 1 
ATOM   491  N  N   . ASP A 1 61  ? -15.813 6.043   -6.907  1.00 18.02 ? 60  ASP A N   1 
ATOM   492  C  CA  . ASP A 1 61  ? -14.855 5.180   -7.603  1.00 20.04 ? 60  ASP A CA  1 
ATOM   493  C  C   . ASP A 1 61  ? -13.502 5.109   -6.896  1.00 17.12 ? 60  ASP A C   1 
ATOM   494  O  O   . ASP A 1 61  ? -12.921 4.027   -6.805  1.00 18.00 ? 60  ASP A O   1 
ATOM   495  C  CB  . ASP A 1 61  ? -14.657 5.627   -9.054  1.00 26.85 ? 60  ASP A CB  1 
ATOM   496  C  CG  . ASP A 1 61  ? -15.731 5.079   -9.998  1.00 45.28 ? 60  ASP A CG  1 
ATOM   497  O  OD1 . ASP A 1 61  ? -16.825 4.684   -9.531  1.00 44.81 ? 60  ASP A OD1 1 
ATOM   498  O  OD2 . ASP A 1 61  ? -15.475 5.049   -11.223 1.00 52.98 ? 60  ASP A OD2 1 
ATOM   499  N  N   . LEU A 1 62  ? -12.997 6.247   -6.408  1.00 15.83 ? 61  LEU A N   1 
ATOM   500  C  CA  . LEU A 1 62  ? -11.711 6.268   -5.688  1.00 16.47 ? 61  LEU A CA  1 
ATOM   501  C  C   . LEU A 1 62  ? -11.826 5.452   -4.398  1.00 15.93 ? 61  LEU A C   1 
ATOM   502  O  O   . LEU A 1 62  ? -10.924 4.683   -4.051  1.00 15.18 ? 61  LEU A O   1 
ATOM   503  C  CB  . LEU A 1 62  ? -11.268 7.708   -5.372  1.00 16.92 ? 61  LEU A CB  1 
ATOM   504  C  CG  . LEU A 1 62  ? -9.901  7.971   -4.713  1.00 17.97 ? 61  LEU A CG  1 
ATOM   505  C  CD1 . LEU A 1 62  ? -9.446  9.384   -5.004  1.00 18.35 ? 61  LEU A CD1 1 
ATOM   506  C  CD2 . LEU A 1 62  ? -9.963  7.800   -3.192  1.00 18.59 ? 61  LEU A CD2 1 
ATOM   507  N  N   . LYS A 1 63  ? -12.940 5.631   -3.694  1.00 12.15 ? 62  LYS A N   1 
ATOM   508  C  CA  . LYS A 1 63  ? -13.173 4.888   -2.462  1.00 15.68 ? 62  LYS A CA  1 
ATOM   509  C  C   . LYS A 1 63  ? -13.242 3.381   -2.722  1.00 17.01 ? 62  LYS A C   1 
ATOM   510  O  O   . LYS A 1 63  ? -12.700 2.596   -1.947  1.00 13.51 ? 62  LYS A O   1 
ATOM   511  C  CB  . LYS A 1 63  ? -14.457 5.354   -1.771  1.00 20.84 ? 62  LYS A CB  1 
ATOM   512  C  CG  . LYS A 1 63  ? -14.792 4.535   -0.539  1.00 17.44 ? 62  LYS A CG  1 
ATOM   513  C  CD  . LYS A 1 63  ? -15.871 5.178   0.307   1.00 29.56 ? 62  LYS A CD  1 
ATOM   514  C  CE  . LYS A 1 63  ? -17.208 5.131   -0.370  1.00 53.34 ? 62  LYS A CE  1 
ATOM   515  N  NZ  . LYS A 1 63  ? -18.232 5.864   0.419   1.00 80.66 ? 62  LYS A NZ  1 
ATOM   516  N  N   . LYS A 1 64  ? -13.876 2.979   -3.824  1.00 10.69 ? 63  LYS A N   1 
ATOM   517  C  CA  . LYS A 1 64  ? -13.983 1.556   -4.136  1.00 15.36 ? 63  LYS A CA  1 
ATOM   518  C  C   . LYS A 1 64  ? -12.605 0.987   -4.451  1.00 16.69 ? 63  LYS A C   1 
ATOM   519  O  O   . LYS A 1 64  ? -12.261 -0.114  -4.016  1.00 17.22 ? 63  LYS A O   1 
ATOM   520  C  CB  . LYS A 1 64  ? -14.968 1.314   -5.292  1.00 17.21 ? 63  LYS A CB  1 
ATOM   521  C  CG  . LYS A 1 64  ? -16.410 1.683   -4.929  1.00 45.23 ? 63  LYS A CG  1 
ATOM   522  C  CD  . LYS A 1 64  ? -17.447 1.065   -5.861  1.00 49.87 ? 63  LYS A CD  1 
ATOM   523  C  CE  . LYS A 1 64  ? -17.336 1.590   -7.286  1.00 70.59 ? 63  LYS A CE  1 
ATOM   524  N  NZ  . LYS A 1 64  ? -17.642 3.044   -7.392  1.00 82.44 ? 63  LYS A NZ  1 
ATOM   525  N  N   . HIS A 1 65  ? -11.783 1.777   -5.128  1.00 13.38 ? 64  HIS A N   1 
ATOM   526  C  CA  . HIS A 1 65  ? -10.448 1.327   -5.479  1.00 13.42 ? 64  HIS A CA  1 
ATOM   527  C  C   . HIS A 1 65  ? -9.574  1.200   -4.248  1.00 13.27 ? 64  HIS A C   1 
ATOM   528  O  O   . HIS A 1 65  ? -8.764  0.292   -4.171  1.00 13.66 ? 64  HIS A O   1 
ATOM   529  C  CB  . HIS A 1 65  ? -9.789  2.267   -6.487  1.00 15.50 ? 64  HIS A CB  1 
ATOM   530  C  CG  . HIS A 1 65  ? -8.475  1.764   -7.003  1.00 20.20 ? 64  HIS A CG  1 
ATOM   531  N  ND1 . HIS A 1 65  ? -8.363  0.534   -7.606  1.00 24.67 ? 64  HIS A ND1 1 
ATOM   532  C  CD2 . HIS A 1 65  ? -7.247  2.332   -6.912  1.00 23.59 ? 64  HIS A CD2 1 
ATOM   533  C  CE1 . HIS A 1 65  ? -7.079  0.379   -7.862  1.00 22.66 ? 64  HIS A CE1 1 
ATOM   534  N  NE2 . HIS A 1 65  ? -6.363  1.440   -7.463  1.00 25.24 ? 64  HIS A NE2 1 
ATOM   535  N  N   . GLY A 1 66  ? -9.744  2.109   -3.286  1.00 12.89 ? 65  GLY A N   1 
ATOM   536  C  CA  . GLY A 1 66  ? -8.951  2.050   -2.072  1.00 12.30 ? 65  GLY A CA  1 
ATOM   537  C  C   . GLY A 1 66  ? -9.231  0.754   -1.341  1.00 11.95 ? 65  GLY A C   1 
ATOM   538  O  O   . GLY A 1 66  ? -8.323  0.146   -0.787  1.00 12.03 ? 65  GLY A O   1 
ATOM   539  N  N   . VAL A 1 67  ? -10.486 0.311   -1.377  1.00 11.78 ? 66  VAL A N   1 
ATOM   540  C  CA  . VAL A 1 67  ? -10.877 -0.937  -0.721  1.00 12.11 ? 66  VAL A CA  1 
ATOM   541  C  C   . VAL A 1 67  ? -10.198 -2.115  -1.420  1.00 12.22 ? 66  VAL A C   1 
ATOM   542  O  O   . VAL A 1 67  ? -9.646  -3.003  -0.763  1.00 12.74 ? 66  VAL A O   1 
ATOM   543  C  CB  . VAL A 1 67  ? -12.428 -1.128  -0.707  1.00 12.26 ? 66  VAL A CB  1 
ATOM   544  C  CG1 . VAL A 1 67  ? -12.790 -2.533  -0.210  1.00 11.79 ? 66  VAL A CG1 1 
ATOM   545  C  CG2 . VAL A 1 67  ? -13.075 -0.095  0.218   1.00 11.69 ? 66  VAL A CG2 1 
ATOM   546  N  N   . THR A 1 68  ? -10.207 -2.095  -2.750  1.00 11.94 ? 67  THR A N   1 
ATOM   547  C  CA  . THR A 1 68  ? -9.574  -3.139  -3.552  1.00 12.29 ? 67  THR A CA  1 
ATOM   548  C  C   . THR A 1 68  ? -8.083  -3.250  -3.236  1.00 12.09 ? 67  THR A C   1 
ATOM   549  O  O   . THR A 1 68  ? -7.571  -4.347  -3.011  1.00 12.68 ? 67  THR A O   1 
ATOM   550  C  CB  . THR A 1 68  ? -9.779  -2.839  -5.033  1.00 12.69 ? 67  THR A CB  1 
ATOM   551  O  OG1 . THR A 1 68  ? -11.180 -2.962  -5.314  1.00 13.71 ? 67  THR A OG1 1 
ATOM   552  C  CG2 . THR A 1 68  ? -8.986  -3.804  -5.924  1.00 13.70 ? 67  THR A CG2 1 
ATOM   553  N  N   . VAL A 1 69  ? -7.406  -2.109  -3.158  1.00 11.68 ? 68  VAL A N   1 
ATOM   554  C  CA  . VAL A 1 69  ? -5.976  -2.054  -2.840  1.00 11.34 ? 68  VAL A CA  1 
ATOM   555  C  C   . VAL A 1 69  ? -5.657  -2.573  -1.429  1.00 11.11 ? 68  VAL A C   1 
ATOM   556  O  O   . VAL A 1 69  ? -4.777  -3.421  -1.254  1.00 10.36 ? 68  VAL A O   1 
ATOM   557  C  CB  . VAL A 1 69  ? -5.433  -0.603  -3.009  1.00 11.16 ? 68  VAL A CB  1 
ATOM   558  C  CG1 . VAL A 1 69  ? -3.975  -0.487  -2.539  1.00 11.22 ? 68  VAL A CG1 1 
ATOM   559  C  CG2 . VAL A 1 69  ? -5.555  -0.187  -4.472  1.00 12.55 ? 68  VAL A CG2 1 
ATOM   560  N  N   . LEU A 1 70  ? -6.390  -2.093  -0.426  1.00 11.13 ? 69  LEU A N   1 
ATOM   561  C  CA  . LEU A 1 70  ? -6.134  -2.525  0.950   1.00 11.76 ? 69  LEU A CA  1 
ATOM   562  C  C   . LEU A 1 70  ? -6.456  -3.982  1.193   1.00 11.56 ? 69  LEU A C   1 
ATOM   563  O  O   . LEU A 1 70  ? -5.820  -4.635  2.011   1.00 12.22 ? 69  LEU A O   1 
ATOM   564  C  CB  . LEU A 1 70  ? -6.859  -1.655  1.969   1.00 11.63 ? 69  LEU A CB  1 
ATOM   565  C  CG  . LEU A 1 70  ? -6.289  -0.244  2.155   1.00 12.91 ? 69  LEU A CG  1 
ATOM   566  C  CD1 . LEU A 1 70  ? -6.847  0.332   3.459   1.00 13.12 ? 69  LEU A CD1 1 
ATOM   567  C  CD2 . LEU A 1 70  ? -4.766  -0.246  2.194   1.00 13.76 ? 69  LEU A CD2 1 
ATOM   568  N  N   . THR A 1 71  ? -7.454  -4.488  0.489   1.00 11.43 ? 70  THR A N   1 
ATOM   569  C  CA  . THR A 1 71  ? -7.814  -5.889  0.622   1.00 11.98 ? 70  THR A CA  1 
ATOM   570  C  C   . THR A 1 71  ? -6.678  -6.740  0.047   1.00 11.95 ? 70  THR A C   1 
ATOM   571  O  O   . THR A 1 71  ? -6.287  -7.755  0.639   1.00 12.01 ? 70  THR A O   1 
ATOM   572  C  CB  . THR A 1 71  ? -9.130  -6.183  -0.117  1.00 12.18 ? 70  THR A CB  1 
ATOM   573  O  OG1 . THR A 1 71  ? -10.178 -5.405  0.480   1.00 13.06 ? 70  THR A OG1 1 
ATOM   574  C  CG2 . THR A 1 71  ? -9.479  -7.661  -0.032  1.00 12.87 ? 70  THR A CG2 1 
ATOM   575  N  N   . ALA A 1 72  ? -6.125  -6.316  -1.089  1.00 11.46 ? 71  ALA A N   1 
ATOM   576  C  CA  . ALA A 1 72  ? -5.021  -7.060  -1.699  1.00 11.49 ? 71  ALA A CA  1 
ATOM   577  C  C   . ALA A 1 72  ? -3.776  -7.015  -0.804  1.00 11.55 ? 71  ALA A C   1 
ATOM   578  O  O   . ALA A 1 72  ? -3.111  -8.028  -0.609  1.00 11.88 ? 71  ALA A O   1 
ATOM   579  C  CB  . ALA A 1 72  ? -4.698  -6.507  -3.076  1.00 11.23 ? 71  ALA A CB  1 
ATOM   580  N  N   . LEU A 1 73  ? -3.469  -5.840  -0.260  1.00 11.48 ? 72  LEU A N   1 
ATOM   581  C  CA  . LEU A 1 73  ? -2.310  -5.669  0.624   1.00 11.57 ? 72  LEU A CA  1 
ATOM   582  C  C   . LEU A 1 73  ? -2.518  -6.478  1.904   1.00 11.63 ? 72  LEU A C   1 
ATOM   583  O  O   . LEU A 1 73  ? -1.586  -7.124  2.401   1.00 11.98 ? 72  LEU A O   1 
ATOM   584  C  CB  . LEU A 1 73  ? -2.103  -4.184  0.965   1.00 11.04 ? 72  LEU A CB  1 
ATOM   585  C  CG  . LEU A 1 73  ? -0.928  -3.891  1.909   1.00 11.87 ? 72  LEU A CG  1 
ATOM   586  C  CD1 . LEU A 1 73  ? 0.348   -4.407  1.254   1.00 12.63 ? 72  LEU A CD1 1 
ATOM   587  C  CD2 . LEU A 1 73  ? -0.814  -2.392  2.246   1.00 11.63 ? 72  LEU A CD2 1 
ATOM   588  N  N   . GLY A 1 74  ? -3.744  -6.450  2.427   1.00 12.09 ? 73  GLY A N   1 
ATOM   589  C  CA  . GLY A 1 74  ? -4.061  -7.204  3.633   1.00 11.96 ? 73  GLY A CA  1 
ATOM   590  C  C   . GLY A 1 74  ? -3.821  -8.698  3.464   1.00 12.04 ? 73  GLY A C   1 
ATOM   591  O  O   . GLY A 1 74  ? -3.299  -9.350  4.354   1.00 11.52 ? 73  GLY A O   1 
ATOM   592  N  N   . ALA A 1 75  ? -4.212  -9.243  2.320   1.00 12.33 ? 74  ALA A N   1 
ATOM   593  C  CA  . ALA A 1 75  ? -4.030  -10.672 2.053   1.00 13.14 ? 74  ALA A CA  1 
ATOM   594  C  C   . ALA A 1 75  ? -2.533  -11.046 2.045   1.00 13.05 ? 74  ALA A C   1 
ATOM   595  O  O   . ALA A 1 75  ? -2.126  -12.104 2.559   1.00 13.73 ? 74  ALA A O   1 
ATOM   596  C  CB  . ALA A 1 75  ? -4.688  -11.042 0.723   1.00 13.12 ? 74  ALA A CB  1 
ATOM   597  N  N   . ILE A 1 76  ? -1.719  -10.147 1.511   1.00 12.26 ? 75  ILE A N   1 
ATOM   598  C  CA  . ILE A 1 76  ? -0.283  -10.359 1.438   1.00 12.12 ? 75  ILE A CA  1 
ATOM   599  C  C   . ILE A 1 76  ? 0.335   -10.334 2.833   1.00 11.85 ? 75  ILE A C   1 
ATOM   600  O  O   . ILE A 1 76  ? 1.095   -11.225 3.189   1.00 12.41 ? 75  ILE A O   1 
ATOM   601  C  CB  . ILE A 1 76  ? 0.368   -9.300  0.525   1.00 11.90 ? 75  ILE A CB  1 
ATOM   602  C  CG1 . ILE A 1 76  ? 0.034   -9.611  -0.943  1.00 12.80 ? 75  ILE A CG1 1 
ATOM   603  C  CG2 . ILE A 1 76  ? 1.871   -9.226  0.761   1.00 12.85 ? 75  ILE A CG2 1 
ATOM   604  C  CD1 . ILE A 1 76  ? 0.245   -8.420  -1.884  1.00 13.49 ? 75  ILE A CD1 1 
ATOM   605  N  N   . LEU A 1 77  ? -0.016  -9.330  3.638   1.00 11.72 ? 76  LEU A N   1 
ATOM   606  C  CA  . LEU A 1 77  ? 0.532   -9.218  4.993   1.00 11.71 ? 76  LEU A CA  1 
ATOM   607  C  C   . LEU A 1 77  ? 0.188   -10.435 5.868   1.00 11.41 ? 76  LEU A C   1 
ATOM   608  O  O   . LEU A 1 77  ? 1.028   -10.928 6.616   1.00 11.99 ? 76  LEU A O   1 
ATOM   609  C  CB  . LEU A 1 77  ? 0.051   -7.920  5.658   1.00 11.53 ? 76  LEU A CB  1 
ATOM   610  C  CG  . LEU A 1 77  ? 0.530   -6.608  5.028   1.00 12.25 ? 76  LEU A CG  1 
ATOM   611  C  CD1 . LEU A 1 77  ? -0.166  -5.417  5.724   1.00 11.85 ? 76  LEU A CD1 1 
ATOM   612  C  CD2 . LEU A 1 77  ? 2.062   -6.487  5.106   1.00 12.28 ? 76  LEU A CD2 1 
ATOM   613  N  N   . LYS A 1 78  ? -1.033  -10.943 5.733   1.00 9.52  ? 77  LYS A N   1 
ATOM   614  C  CA  . LYS A 1 78  ? -1.489  -12.101 6.511   1.00 9.17  ? 77  LYS A CA  1 
ATOM   615  C  C   . LYS A 1 78  ? -0.760  -13.406 6.159   1.00 11.40 ? 77  LYS A C   1 
ATOM   616  O  O   . LYS A 1 78  ? -0.842  -14.393 6.905   1.00 13.66 ? 77  LYS A O   1 
ATOM   617  C  CB  . LYS A 1 78  ? -3.001  -12.261 6.378   1.00 10.86 ? 77  LYS A CB  1 
ATOM   618  C  CG  . LYS A 1 78  ? -3.780  -11.169 7.097   1.00 12.63 ? 77  LYS A CG  1 
ATOM   619  C  CD  . LYS A 1 78  ? -5.253  -11.248 6.767   1.00 14.67 ? 77  LYS A CD  1 
ATOM   620  C  CE  . LYS A 1 78  ? -6.017  -10.173 7.497   1.00 19.71 ? 77  LYS A CE  1 
ATOM   621  N  NZ  . LYS A 1 78  ? -7.469  -10.254 7.219   1.00 21.01 ? 77  LYS A NZ  1 
ATOM   622  N  N   . LYS A 1 79  ? -0.066  -13.409 5.019   1.00 11.48 ? 78  LYS A N   1 
ATOM   623  C  CA  . LYS A 1 79  ? 0.727   -14.572 4.587   1.00 11.28 ? 78  LYS A CA  1 
ATOM   624  C  C   . LYS A 1 79  ? 2.057   -14.630 5.349   1.00 14.24 ? 78  LYS A C   1 
ATOM   625  O  O   . LYS A 1 79  ? 2.767   -15.634 5.301   1.00 11.74 ? 78  LYS A O   1 
ATOM   626  C  CB  . LYS A 1 79  ? 0.998   -14.531 3.072   1.00 9.63  ? 78  LYS A CB  1 
ATOM   627  C  CG  . LYS A 1 79  ? -0.260  -14.686 2.202   1.00 20.35 ? 78  LYS A CG  1 
ATOM   628  C  CD  . LYS A 1 79  ? -1.114  -15.901 2.595   1.00 19.53 ? 78  LYS A CD  1 
ATOM   629  C  CE  . LYS A 1 79  ? -0.383  -17.220 2.381   1.00 26.83 ? 78  LYS A CE  1 
ATOM   630  N  NZ  . LYS A 1 79  ? -0.071  -17.446 0.942   1.00 51.70 ? 78  LYS A NZ  1 
ATOM   631  N  N   . LYS A 1 80  ? 2.399   -13.521 6.010   1.00 10.32 ? 79  LYS A N   1 
ATOM   632  C  CA  . LYS A 1 80  ? 3.616   -13.406 6.813   1.00 11.14 ? 79  LYS A CA  1 
ATOM   633  C  C   . LYS A 1 80  ? 4.882   -13.810 6.074   1.00 21.34 ? 79  LYS A C   1 
ATOM   634  O  O   . LYS A 1 80  ? 5.722   -14.548 6.599   1.00 14.15 ? 79  LYS A O   1 
ATOM   635  C  CB  . LYS A 1 80  ? 3.448   -14.184 8.129   1.00 12.38 ? 79  LYS A CB  1 
ATOM   636  C  CG  . LYS A 1 80  ? 2.324   -13.603 9.008   1.00 13.27 ? 79  LYS A CG  1 
ATOM   637  C  CD  . LYS A 1 80  ? 1.777   -14.582 10.031  1.00 19.60 ? 79  LYS A CD  1 
ATOM   638  C  CE  . LYS A 1 80  ? 2.792   -14.933 11.095  1.00 32.04 ? 79  LYS A CE  1 
ATOM   639  N  NZ  . LYS A 1 80  ? 2.168   -15.735 12.204  1.00 26.88 ? 79  LYS A NZ  1 
ATOM   640  N  N   . GLY A 1 81  ? 5.018   -13.301 4.851   1.00 13.88 ? 80  GLY A N   1 
ATOM   641  C  CA  . GLY A 1 81  ? 6.191   -13.600 4.050   1.00 14.22 ? 80  GLY A CA  1 
ATOM   642  C  C   . GLY A 1 81  ? 6.005   -14.663 2.981   1.00 14.49 ? 80  GLY A C   1 
ATOM   643  O  O   . GLY A 1 81  ? 6.762   -14.692 2.016   1.00 15.07 ? 80  GLY A O   1 
ATOM   644  N  N   . HIS A 1 82  ? 5.018   -15.540 3.147   1.00 14.60 ? 81  HIS A N   1 
ATOM   645  C  CA  . HIS A 1 82  ? 4.758   -16.618 2.177   1.00 14.92 ? 81  HIS A CA  1 
ATOM   646  C  C   . HIS A 1 82  ? 3.735   -16.127 1.164   1.00 14.90 ? 81  HIS A C   1 
ATOM   647  O  O   . HIS A 1 82  ? 2.676   -16.733 0.985   1.00 15.12 ? 81  HIS A O   1 
ATOM   648  C  CB  . HIS A 1 82  ? 4.215   -17.847 2.914   1.00 14.45 ? 81  HIS A CB  1 
ATOM   649  C  CG  . HIS A 1 82  ? 5.159   -18.392 3.939   1.00 16.75 ? 81  HIS A CG  1 
ATOM   650  N  ND1 . HIS A 1 82  ? 5.154   -18.027 5.268   1.00 21.73 ? 81  HIS A ND1 1 
ATOM   651  C  CD2 . HIS A 1 82  ? 6.183   -19.272 3.805   1.00 14.39 ? 81  HIS A CD2 1 
ATOM   652  C  CE1 . HIS A 1 82  ? 6.154   -18.678 5.881   1.00 18.03 ? 81  HIS A CE1 1 
ATOM   653  N  NE2 . HIS A 1 82  ? 6.808   -19.449 5.036   1.00 26.20 ? 81  HIS A NE2 1 
ATOM   654  N  N   . HIS A 1 83  ? 4.095   -15.068 0.446   1.00 14.99 ? 82  HIS A N   1 
ATOM   655  C  CA  . HIS A 1 83  ? 3.176   -14.424 -0.490  1.00 14.62 ? 82  HIS A CA  1 
ATOM   656  C  C   . HIS A 1 83  ? 3.514   -14.543 -1.965  1.00 15.06 ? 82  HIS A C   1 
ATOM   657  O  O   . HIS A 1 83  ? 3.015   -13.761 -2.774  1.00 14.82 ? 82  HIS A O   1 
ATOM   658  C  CB  . HIS A 1 83  ? 3.084   -12.942 -0.122  1.00 14.31 ? 82  HIS A CB  1 
ATOM   659  C  CG  . HIS A 1 83  ? 4.420   -12.279 -0.013  1.00 11.91 ? 82  HIS A CG  1 
ATOM   660  N  ND1 . HIS A 1 83  ? 4.805   -11.485 1.039   1.00 13.61 ? 82  HIS A ND1 1 
ATOM   661  C  CD2 . HIS A 1 83  ? 5.505   -12.360 -0.827  1.00 12.14 ? 82  HIS A CD2 1 
ATOM   662  C  CE1 . HIS A 1 83  ? 6.082   -11.124 0.833   1.00 15.28 ? 82  HIS A CE1 1 
ATOM   663  N  NE2 . HIS A 1 83  ? 6.549   -11.636 -0.291  1.00 13.83 ? 82  HIS A NE2 1 
ATOM   664  N  N   . GLU A 1 84  ? 4.386   -15.483 -2.310  1.00 14.58 ? 83  GLU A N   1 
ATOM   665  C  CA  . GLU A 1 84  ? 4.775   -15.681 -3.697  1.00 19.29 ? 83  GLU A CA  1 
ATOM   666  C  C   . GLU A 1 84  ? 3.573   -15.747 -4.657  1.00 23.77 ? 83  GLU A C   1 
ATOM   667  O  O   . GLU A 1 84  ? 3.557   -15.054 -5.670  1.00 20.41 ? 83  GLU A O   1 
ATOM   668  C  CB  . GLU A 1 84  ? 5.666   -16.929 -3.837  1.00 22.45 ? 83  GLU A CB  1 
ATOM   669  C  CG  . GLU A 1 84  ? 5.094   -18.225 -3.242  1.00 58.26 ? 83  GLU A CG  1 
ATOM   670  C  CD  . GLU A 1 84  ? 5.171   -18.304 -1.709  1.00 64.03 ? 83  GLU A CD  1 
ATOM   671  O  OE1 . GLU A 1 84  ? 6.108   -17.714 -1.116  1.00 49.28 ? 83  GLU A OE1 1 
ATOM   672  O  OE2 . GLU A 1 84  ? 4.296   -18.970 -1.099  1.00 53.99 ? 83  GLU A OE2 1 
ATOM   673  N  N   . ALA A 1 85  ? 2.542   -16.516 -4.307  1.00 21.99 ? 84  ALA A N   1 
ATOM   674  C  CA  . ALA A 1 85  ? 1.369   -16.651 -5.173  1.00 21.89 ? 84  ALA A CA  1 
ATOM   675  C  C   . ALA A 1 85  ? 0.605   -15.357 -5.368  1.00 22.03 ? 84  ALA A C   1 
ATOM   676  O  O   . ALA A 1 85  ? 0.204   -15.038 -6.488  1.00 21.69 ? 84  ALA A O   1 
ATOM   677  C  CB  . ALA A 1 85  ? 0.435   -17.723 -4.656  1.00 21.64 ? 84  ALA A CB  1 
ATOM   678  N  N   . GLU A 1 86  ? 0.382   -14.628 -4.277  1.00 14.07 ? 85  GLU A N   1 
ATOM   679  C  CA  . GLU A 1 86  ? -0.358  -13.363 -4.322  1.00 15.64 ? 85  GLU A CA  1 
ATOM   680  C  C   . GLU A 1 86  ? 0.412   -12.279 -5.065  1.00 15.61 ? 85  GLU A C   1 
ATOM   681  O  O   . GLU A 1 86  ? -0.179  -11.406 -5.690  1.00 18.05 ? 85  GLU A O   1 
ATOM   682  C  CB  . GLU A 1 86  ? -0.662  -12.846 -2.900  1.00 18.04 ? 85  GLU A CB  1 
ATOM   683  C  CG  . GLU A 1 86  ? -1.679  -13.657 -2.068  1.00 18.66 ? 85  GLU A CG  1 
ATOM   684  C  CD  . GLU A 1 86  ? -1.138  -14.998 -1.543  1.00 29.08 ? 85  GLU A CD  1 
ATOM   685  O  OE1 . GLU A 1 86  ? 0.098   -15.204 -1.519  1.00 27.16 ? 85  GLU A OE1 1 
ATOM   686  O  OE2 . GLU A 1 86  ? -1.959  -15.850 -1.129  1.00 45.40 ? 85  GLU A OE2 1 
ATOM   687  N  N   . LEU A 1 87  ? 1.735   -12.340 -4.996  1.00 17.42 ? 86  LEU A N   1 
ATOM   688  C  CA  . LEU A 1 87  ? 2.573   -11.336 -5.630  1.00 17.66 ? 86  LEU A CA  1 
ATOM   689  C  C   . LEU A 1 87  ? 2.626   -11.396 -7.153  1.00 17.59 ? 86  LEU A C   1 
ATOM   690  O  O   . LEU A 1 87  ? 2.745   -10.368 -7.805  1.00 17.88 ? 86  LEU A O   1 
ATOM   691  C  CB  . LEU A 1 87  ? 3.991   -11.426 -5.063  1.00 18.15 ? 86  LEU A CB  1 
ATOM   692  C  CG  . LEU A 1 87  ? 4.643   -10.150 -4.540  1.00 19.30 ? 86  LEU A CG  1 
ATOM   693  C  CD1 . LEU A 1 87  ? 3.760   -9.477  -3.501  1.00 18.95 ? 86  LEU A CD1 1 
ATOM   694  C  CD2 . LEU A 1 87  ? 5.963   -10.521 -3.926  1.00 19.55 ? 86  LEU A CD2 1 
ATOM   695  N  N   . LYS A 1 88  ? 2.533   -12.596 -7.716  1.00 15.16 ? 87  LYS A N   1 
ATOM   696  C  CA  . LYS A 1 88  ? 2.614   -12.780 -9.166  1.00 22.86 ? 87  LYS A CA  1 
ATOM   697  C  C   . LYS A 1 88  ? 1.656   -11.959 -10.036 1.00 18.26 ? 87  LYS A C   1 
ATOM   698  O  O   . LYS A 1 88  ? 2.101   -11.175 -10.880 1.00 15.89 ? 87  LYS A O   1 
ATOM   699  C  CB  . LYS A 1 88  ? 2.509   -14.266 -9.532  1.00 20.47 ? 87  LYS A CB  1 
ATOM   700  C  CG  . LYS A 1 88  ? 3.784   -15.064 -9.311  1.00 25.87 ? 87  LYS A CG  1 
ATOM   701  C  CD  . LYS A 1 88  ? 3.541   -16.515 -9.696  1.00 28.35 ? 87  LYS A CD  1 
ATOM   702  C  CE  . LYS A 1 88  ? 4.799   -17.345 -9.605  1.00 37.80 ? 87  LYS A CE  1 
ATOM   703  N  NZ  . LYS A 1 88  ? 4.512   -18.755 -10.008 1.00 39.63 ? 87  LYS A NZ  1 
ATOM   704  N  N   . PRO A 1 89  ? 0.333   -12.094 -9.825  1.00 14.16 ? 88  PRO A N   1 
ATOM   705  C  CA  . PRO A 1 89  ? -0.580  -11.315 -10.663 1.00 13.68 ? 88  PRO A CA  1 
ATOM   706  C  C   . PRO A 1 89  ? -0.466  -9.823  -10.441 1.00 13.83 ? 88  PRO A C   1 
ATOM   707  O  O   . PRO A 1 89  ? -0.635  -9.028  -11.368 1.00 13.66 ? 88  PRO A O   1 
ATOM   708  C  CB  . PRO A 1 89  ? -1.948  -11.857 -10.260 1.00 14.18 ? 88  PRO A CB  1 
ATOM   709  C  CG  . PRO A 1 89  ? -1.746  -12.283 -8.852  1.00 14.22 ? 88  PRO A CG  1 
ATOM   710  C  CD  . PRO A 1 89  ? -0.419  -12.953 -8.893  1.00 13.72 ? 88  PRO A CD  1 
ATOM   711  N  N   . LEU A 1 90  ? -0.106  -9.452  -9.222  1.00 14.17 ? 89  LEU A N   1 
ATOM   712  C  CA  . LEU A 1 90  ? 0.023   -8.052  -8.851  1.00 14.72 ? 89  LEU A CA  1 
ATOM   713  C  C   . LEU A 1 90  ? 1.225   -7.406  -9.545  1.00 14.29 ? 89  LEU A C   1 
ATOM   714  O  O   . LEU A 1 90  ? 1.130   -6.318  -10.109 1.00 13.94 ? 89  LEU A O   1 
ATOM   715  C  CB  . LEU A 1 90  ? 0.156   -7.965  -7.332  1.00 16.53 ? 89  LEU A CB  1 
ATOM   716  C  CG  . LEU A 1 90  ? 0.018   -6.586  -6.707  1.00 18.59 ? 89  LEU A CG  1 
ATOM   717  C  CD1 . LEU A 1 90  ? -1.407  -6.069  -6.948  1.00 19.87 ? 89  LEU A CD1 1 
ATOM   718  C  CD2 . LEU A 1 90  ? 0.316   -6.693  -5.210  1.00 19.63 ? 89  LEU A CD2 1 
ATOM   719  N  N   . ALA A 1 91  ? 2.344   -8.117  -9.539  1.00 13.88 ? 90  ALA A N   1 
ATOM   720  C  CA  . ALA A 1 91  ? 3.559   -7.632  -10.167 1.00 13.56 ? 90  ALA A CA  1 
ATOM   721  C  C   . ALA A 1 91  ? 3.363   -7.559  -11.674 1.00 13.33 ? 90  ALA A C   1 
ATOM   722  O  O   . ALA A 1 91  ? 3.806   -6.602  -12.311 1.00 13.29 ? 90  ALA A O   1 
ATOM   723  C  CB  . ALA A 1 91  ? 4.714   -8.554  -9.838  1.00 14.17 ? 90  ALA A CB  1 
ATOM   724  N  N   . GLN A 1 92  ? 2.689   -8.557  -12.246 1.00 12.77 ? 91  GLN A N   1 
ATOM   725  C  CA  . GLN A 1 92  ? 2.479   -8.557  -13.698 1.00 12.47 ? 91  GLN A CA  1 
ATOM   726  C  C   . GLN A 1 92  ? 1.651   -7.370  -14.176 1.00 12.61 ? 91  GLN A C   1 
ATOM   727  O  O   . GLN A 1 92  ? 2.045   -6.667  -15.106 1.00 12.01 ? 91  GLN A O   1 
ATOM   728  C  CB  . GLN A 1 92  ? 1.869   -9.865  -14.191 1.00 12.21 ? 91  GLN A CB  1 
ATOM   729  C  CG  . GLN A 1 92  ? 1.696   -9.862  -15.710 1.00 15.08 ? 91  GLN A CG  1 
ATOM   730  C  CD  . GLN A 1 92  ? 1.234   -11.193 -16.273 1.00 22.81 ? 91  GLN A CD  1 
ATOM   731  O  OE1 . GLN A 1 92  ? 0.301   -11.814 -15.764 1.00 15.47 ? 91  GLN A OE1 1 
ATOM   732  N  NE2 . GLN A 1 92  ? 1.880   -11.626 -17.346 1.00 12.47 ? 91  GLN A NE2 1 
ATOM   733  N  N   . SER A 1 93  ? 0.529   -7.103  -13.512 1.00 12.63 ? 92  SER A N   1 
ATOM   734  C  CA  . SER A 1 93  ? -0.294  -5.974  -13.923 1.00 12.91 ? 92  SER A CA  1 
ATOM   735  C  C   . SER A 1 93  ? 0.395   -4.625  -13.669 1.00 13.11 ? 92  SER A C   1 
ATOM   736  O  O   . SER A 1 93  ? 0.322   -3.725  -14.503 1.00 13.45 ? 92  SER A O   1 
ATOM   737  C  CB  . SER A 1 93  ? -1.675  -6.023  -13.252 1.00 12.87 ? 92  SER A CB  1 
ATOM   738  O  OG  . SER A 1 93  ? -1.592  -5.741  -11.874 1.00 13.23 ? 92  SER A OG  1 
ATOM   739  N  N   . HIS A 1 94  ? 1.100   -4.484  -12.549 1.00 13.15 ? 93  HIS A N   1 
ATOM   740  C  CA  . HIS A 1 94  ? 1.751   -3.198  -12.262 1.00 13.25 ? 93  HIS A CA  1 
ATOM   741  C  C   . HIS A 1 94  ? 2.996   -2.924  -13.082 1.00 13.74 ? 93  HIS A C   1 
ATOM   742  O  O   . HIS A 1 94  ? 3.348   -1.764  -13.316 1.00 13.75 ? 93  HIS A O   1 
ATOM   743  C  CB  . HIS A 1 94  ? 2.010   -3.043  -10.770 1.00 12.11 ? 93  HIS A CB  1 
ATOM   744  C  CG  . HIS A 1 94  ? 0.755   -2.830  -9.989  1.00 10.14 ? 93  HIS A CG  1 
ATOM   745  N  ND1 . HIS A 1 94  ? -0.263  -3.760  -9.962  1.00 10.94 ? 93  HIS A ND1 1 
ATOM   746  C  CD2 . HIS A 1 94  ? 0.295   -1.752  -9.316  1.00 13.96 ? 93  HIS A CD2 1 
ATOM   747  C  CE1 . HIS A 1 94  ? -1.296  -3.260  -9.311  1.00 13.67 ? 93  HIS A CE1 1 
ATOM   748  N  NE2 . HIS A 1 94  ? -0.983  -2.043  -8.909  1.00 12.12 ? 93  HIS A NE2 1 
ATOM   749  N  N   . ALA A 1 95  ? 3.642   -3.982  -13.550 1.00 13.83 ? 94  ALA A N   1 
ATOM   750  C  CA  . ALA A 1 95  ? 4.838   -3.803  -14.366 1.00 14.87 ? 94  ALA A CA  1 
ATOM   751  C  C   . ALA A 1 95  ? 4.480   -3.621  -15.851 1.00 15.48 ? 94  ALA A C   1 
ATOM   752  O  O   . ALA A 1 95  ? 4.911   -2.669  -16.496 1.00 16.00 ? 94  ALA A O   1 
ATOM   753  C  CB  . ALA A 1 95  ? 5.754   -5.002  -14.210 1.00 14.47 ? 94  ALA A CB  1 
ATOM   754  N  N   . THR A 1 96  ? 3.611   -4.496  -16.343 1.00 15.87 ? 95  THR A N   1 
ATOM   755  C  CA  . THR A 1 96  ? 3.235   -4.556  -17.749 1.00 16.56 ? 95  THR A CA  1 
ATOM   756  C  C   . THR A 1 96  ? 2.065   -3.701  -18.199 1.00 17.08 ? 95  THR A C   1 
ATOM   757  O  O   . THR A 1 96  ? 2.112   -3.116  -19.280 1.00 17.87 ? 95  THR A O   1 
ATOM   758  C  CB  . THR A 1 96  ? 2.968   -6.028  -18.126 1.00 17.16 ? 95  THR A CB  1 
ATOM   759  O  OG1 . THR A 1 96  ? 3.976   -6.837  -17.512 1.00 17.52 ? 95  THR A OG1 1 
ATOM   760  C  CG2 . THR A 1 96  ? 3.012   -6.250  -19.648 1.00 16.03 ? 95  THR A CG2 1 
ATOM   761  N  N   . LYS A 1 97  ? 1.001   -3.661  -17.406 1.00 13.65 ? 96  LYS A N   1 
ATOM   762  C  CA  . LYS A 1 97  ? -0.171  -2.876  -17.763 1.00 15.83 ? 96  LYS A CA  1 
ATOM   763  C  C   . LYS A 1 97  ? -0.097  -1.433  -17.257 1.00 25.92 ? 96  LYS A C   1 
ATOM   764  O  O   . LYS A 1 97  ? -0.094  -0.502  -18.050 1.00 25.03 ? 96  LYS A O   1 
ATOM   765  C  CB  . LYS A 1 97  ? -1.424  -3.548  -17.215 1.00 13.75 ? 96  LYS A CB  1 
ATOM   766  C  CG  . LYS A 1 97  ? -2.731  -3.063  -17.819 1.00 26.92 ? 96  LYS A CG  1 
ATOM   767  C  CD  . LYS A 1 97  ? -3.882  -3.483  -16.921 1.00 50.06 ? 96  LYS A CD  1 
ATOM   768  C  CE  . LYS A 1 97  ? -5.162  -3.779  -17.682 1.00 71.61 ? 96  LYS A CE  1 
ATOM   769  N  NZ  . LYS A 1 97  ? -5.115  -5.089  -18.385 1.00 92.01 ? 96  LYS A NZ  1 
ATOM   770  N  N   . HIS A 1 98  ? 0.024   -1.256  -15.943 1.00 17.20 ? 97  HIS A N   1 
ATOM   771  C  CA  . HIS A 1 98  ? 0.041   0.079   -15.340 1.00 17.15 ? 97  HIS A CA  1 
ATOM   772  C  C   . HIS A 1 98  ? 1.379   0.810   -15.394 1.00 17.34 ? 97  HIS A C   1 
ATOM   773  O  O   . HIS A 1 98  ? 1.398   2.039   -15.337 1.00 17.62 ? 97  HIS A O   1 
ATOM   774  C  CB  . HIS A 1 98  ? -0.424  0.007   -13.880 1.00 15.46 ? 97  HIS A CB  1 
ATOM   775  C  CG  . HIS A 1 98  ? -1.622  -0.870  -13.667 1.00 15.61 ? 97  HIS A CG  1 
ATOM   776  N  ND1 . HIS A 1 98  ? -2.742  -0.864  -14.472 1.00 15.80 ? 97  HIS A ND1 1 
ATOM   777  C  CD2 . HIS A 1 98  ? -1.854  -1.812  -12.719 1.00 16.19 ? 97  HIS A CD2 1 
ATOM   778  C  CE1 . HIS A 1 98  ? -3.607  -1.785  -14.003 1.00 16.07 ? 97  HIS A CE1 1 
ATOM   779  N  NE2 . HIS A 1 98  ? -3.116  -2.392  -12.938 1.00 17.58 ? 97  HIS A NE2 1 
ATOM   780  N  N   . LYS A 1 99  ? 2.483   0.053   -15.422 1.00 20.34 ? 98  LYS A N   1 
ATOM   781  C  CA  . LYS A 1 99  ? 3.843   0.609   -15.481 1.00 15.29 ? 98  LYS A CA  1 
ATOM   782  C  C   . LYS A 1 99  ? 4.168   1.482   -14.278 1.00 23.29 ? 98  LYS A C   1 
ATOM   783  O  O   . LYS A 1 99  ? 4.445   2.670   -14.412 1.00 19.39 ? 98  LYS A O   1 
ATOM   784  C  CB  . LYS A 1 99  ? 4.043   1.411   -16.776 1.00 21.60 ? 98  LYS A CB  1 
ATOM   785  C  CG  . LYS A 1 99  ? 4.918   0.710   -17.802 1.00 57.09 ? 98  LYS A CG  1 
ATOM   786  C  CD  . LYS A 1 99  ? 4.243   0.614   -19.162 1.00 62.66 ? 98  LYS A CD  1 
ATOM   787  C  CE  . LYS A 1 99  ? 3.061   -0.339  -19.126 1.00 72.34 ? 98  LYS A CE  1 
ATOM   788  N  NZ  . LYS A 1 99  ? 2.468   -0.578  -20.471 1.00 61.78 ? 98  LYS A NZ  1 
ATOM   789  N  N   . ILE A 1 100 ? 4.215   0.858   -13.110 1.00 18.29 ? 99  ILE A N   1 
ATOM   790  C  CA  . ILE A 1 100 ? 4.466   1.558   -11.872 1.00 18.15 ? 99  ILE A CA  1 
ATOM   791  C  C   . ILE A 1 100 ? 5.876   1.345   -11.361 1.00 18.95 ? 99  ILE A C   1 
ATOM   792  O  O   . ILE A 1 100 ? 6.231   0.238   -10.939 1.00 19.56 ? 99  ILE A O   1 
ATOM   793  C  CB  . ILE A 1 100 ? 3.482   1.083   -10.774 1.00 17.42 ? 99  ILE A CB  1 
ATOM   794  C  CG1 . ILE A 1 100 ? 2.040   1.127   -11.305 1.00 16.28 ? 99  ILE A CG1 1 
ATOM   795  C  CG2 . ILE A 1 100 ? 3.675   1.918   -9.479  1.00 16.04 ? 99  ILE A CG2 1 
ATOM   796  C  CD1 . ILE A 1 100 ? 1.617   2.473   -11.869 1.00 16.29 ? 99  ILE A CD1 1 
ATOM   797  N  N   . PRO A 1 101 ? 6.702   2.407   -11.367 1.00 19.17 ? 100 PRO A N   1 
ATOM   798  C  CA  . PRO A 1 101 ? 8.078   2.271   -10.878 1.00 19.52 ? 100 PRO A CA  1 
ATOM   799  C  C   . PRO A 1 101 ? 8.144   2.007   -9.362  1.00 20.04 ? 100 PRO A C   1 
ATOM   800  O  O   . PRO A 1 101 ? 7.246   2.403   -8.608  1.00 19.39 ? 100 PRO A O   1 
ATOM   801  C  CB  . PRO A 1 101 ? 8.710   3.612   -11.262 1.00 19.49 ? 100 PRO A CB  1 
ATOM   802  C  CG  . PRO A 1 101 ? 7.546   4.555   -11.271 1.00 19.49 ? 100 PRO A CG  1 
ATOM   803  C  CD  . PRO A 1 101 ? 6.463   3.749   -11.927 1.00 19.32 ? 100 PRO A CD  1 
ATOM   804  N  N   . ILE A 1 102 ? 9.202   1.331   -8.924  1.00 20.57 ? 101 ILE A N   1 
ATOM   805  C  CA  . ILE A 1 102 ? 9.384   1.018   -7.502  1.00 21.49 ? 101 ILE A CA  1 
ATOM   806  C  C   . ILE A 1 102 ? 9.294   2.278   -6.647  1.00 21.81 ? 101 ILE A C   1 
ATOM   807  O  O   . ILE A 1 102 ? 8.787   2.238   -5.532  1.00 22.07 ? 101 ILE A O   1 
ATOM   808  C  CB  . ILE A 1 102 ? 10.746  0.293   -7.245  1.00 22.08 ? 101 ILE A CB  1 
ATOM   809  C  CG1 . ILE A 1 102 ? 10.708  -1.107  -7.866  1.00 22.22 ? 101 ILE A CG1 1 
ATOM   810  C  CG2 . ILE A 1 102 ? 11.050  0.200   -5.744  1.00 21.89 ? 101 ILE A CG2 1 
ATOM   811  C  CD1 . ILE A 1 102 ? 9.640   -2.007  -7.259  1.00 23.54 ? 101 ILE A CD1 1 
ATOM   812  N  N   . LYS A 1 103 ? 9.782   3.390   -7.190  1.00 19.02 ? 102 LYS A N   1 
ATOM   813  C  CA  . LYS A 1 103 ? 9.749   4.684   -6.515  1.00 20.58 ? 102 LYS A CA  1 
ATOM   814  C  C   . LYS A 1 103 ? 8.329   4.999   -6.030  1.00 19.02 ? 102 LYS A C   1 
ATOM   815  O  O   . LYS A 1 103 ? 8.151   5.477   -4.907  1.00 17.34 ? 102 LYS A O   1 
ATOM   816  C  CB  . LYS A 1 103 ? 10.229  5.777   -7.485  1.00 26.39 ? 102 LYS A CB  1 
ATOM   817  C  CG  . LYS A 1 103 ? 10.205  7.201   -6.949  1.00 43.25 ? 102 LYS A CG  1 
ATOM   818  C  CD  . LYS A 1 103 ? 11.327  7.468   -5.959  1.00 63.49 ? 102 LYS A CD  1 
ATOM   819  C  CE  . LYS A 1 103 ? 11.553  8.973   -5.789  1.00 78.84 ? 102 LYS A CE  1 
ATOM   820  N  NZ  . LYS A 1 103 ? 12.622  9.332   -4.805  1.00 53.49 ? 102 LYS A NZ  1 
ATOM   821  N  N   . TYR A 1 104 ? 7.328   4.740   -6.873  1.00 13.28 ? 103 TYR A N   1 
ATOM   822  C  CA  . TYR A 1 104 ? 5.932   5.000   -6.507  1.00 13.91 ? 103 TYR A CA  1 
ATOM   823  C  C   . TYR A 1 104 ? 5.427   4.063   -5.405  1.00 13.51 ? 103 TYR A C   1 
ATOM   824  O  O   . TYR A 1 104 ? 4.529   4.421   -4.636  1.00 13.62 ? 103 TYR A O   1 
ATOM   825  C  CB  . TYR A 1 104 ? 5.014   4.909   -7.727  1.00 14.37 ? 103 TYR A CB  1 
ATOM   826  C  CG  . TYR A 1 104 ? 5.151   6.043   -8.721  1.00 15.63 ? 103 TYR A CG  1 
ATOM   827  C  CD1 . TYR A 1 104 ? 6.190   6.963   -8.624  1.00 16.52 ? 103 TYR A CD1 1 
ATOM   828  C  CD2 . TYR A 1 104 ? 4.244   6.181   -9.771  1.00 15.98 ? 103 TYR A CD2 1 
ATOM   829  C  CE1 . TYR A 1 104 ? 6.330   7.997   -9.559  1.00 17.80 ? 103 TYR A CE1 1 
ATOM   830  C  CE2 . TYR A 1 104 ? 4.368   7.205   -10.705 1.00 17.48 ? 103 TYR A CE2 1 
ATOM   831  C  CZ  . TYR A 1 104 ? 5.421   8.108   -10.595 1.00 18.12 ? 103 TYR A CZ  1 
ATOM   832  O  OH  . TYR A 1 104 ? 5.593   9.095   -11.550 1.00 19.72 ? 103 TYR A OH  1 
ATOM   833  N  N   . LEU A 1 105 ? 5.976   2.853   -5.353  1.00 13.30 ? 104 LEU A N   1 
ATOM   834  C  CA  . LEU A 1 105 ? 5.598   1.907   -4.315  1.00 13.36 ? 104 LEU A CA  1 
ATOM   835  C  C   . LEU A 1 105 ? 6.184   2.426   -3.004  1.00 13.64 ? 104 LEU A C   1 
ATOM   836  O  O   . LEU A 1 105 ? 5.607   2.214   -1.935  1.00 13.70 ? 104 LEU A O   1 
ATOM   837  C  CB  . LEU A 1 105 ? 6.085   0.493   -4.648  1.00 13.82 ? 104 LEU A CB  1 
ATOM   838  C  CG  . LEU A 1 105 ? 5.446   -0.135  -5.918  1.00 14.52 ? 104 LEU A CG  1 
ATOM   839  C  CD1 . LEU A 1 105 ? 6.123   -1.455  -6.260  1.00 15.93 ? 104 LEU A CD1 1 
ATOM   840  C  CD2 . LEU A 1 105 ? 3.968   -0.367  -5.729  1.00 14.70 ? 104 LEU A CD2 1 
ATOM   841  N  N   . GLU A 1 106 ? 7.305   3.146   -3.077  1.00 12.82 ? 105 GLU A N   1 
ATOM   842  C  CA  . GLU A 1 106 ? 7.878   3.726   -1.856  1.00 11.39 ? 105 GLU A CA  1 
ATOM   843  C  C   . GLU A 1 106 ? 6.961   4.851   -1.370  1.00 12.20 ? 105 GLU A C   1 
ATOM   844  O  O   . GLU A 1 106 ? 6.683   4.953   -0.179  1.00 14.17 ? 105 GLU A O   1 
ATOM   845  C  CB  . GLU A 1 106 ? 9.286   4.247   -2.103  1.00 12.67 ? 105 GLU A CB  1 
ATOM   846  C  CG  . GLU A 1 106 ? 10.277  3.116   -2.264  1.00 18.31 ? 105 GLU A CG  1 
ATOM   847  C  CD  . GLU A 1 106 ? 11.628  3.571   -2.769  1.00 37.32 ? 105 GLU A CD  1 
ATOM   848  O  OE1 . GLU A 1 106 ? 11.826  4.788   -2.965  1.00 37.47 ? 105 GLU A OE1 1 
ATOM   849  O  OE2 . GLU A 1 106 ? 12.485  2.694   -2.997  1.00 32.70 ? 105 GLU A OE2 1 
ATOM   850  N  N   . PHE A 1 107 ? 6.452   5.655   -2.305  1.00 11.54 ? 106 PHE A N   1 
ATOM   851  C  CA  . PHE A 1 107 ? 5.540   6.753   -1.972  1.00 11.92 ? 106 PHE A CA  1 
ATOM   852  C  C   . PHE A 1 107 ? 4.262   6.262   -1.272  1.00 12.12 ? 106 PHE A C   1 
ATOM   853  O  O   . PHE A 1 107 ? 3.795   6.890   -0.317  1.00 12.23 ? 106 PHE A O   1 
ATOM   854  C  CB  . PHE A 1 107 ? 5.131   7.528   -3.222  1.00 12.11 ? 106 PHE A CB  1 
ATOM   855  C  CG  . PHE A 1 107 ? 6.267   8.255   -3.906  1.00 13.86 ? 106 PHE A CG  1 
ATOM   856  C  CD1 . PHE A 1 107 ? 7.475   8.475   -3.260  1.00 14.39 ? 106 PHE A CD1 1 
ATOM   857  C  CD2 . PHE A 1 107 ? 6.098   8.754   -5.191  1.00 13.46 ? 106 PHE A CD2 1 
ATOM   858  C  CE1 . PHE A 1 107 ? 8.502   9.192   -3.890  1.00 15.25 ? 106 PHE A CE1 1 
ATOM   859  C  CE2 . PHE A 1 107 ? 7.111   9.465   -5.818  1.00 14.21 ? 106 PHE A CE2 1 
ATOM   860  C  CZ  . PHE A 1 107 ? 8.306   9.684   -5.169  1.00 14.40 ? 106 PHE A CZ  1 
ATOM   861  N  N   . ILE A 1 108 ? 3.667   5.172   -1.759  1.00 11.47 ? 107 ILE A N   1 
ATOM   862  C  CA  . ILE A 1 108 ? 2.450   4.682   -1.118  1.00 11.23 ? 107 ILE A CA  1 
ATOM   863  C  C   . ILE A 1 108 ? 2.765   4.055   0.245   1.00 11.14 ? 107 ILE A C   1 
ATOM   864  O  O   . ILE A 1 108 ? 1.948   4.107   1.155   1.00 10.78 ? 107 ILE A O   1 
ATOM   865  C  CB  . ILE A 1 108 ? 1.610   3.718   -2.044  1.00 11.67 ? 107 ILE A CB  1 
ATOM   866  C  CG1 . ILE A 1 108 ? 0.168   3.626   -1.509  1.00 11.44 ? 107 ILE A CG1 1 
ATOM   867  C  CG2 . ILE A 1 108 ? 2.256   2.334   -2.141  1.00 10.54 ? 107 ILE A CG2 1 
ATOM   868  C  CD1 . ILE A 1 108 ? -0.801  2.895   -2.433  1.00 12.75 ? 107 ILE A CD1 1 
ATOM   869  N  N   . SER A 1 109 ? 3.970   3.505   0.395   1.00 11.34 ? 108 SER A N   1 
ATOM   870  C  CA  . SER A 1 109 ? 4.380   2.911   1.665   1.00 11.53 ? 108 SER A CA  1 
ATOM   871  C  C   . SER A 1 109 ? 4.417   4.012   2.723   1.00 11.66 ? 108 SER A C   1 
ATOM   872  O  O   . SER A 1 109 ? 3.972   3.806   3.861   1.00 11.53 ? 108 SER A O   1 
ATOM   873  C  CB  . SER A 1 109 ? 5.754   2.243   1.537   1.00 11.48 ? 108 SER A CB  1 
ATOM   874  O  OG  . SER A 1 109 ? 5.679   1.118   0.669   1.00 12.57 ? 108 SER A OG  1 
ATOM   875  N  N   . GLU A 1 110 ? 4.946   5.175   2.321   1.00 10.97 ? 109 GLU A N   1 
ATOM   876  C  CA  . GLU A 1 110 ? 5.055   6.364   3.158   1.00 12.59 ? 109 GLU A CA  1 
ATOM   877  C  C   . GLU A 1 110 ? 3.667   6.877   3.542   1.00 9.85  ? 109 GLU A C   1 
ATOM   878  O  O   . GLU A 1 110 ? 3.456   7.338   4.675   1.00 11.37 ? 109 GLU A O   1 
ATOM   879  C  CB  . GLU A 1 110 ? 5.802   7.450   2.391   1.00 14.35 ? 109 GLU A CB  1 
ATOM   880  C  CG  . GLU A 1 110 ? 5.892   8.803   3.085   1.00 33.75 ? 109 GLU A CG  1 
ATOM   881  C  CD  . GLU A 1 110 ? 6.190   9.933   2.103   1.00 56.90 ? 109 GLU A CD  1 
ATOM   882  O  OE1 . GLU A 1 110 ? 6.966   9.715   1.145   1.00 53.15 ? 109 GLU A OE1 1 
ATOM   883  O  OE2 . GLU A 1 110 ? 5.632   11.040  2.272   1.00 65.10 ? 109 GLU A OE2 1 
ATOM   884  N  N   . ALA A 1 111 ? 2.729   6.814   2.599   1.00 9.22  ? 110 ALA A N   1 
ATOM   885  C  CA  . ALA A 1 111 ? 1.353   7.251   2.864   1.00 9.88  ? 110 ALA A CA  1 
ATOM   886  C  C   . ALA A 1 111 ? 0.675   6.310   3.857   1.00 10.06 ? 110 ALA A C   1 
ATOM   887  O  O   . ALA A 1 111 ? -0.073  6.765   4.728   1.00 10.12 ? 110 ALA A O   1 
ATOM   888  C  CB  . ALA A 1 111 ? 0.529   7.332   1.568   1.00 9.64  ? 110 ALA A CB  1 
ATOM   889  N  N   . ILE A 1 112 ? 0.960   5.013   3.756   1.00 9.93  ? 111 ILE A N   1 
ATOM   890  C  CA  . ILE A 1 112 ? 0.353   4.037   4.673   1.00 10.64 ? 111 ILE A CA  1 
ATOM   891  C  C   . ILE A 1 112 ? 0.864   4.291   6.089   1.00 10.73 ? 111 ILE A C   1 
ATOM   892  O  O   . ILE A 1 112 ? 0.093   4.371   7.048   1.00 10.64 ? 111 ILE A O   1 
ATOM   893  C  CB  . ILE A 1 112 ? 0.673   2.574   4.239   1.00 11.03 ? 111 ILE A CB  1 
ATOM   894  C  CG1 . ILE A 1 112 ? -0.088  2.229   2.948   1.00 11.98 ? 111 ILE A CG1 1 
ATOM   895  C  CG2 . ILE A 1 112 ? 0.298   1.575   5.337   1.00 11.37 ? 111 ILE A CG2 1 
ATOM   896  C  CD1 . ILE A 1 112 ? 0.506   1.063   2.182   1.00 12.91 ? 111 ILE A CD1 1 
ATOM   897  N  N   . ILE A 1 113 ? 2.168   4.476   6.204   1.00 10.83 ? 112 ILE A N   1 
ATOM   898  C  CA  . ILE A 1 113 ? 2.772   4.727   7.499   1.00 11.58 ? 112 ILE A CA  1 
ATOM   899  C  C   . ILE A 1 113 ? 2.237   6.027   8.111   1.00 11.54 ? 112 ILE A C   1 
ATOM   900  O  O   . ILE A 1 113 ? 1.884   6.052   9.295   1.00 11.91 ? 112 ILE A O   1 
ATOM   901  C  CB  . ILE A 1 113 ? 4.316   4.706   7.399   1.00 11.99 ? 112 ILE A CB  1 
ATOM   902  C  CG1 . ILE A 1 113 ? 4.776   3.274   7.090   1.00 12.39 ? 112 ILE A CG1 1 
ATOM   903  C  CG2 . ILE A 1 113 ? 4.966   5.206   8.713   1.00 12.40 ? 112 ILE A CG2 1 
ATOM   904  C  CD1 . ILE A 1 113 ? 6.273   3.163   6.845   1.00 14.43 ? 112 ILE A CD1 1 
ATOM   905  N  N   . HIS A 1 114 ? 2.079   7.063   7.289   1.00 11.22 ? 113 HIS A N   1 
ATOM   906  C  CA  . HIS A 1 114 ? 1.571   8.339   7.767   1.00 11.82 ? 113 HIS A CA  1 
ATOM   907  C  C   . HIS A 1 114 ? 0.150   8.220   8.351   1.00 12.27 ? 113 HIS A C   1 
ATOM   908  O  O   . HIS A 1 114 ? -0.151  8.776   9.423   1.00 12.50 ? 113 HIS A O   1 
ATOM   909  C  CB  . HIS A 1 114 ? 1.564   9.371   6.637   1.00 13.56 ? 113 HIS A CB  1 
ATOM   910  C  CG  . HIS A 1 114 ? 0.924   10.675  7.021   1.00 17.26 ? 113 HIS A CG  1 
ATOM   911  N  ND1 . HIS A 1 114 ? 1.613   11.755  7.526   1.00 21.54 ? 113 HIS A ND1 1 
ATOM   912  C  CD2 . HIS A 1 114 ? -0.385  11.043  7.021   1.00 20.62 ? 113 HIS A CD2 1 
ATOM   913  C  CE1 . HIS A 1 114 ? 0.724   12.717  7.817   1.00 19.66 ? 113 HIS A CE1 1 
ATOM   914  N  NE2 . HIS A 1 114 ? -0.503  12.333  7.527   1.00 26.39 ? 113 HIS A NE2 1 
ATOM   915  N  N   . VAL A 1 115 ? -0.725  7.528   7.620   1.00 11.83 ? 114 VAL A N   1 
ATOM   916  C  CA  . VAL A 1 115 ? -2.109  7.356   8.052   1.00 11.79 ? 114 VAL A CA  1 
ATOM   917  C  C   . VAL A 1 115 ? -2.234  6.487   9.314   1.00 11.63 ? 114 VAL A C   1 
ATOM   918  O  O   . VAL A 1 115 ? -2.993  6.832   10.214  1.00 11.61 ? 114 VAL A O   1 
ATOM   919  C  CB  . VAL A 1 115 ? -3.000  6.823   6.869   1.00 11.48 ? 114 VAL A CB  1 
ATOM   920  C  CG1 . VAL A 1 115 ? -4.410  6.482   7.354   1.00 10.87 ? 114 VAL A CG1 1 
ATOM   921  C  CG2 . VAL A 1 115 ? -3.059  7.873   5.757   1.00 11.05 ? 114 VAL A CG2 1 
ATOM   922  N  N   . LEU A 1 116 ? -1.458  5.401   9.413   1.00 11.93 ? 115 LEU A N   1 
ATOM   923  C  CA  . LEU A 1 116 ? -1.521  4.540   10.604  1.00 12.14 ? 115 LEU A CA  1 
ATOM   924  C  C   . LEU A 1 116 ? -1.029  5.321   11.808  1.00 12.23 ? 115 LEU A C   1 
ATOM   925  O  O   . LEU A 1 116 ? -1.569  5.208   12.906  1.00 12.07 ? 115 LEU A O   1 
ATOM   926  C  CB  . LEU A 1 116 ? -0.679  3.275   10.437  1.00 12.49 ? 115 LEU A CB  1 
ATOM   927  C  CG  . LEU A 1 116 ? -1.028  2.395   9.228   1.00 14.35 ? 115 LEU A CG  1 
ATOM   928  C  CD1 . LEU A 1 116 ? -0.316  1.052   9.331   1.00 14.82 ? 115 LEU A CD1 1 
ATOM   929  C  CD2 . LEU A 1 116 ? -2.523  2.192   9.104   1.00 14.41 ? 115 LEU A CD2 1 
ATOM   930  N  N   . HIS A 1 117 ? 0.000   6.132   11.588  1.00 12.17 ? 116 HIS A N   1 
ATOM   931  C  CA  . HIS A 1 117 ? 0.544   6.955   12.652  1.00 12.76 ? 116 HIS A CA  1 
ATOM   932  C  C   . HIS A 1 117 ? -0.499  7.966   13.160  1.00 12.64 ? 116 HIS A C   1 
ATOM   933  O  O   . HIS A 1 117 ? -0.593  8.187   14.362  1.00 12.13 ? 116 HIS A O   1 
ATOM   934  C  CB  . HIS A 1 117 ? 1.795   7.685   12.153  1.00 14.68 ? 116 HIS A CB  1 
ATOM   935  C  CG  . HIS A 1 117 ? 2.420   8.588   13.173  1.00 17.36 ? 116 HIS A CG  1 
ATOM   936  N  ND1 . HIS A 1 117 ? 3.206   8.149   14.215  1.00 20.81 ? 116 HIS A ND1 1 
ATOM   937  C  CD2 . HIS A 1 117 ? 2.382   9.941   13.286  1.00 16.57 ? 116 HIS A CD2 1 
ATOM   938  C  CE1 . HIS A 1 117 ? 3.614   9.223   14.909  1.00 21.39 ? 116 HIS A CE1 1 
ATOM   939  N  NE2 . HIS A 1 117 ? 3.141   10.338  14.386  1.00 26.87 ? 116 HIS A NE2 1 
ATOM   940  N  N   . SER A 1 118 ? -1.254  8.585   12.247  1.00 12.81 ? 117 SER A N   1 
ATOM   941  C  CA  . SER A 1 118 ? -2.277  9.571   12.629  1.00 13.74 ? 117 SER A CA  1 
ATOM   942  C  C   . SER A 1 118 ? -3.483  8.946   13.302  1.00 13.42 ? 117 SER A C   1 
ATOM   943  O  O   . SER A 1 118 ? -3.961  9.447   14.323  1.00 13.83 ? 117 SER A O   1 
ATOM   944  C  CB  . SER A 1 118 ? -2.827  10.330  11.418  1.00 13.83 ? 117 SER A CB  1 
ATOM   945  O  OG  . SER A 1 118 ? -1.796  10.958  10.695  1.00 19.96 ? 117 SER A OG  1 
ATOM   946  N  N   . ARG A 1 119 ? -3.970  7.843   12.731  1.00 12.57 ? 118 ARG A N   1 
ATOM   947  C  CA  . ARG A 1 119 ? -5.165  7.188   13.243  1.00 12.56 ? 118 ARG A CA  1 
ATOM   948  C  C   . ARG A 1 119 ? -5.013  6.197   14.389  1.00 12.33 ? 118 ARG A C   1 
ATOM   949  O  O   . ARG A 1 119 ? -5.960  5.992   15.131  1.00 12.29 ? 118 ARG A O   1 
ATOM   950  C  CB  . ARG A 1 119 ? -5.924  6.516   12.088  1.00 12.99 ? 118 ARG A CB  1 
ATOM   951  C  CG  . ARG A 1 119 ? -6.509  7.501   11.082  1.00 17.18 ? 118 ARG A CG  1 
ATOM   952  C  CD  . ARG A 1 119 ? -7.247  6.784   9.945   1.00 13.62 ? 118 ARG A CD  1 
ATOM   953  N  NE  . ARG A 1 119 ? -8.469  6.130   10.402  1.00 19.40 ? 118 ARG A NE  1 
ATOM   954  C  CZ  . ARG A 1 119 ? -9.589  6.037   9.685   1.00 20.15 ? 118 ARG A CZ  1 
ATOM   955  N  NH1 . ARG A 1 119 ? -9.667  6.587   8.481   1.00 17.80 ? 118 ARG A NH1 1 
ATOM   956  N  NH2 . ARG A 1 119 ? -10.645 5.408   10.184  1.00 18.25 ? 118 ARG A NH2 1 
ATOM   957  N  N   . HIS A 1 120 ? -3.834  5.596   14.538  1.00 12.29 ? 119 HIS A N   1 
ATOM   958  C  CA  . HIS A 1 120 ? -3.614  4.584   15.566  1.00 12.27 ? 119 HIS A CA  1 
ATOM   959  C  C   . HIS A 1 120 ? -2.346  4.814   16.388  1.00 12.90 ? 119 HIS A C   1 
ATOM   960  O  O   . HIS A 1 120 ? -1.536  3.900   16.544  1.00 12.49 ? 119 HIS A O   1 
ATOM   961  C  CB  . HIS A 1 120 ? -3.547  3.194   14.899  1.00 11.10 ? 119 HIS A CB  1 
ATOM   962  C  CG  . HIS A 1 120 ? -4.727  2.894   14.029  1.00 11.10 ? 119 HIS A CG  1 
ATOM   963  N  ND1 . HIS A 1 120 ? -5.972  2.550   14.514  1.00 10.59 ? 119 HIS A ND1 1 
ATOM   964  C  CD2 . HIS A 1 120 ? -4.865  2.969   12.679  1.00 10.13 ? 119 HIS A CD2 1 
ATOM   965  C  CE1 . HIS A 1 120 ? -6.812  2.443   13.468  1.00 10.43 ? 119 HIS A CE1 1 
ATOM   966  N  NE2 . HIS A 1 120 ? -6.185  2.687   12.335  1.00 9.64  ? 119 HIS A NE2 1 
ATOM   967  N  N   . PRO A 1 121 ? -2.191  6.012   16.985  1.00 13.55 ? 120 PRO A N   1 
ATOM   968  C  CA  . PRO A 1 121 ? -0.987  6.279   17.780  1.00 14.25 ? 120 PRO A CA  1 
ATOM   969  C  C   . PRO A 1 121 ? -0.691  5.257   18.885  1.00 14.45 ? 120 PRO A C   1 
ATOM   970  O  O   . PRO A 1 121 ? 0.451   4.875   19.084  1.00 14.99 ? 120 PRO A O   1 
ATOM   971  C  CB  . PRO A 1 121 ? -1.249  7.684   18.344  1.00 14.39 ? 120 PRO A CB  1 
ATOM   972  C  CG  . PRO A 1 121 ? -2.733  7.766   18.420  1.00 14.42 ? 120 PRO A CG  1 
ATOM   973  C  CD  . PRO A 1 121 ? -3.159  7.118   17.110  1.00 13.80 ? 120 PRO A CD  1 
ATOM   974  N  N   . GLY A 1 122 ? -1.721  4.794   19.575  1.00 15.10 ? 121 GLY A N   1 
ATOM   975  C  CA  . GLY A 1 122 ? -1.520  3.832   20.642  1.00 15.58 ? 121 GLY A CA  1 
ATOM   976  C  C   . GLY A 1 122 ? -1.075  2.456   20.182  1.00 15.87 ? 121 GLY A C   1 
ATOM   977  O  O   . GLY A 1 122 ? -0.506  1.700   20.974  1.00 17.04 ? 121 GLY A O   1 
ATOM   978  N  N   . ASN A 1 123 ? -1.336  2.117   18.922  1.00 14.98 ? 122 ASN A N   1 
ATOM   979  C  CA  . ASN A 1 123 ? -0.951  0.814   18.387  1.00 14.28 ? 122 ASN A CA  1 
ATOM   980  C  C   . ASN A 1 123 ? 0.100   0.975   17.293  1.00 13.94 ? 122 ASN A C   1 
ATOM   981  O  O   . ASN A 1 123 ? 0.407   0.029   16.555  1.00 13.94 ? 122 ASN A O   1 
ATOM   982  C  CB  . ASN A 1 123 ? -2.184  0.087   17.838  1.00 13.28 ? 122 ASN A CB  1 
ATOM   983  C  CG  . ASN A 1 123 ? -3.135  -0.363  18.944  1.00 17.92 ? 122 ASN A CG  1 
ATOM   984  O  OD1 . ASN A 1 123 ? -4.351  -0.129  18.886  1.00 18.34 ? 122 ASN A OD1 1 
ATOM   985  N  ND2 . ASN A 1 123 ? -2.583  -1.000  19.960  1.00 13.13 ? 122 ASN A ND2 1 
ATOM   986  N  N   . PHE A 1 124 ? 0.678   2.167   17.203  1.00 13.07 ? 123 PHE A N   1 
ATOM   987  C  CA  . PHE A 1 124 ? 1.683   2.399   16.173  1.00 12.48 ? 123 PHE A CA  1 
ATOM   988  C  C   . PHE A 1 124 ? 2.849   3.209   16.733  1.00 12.86 ? 123 PHE A C   1 
ATOM   989  O  O   . PHE A 1 124 ? 3.176   4.286   16.230  1.00 13.01 ? 123 PHE A O   1 
ATOM   990  C  CB  . PHE A 1 124 ? 1.054   3.098   14.969  1.00 12.08 ? 123 PHE A CB  1 
ATOM   991  C  CG  . PHE A 1 124 ? 1.778   2.849   13.673  1.00 12.14 ? 123 PHE A CG  1 
ATOM   992  C  CD1 . PHE A 1 124 ? 1.801   1.579   13.106  1.00 12.17 ? 123 PHE A CD1 1 
ATOM   993  C  CD2 . PHE A 1 124 ? 2.404   3.892   12.999  1.00 12.09 ? 123 PHE A CD2 1 
ATOM   994  C  CE1 . PHE A 1 124 ? 2.434   1.352   11.882  1.00 12.07 ? 123 PHE A CE1 1 
ATOM   995  C  CE2 . PHE A 1 124 ? 3.032   3.674   11.782  1.00 12.19 ? 123 PHE A CE2 1 
ATOM   996  C  CZ  . PHE A 1 124 ? 3.046   2.400   11.222  1.00 12.27 ? 123 PHE A CZ  1 
ATOM   997  N  N   . GLY A 1 125 ? 3.417   2.703   17.828  1.00 12.77 ? 124 GLY A N   1 
ATOM   998  C  CA  . GLY A 1 125 ? 4.574   3.327   18.437  1.00 12.92 ? 124 GLY A CA  1 
ATOM   999  C  C   . GLY A 1 125 ? 5.789   3.026   17.571  1.00 13.24 ? 124 GLY A C   1 
ATOM   1000 O  O   . GLY A 1 125 ? 5.654   2.446   16.491  1.00 12.44 ? 124 GLY A O   1 
ATOM   1001 N  N   . ALA A 1 126 ? 6.977   3.395   18.048  1.00 13.12 ? 125 ALA A N   1 
ATOM   1002 C  CA  . ALA A 1 126 ? 8.214   3.193   17.291  1.00 13.16 ? 125 ALA A CA  1 
ATOM   1003 C  C   . ALA A 1 126 ? 8.459   1.759   16.845  1.00 12.66 ? 125 ALA A C   1 
ATOM   1004 O  O   . ALA A 1 126 ? 8.782   1.524   15.689  1.00 13.15 ? 125 ALA A O   1 
ATOM   1005 C  CB  . ALA A 1 126 ? 9.423   3.722   18.078  1.00 12.74 ? 125 ALA A CB  1 
ATOM   1006 N  N   . ASP A 1 127 ? 8.307   0.802   17.750  1.00 10.17 ? 126 ASP A N   1 
ATOM   1007 C  CA  . ASP A 1 127 ? 8.532   -0.600  17.404  1.00 14.78 ? 126 ASP A CA  1 
ATOM   1008 C  C   . ASP A 1 127 ? 7.549   -1.097  16.362  1.00 12.28 ? 126 ASP A C   1 
ATOM   1009 O  O   . ASP A 1 127 ? 7.928   -1.800  15.429  1.00 11.77 ? 126 ASP A O   1 
ATOM   1010 C  CB  . ASP A 1 127 ? 8.473   -1.486  18.647  1.00 16.27 ? 126 ASP A CB  1 
ATOM   1011 C  CG  . ASP A 1 127 ? 9.637   -1.237  19.605  1.00 23.57 ? 126 ASP A CG  1 
ATOM   1012 O  OD1 . ASP A 1 127 ? 10.707  -0.779  19.163  1.00 21.99 ? 126 ASP A OD1 1 
ATOM   1013 O  OD2 . ASP A 1 127 ? 9.470   -1.490  20.810  1.00 32.78 ? 126 ASP A OD2 1 
ATOM   1014 N  N   . ALA A 1 128 ? 6.280   -0.742  16.527  1.00 10.84 ? 127 ALA A N   1 
ATOM   1015 C  CA  . ALA A 1 128 ? 5.244   -1.157  15.585  1.00 10.60 ? 127 ALA A CA  1 
ATOM   1016 C  C   . ALA A 1 128 ? 5.499   -0.560  14.201  1.00 10.72 ? 127 ALA A C   1 
ATOM   1017 O  O   . ALA A 1 128 ? 5.319   -1.243  13.185  1.00 10.94 ? 127 ALA A O   1 
ATOM   1018 C  CB  . ALA A 1 128 ? 3.847   -0.750  16.110  1.00 10.58 ? 127 ALA A CB  1 
ATOM   1019 N  N   . GLN A 1 129 ? 5.944   0.696   14.152  1.00 10.31 ? 128 GLN A N   1 
ATOM   1020 C  CA  . GLN A 1 129 ? 6.224   1.345   12.872  1.00 10.09 ? 128 GLN A CA  1 
ATOM   1021 C  C   . GLN A 1 129 ? 7.427   0.688   12.206  1.00 10.44 ? 128 GLN A C   1 
ATOM   1022 O  O   . GLN A 1 129 ? 7.455   0.515   10.986  1.00 10.18 ? 128 GLN A O   1 
ATOM   1023 C  CB  . GLN A 1 129 ? 6.469   2.852   13.057  1.00 10.94 ? 128 GLN A CB  1 
ATOM   1024 C  CG  . GLN A 1 129 ? 6.797   3.569   11.739  1.00 10.07 ? 128 GLN A CG  1 
ATOM   1025 C  CD  . GLN A 1 129 ? 6.875   5.081   11.872  1.00 14.66 ? 128 GLN A CD  1 
ATOM   1026 O  OE1 . GLN A 1 129 ? 6.220   5.688   12.734  1.00 11.46 ? 128 GLN A OE1 1 
ATOM   1027 N  NE2 . GLN A 1 129 ? 7.661   5.703   11.003  1.00 16.87 ? 128 GLN A NE2 1 
ATOM   1028 N  N   . GLY A 1 130 ? 8.414   0.319   13.015  1.00 10.16 ? 129 GLY A N   1 
ATOM   1029 C  CA  . GLY A 1 130 ? 9.592   -0.344  12.486  1.00 10.49 ? 129 GLY A CA  1 
ATOM   1030 C  C   . GLY A 1 130 ? 9.190   -1.667  11.845  1.00 10.76 ? 129 GLY A C   1 
ATOM   1031 O  O   . GLY A 1 130 ? 9.679   -2.018  10.761  1.00 11.12 ? 129 GLY A O   1 
ATOM   1032 N  N   . ALA A 1 131 ? 8.320   -2.412  12.521  1.00 10.32 ? 130 ALA A N   1 
ATOM   1033 C  CA  . ALA A 1 131 ? 7.842   -3.689  12.001  1.00 11.10 ? 130 ALA A CA  1 
ATOM   1034 C  C   . ALA A 1 131 ? 7.043   -3.498  10.702  1.00 11.25 ? 130 ALA A C   1 
ATOM   1035 O  O   . ALA A 1 131 ? 7.220   -4.260  9.744   1.00 11.39 ? 130 ALA A O   1 
ATOM   1036 C  CB  . ALA A 1 131 ? 6.989   -4.410  13.045  1.00 11.34 ? 130 ALA A CB  1 
ATOM   1037 N  N   . MET A 1 132 ? 6.198   -2.470  10.651  1.00 11.11 ? 131 MET A N   1 
ATOM   1038 C  CA  . MET A 1 132 ? 5.408   -2.205  9.440   1.00 11.63 ? 131 MET A CA  1 
ATOM   1039 C  C   . MET A 1 132 ? 6.335   -1.805  8.284   1.00 11.52 ? 131 MET A C   1 
ATOM   1040 O  O   . MET A 1 132 ? 6.158   -2.234  7.150   1.00 10.96 ? 131 MET A O   1 
ATOM   1041 C  CB  . MET A 1 132 ? 4.359   -1.106  9.697   1.00 11.94 ? 131 MET A CB  1 
ATOM   1042 C  CG  . MET A 1 132 ? 3.463   -0.780  8.482   1.00 12.80 ? 131 MET A CG  1 
ATOM   1043 S  SD  . MET A 1 132 ? 2.483   -2.210  7.903   1.00 15.62 ? 131 MET A SD  1 
ATOM   1044 C  CE  . MET A 1 132 ? 1.075   -2.075  8.901   1.00 14.24 ? 131 MET A CE  1 
ATOM   1045 N  N   . ASN A 1 133 ? 7.332   -0.977  8.583   1.00 11.82 ? 132 ASN A N   1 
ATOM   1046 C  CA  . ASN A 1 133 ? 8.279   -0.554  7.558   1.00 11.82 ? 132 ASN A CA  1 
ATOM   1047 C  C   . ASN A 1 133 ? 9.026   -1.758  6.987   1.00 11.70 ? 132 ASN A C   1 
ATOM   1048 O  O   . ASN A 1 133 ? 9.252   -1.836  5.781   1.00 12.09 ? 132 ASN A O   1 
ATOM   1049 C  CB  . ASN A 1 133 ? 9.300   0.428   8.120   1.00 12.07 ? 132 ASN A CB  1 
ATOM   1050 C  CG  . ASN A 1 133 ? 10.296  0.834   7.088   1.00 12.20 ? 132 ASN A CG  1 
ATOM   1051 O  OD1 . ASN A 1 133 ? 9.927   1.371   6.048   1.00 12.15 ? 132 ASN A OD1 1 
ATOM   1052 N  ND2 . ASN A 1 133 ? 11.557  0.530   7.330   1.00 13.44 ? 132 ASN A ND2 1 
ATOM   1053 N  N   . LYS A 1 134 ? 9.410   -2.679  7.863   1.00 10.02 ? 133 LYS A N   1 
ATOM   1054 C  CA  . LYS A 1 134 ? 10.121  -3.898  7.466   1.00 12.07 ? 133 LYS A CA  1 
ATOM   1055 C  C   . LYS A 1 134 ? 9.202   -4.780  6.592   1.00 13.00 ? 133 LYS A C   1 
ATOM   1056 O  O   . LYS A 1 134 ? 9.642   -5.339  5.578   1.00 11.61 ? 133 LYS A O   1 
ATOM   1057 C  CB  . LYS A 1 134 ? 10.586  -4.643  8.724   1.00 13.50 ? 133 LYS A CB  1 
ATOM   1058 C  CG  . LYS A 1 134 ? 11.699  -5.623  8.487   1.00 27.37 ? 133 LYS A CG  1 
ATOM   1059 C  CD  . LYS A 1 134 ? 12.227  -6.199  9.786   1.00 28.56 ? 133 LYS A CD  1 
ATOM   1060 C  CE  . LYS A 1 134 ? 13.226  -7.319  9.495   1.00 41.76 ? 133 LYS A CE  1 
ATOM   1061 N  NZ  . LYS A 1 134 ? 13.582  -8.123  10.700  1.00 38.69 ? 133 LYS A NZ  1 
ATOM   1062 N  N   . ALA A 1 135 ? 7.918   -4.847  6.941   1.00 11.11 ? 134 ALA A N   1 
ATOM   1063 C  CA  . ALA A 1 135 ? 6.959   -5.639  6.153   1.00 11.18 ? 134 ALA A CA  1 
ATOM   1064 C  C   . ALA A 1 135 ? 6.799   -5.061  4.744   1.00 11.52 ? 134 ALA A C   1 
ATOM   1065 O  O   . ALA A 1 135 ? 6.760   -5.813  3.755   1.00 11.61 ? 134 ALA A O   1 
ATOM   1066 C  CB  . ALA A 1 135 ? 5.600   -5.687  6.834   1.00 11.52 ? 134 ALA A CB  1 
ATOM   1067 N  N   . LEU A 1 136 ? 6.709   -3.732  4.653   1.00 11.08 ? 135 LEU A N   1 
ATOM   1068 C  CA  . LEU A 1 136 ? 6.543   -3.068  3.363   1.00 11.20 ? 135 LEU A CA  1 
ATOM   1069 C  C   . LEU A 1 136 ? 7.841   -3.092  2.549   1.00 11.51 ? 135 LEU A C   1 
ATOM   1070 O  O   . LEU A 1 136 ? 7.801   -3.138  1.322   1.00 11.47 ? 135 LEU A O   1 
ATOM   1071 C  CB  . LEU A 1 136 ? 6.032   -1.636  3.554   1.00 11.58 ? 135 LEU A CB  1 
ATOM   1072 C  CG  . LEU A 1 136 ? 4.637   -1.510  4.182   1.00 11.78 ? 135 LEU A CG  1 
ATOM   1073 C  CD1 . LEU A 1 136 ? 4.299   -0.039  4.520   1.00 12.34 ? 135 LEU A CD1 1 
ATOM   1074 C  CD2 . LEU A 1 136 ? 3.614   -2.101  3.237   1.00 11.97 ? 135 LEU A CD2 1 
ATOM   1075 N  N   . GLU A 1 137 ? 8.992   -3.065  3.224   1.00 11.12 ? 136 GLU A N   1 
ATOM   1076 C  CA  . GLU A 1 137 ? 10.269  -3.138  2.513   1.00 10.01 ? 136 GLU A CA  1 
ATOM   1077 C  C   . GLU A 1 137 ? 10.412  -4.518  1.882   1.00 12.94 ? 136 GLU A C   1 
ATOM   1078 O  O   . GLU A 1 137 ? 10.962  -4.641  0.781   1.00 13.99 ? 136 GLU A O   1 
ATOM   1079 C  CB  . GLU A 1 137 ? 11.446  -2.910  3.455   1.00 13.43 ? 136 GLU A CB  1 
ATOM   1080 C  CG  . GLU A 1 137 ? 11.579  -1.485  3.946   1.00 25.88 ? 136 GLU A CG  1 
ATOM   1081 C  CD  . GLU A 1 137 ? 12.931  -1.221  4.584   1.00 43.46 ? 136 GLU A CD  1 
ATOM   1082 O  OE1 . GLU A 1 137 ? 13.730  -2.179  4.713   1.00 44.33 ? 136 GLU A OE1 1 
ATOM   1083 O  OE2 . GLU A 1 137 ? 13.199  -0.054  4.943   1.00 37.10 ? 136 GLU A OE2 1 
ATOM   1084 N  N   . LEU A 1 138 ? 9.996   -5.553  2.622   1.00 12.26 ? 137 LEU A N   1 
ATOM   1085 C  CA  . LEU A 1 138 ? 10.036  -6.945  2.146   1.00 12.49 ? 137 LEU A CA  1 
ATOM   1086 C  C   . LEU A 1 138 ? 9.142   -7.022  0.907   1.00 12.53 ? 137 LEU A C   1 
ATOM   1087 O  O   . LEU A 1 138 ? 9.542   -7.561  -0.128  1.00 12.45 ? 137 LEU A O   1 
ATOM   1088 C  CB  . LEU A 1 138 ? 9.508   -7.907  3.229   1.00 12.95 ? 137 LEU A CB  1 
ATOM   1089 C  CG  . LEU A 1 138 ? 9.348   -9.381  2.824   1.00 13.56 ? 137 LEU A CG  1 
ATOM   1090 C  CD1 . LEU A 1 138 ? 10.716  -9.962  2.470   1.00 14.08 ? 137 LEU A CD1 1 
ATOM   1091 C  CD2 . LEU A 1 138 ? 8.683   -10.211 3.920   1.00 13.15 ? 137 LEU A CD2 1 
ATOM   1092 N  N   . PHE A 1 139 ? 7.932   -6.479  1.026   1.00 12.23 ? 138 PHE A N   1 
ATOM   1093 C  CA  . PHE A 1 139 ? 6.980   -6.437  -0.087  1.00 12.46 ? 138 PHE A CA  1 
ATOM   1094 C  C   . PHE A 1 139 ? 7.614   -5.790  -1.342  1.00 12.24 ? 138 PHE A C   1 
ATOM   1095 O  O   . PHE A 1 139 ? 7.579   -6.369  -2.427  1.00 11.66 ? 138 PHE A O   1 
ATOM   1096 C  CB  . PHE A 1 139 ? 5.742   -5.660  0.352   1.00 13.39 ? 138 PHE A CB  1 
ATOM   1097 C  CG  . PHE A 1 139 ? 4.817   -5.290  -0.770  1.00 14.78 ? 138 PHE A CG  1 
ATOM   1098 C  CD1 . PHE A 1 139 ? 4.052   -6.262  -1.412  1.00 14.78 ? 138 PHE A CD1 1 
ATOM   1099 C  CD2 . PHE A 1 139 ? 4.690   -3.961  -1.160  1.00 14.85 ? 138 PHE A CD2 1 
ATOM   1100 C  CE1 . PHE A 1 139 ? 3.170   -5.909  -2.427  1.00 15.93 ? 138 PHE A CE1 1 
ATOM   1101 C  CE2 . PHE A 1 139 ? 3.813   -3.596  -2.174  1.00 16.14 ? 138 PHE A CE2 1 
ATOM   1102 C  CZ  . PHE A 1 139 ? 3.047   -4.579  -2.810  1.00 15.85 ? 138 PHE A CZ  1 
ATOM   1103 N  N   . ARG A 1 140 ? 8.211   -4.611  -1.174  1.00 12.12 ? 139 ARG A N   1 
ATOM   1104 C  CA  . ARG A 1 140 ? 8.865   -3.902  -2.279  1.00 12.90 ? 139 ARG A CA  1 
ATOM   1105 C  C   . ARG A 1 140 ? 10.062  -4.664  -2.871  1.00 13.31 ? 139 ARG A C   1 
ATOM   1106 O  O   . ARG A 1 140 ? 10.271  -4.655  -4.089  1.00 13.61 ? 139 ARG A O   1 
ATOM   1107 C  CB  . ARG A 1 140 ? 9.306   -2.490  -1.855  1.00 12.36 ? 139 ARG A CB  1 
ATOM   1108 C  CG  . ARG A 1 140 ? 8.144   -1.593  -1.460  1.00 14.23 ? 139 ARG A CG  1 
ATOM   1109 C  CD  . ARG A 1 140 ? 8.504   -0.126  -1.520  1.00 11.36 ? 139 ARG A CD  1 
ATOM   1110 N  NE  . ARG A 1 140 ? 9.668   0.199   -0.702  1.00 15.32 ? 139 ARG A NE  1 
ATOM   1111 C  CZ  . ARG A 1 140 ? 9.626   0.522   0.588   1.00 15.65 ? 139 ARG A CZ  1 
ATOM   1112 N  NH1 . ARG A 1 140 ? 8.475   0.552   1.245   1.00 12.52 ? 139 ARG A NH1 1 
ATOM   1113 N  NH2 . ARG A 1 140 ? 10.751  0.797   1.232   1.00 13.11 ? 139 ARG A NH2 1 
ATOM   1114 N  N   . LYS A 1 141 ? 10.864  -5.287  -2.015  1.00 14.94 ? 140 LYS A N   1 
ATOM   1115 C  CA  . LYS A 1 141 ? 12.011  -6.055  -2.490  1.00 16.84 ? 140 LYS A CA  1 
ATOM   1116 C  C   . LYS A 1 141 ? 11.543  -7.252  -3.343  1.00 19.05 ? 140 LYS A C   1 
ATOM   1117 O  O   . LYS A 1 141 ? 12.108  -7.531  -4.409  1.00 16.61 ? 140 LYS A O   1 
ATOM   1118 C  CB  . LYS A 1 141 ? 12.842  -6.550  -1.309  1.00 16.68 ? 140 LYS A CB  1 
ATOM   1119 C  CG  . LYS A 1 141 ? 14.093  -7.325  -1.714  1.00 29.49 ? 140 LYS A CG  1 
ATOM   1120 C  CD  . LYS A 1 141 ? 14.898  -7.803  -0.511  1.00 63.50 ? 140 LYS A CD  1 
ATOM   1121 C  CE  . LYS A 1 141 ? 14.302  -9.050  0.129   1.00 65.87 ? 140 LYS A CE  1 
ATOM   1122 N  NZ  . LYS A 1 141 ? 12.920  -8.842  0.630   1.00 84.52 ? 140 LYS A NZ  1 
ATOM   1123 N  N   . ASP A 1 142 ? 10.512  -7.958  -2.885  1.00 10.32 ? 141 ASP A N   1 
ATOM   1124 C  CA  . ASP A 1 142 ? 10.018  -9.095  -3.635  1.00 12.07 ? 141 ASP A CA  1 
ATOM   1125 C  C   . ASP A 1 142 ? 9.326   -8.670  -4.932  1.00 15.64 ? 141 ASP A C   1 
ATOM   1126 O  O   . ASP A 1 142 ? 9.406   -9.382  -5.937  1.00 14.72 ? 141 ASP A O   1 
ATOM   1127 C  CB  . ASP A 1 142 ? 9.115   -9.967  -2.765  1.00 10.04 ? 141 ASP A CB  1 
ATOM   1128 C  CG  . ASP A 1 142 ? 9.898   -10.814 -1.771  1.00 16.00 ? 141 ASP A CG  1 
ATOM   1129 O  OD1 . ASP A 1 142 ? 11.148  -10.824 -1.835  1.00 15.76 ? 141 ASP A OD1 1 
ATOM   1130 O  OD2 . ASP A 1 142 ? 9.267   -11.475 -0.927  1.00 16.83 ? 141 ASP A OD2 1 
ATOM   1131 N  N   . ILE A 1 143 ? 8.666   -7.510  -4.926  1.00 14.66 ? 142 ILE A N   1 
ATOM   1132 C  CA  . ILE A 1 143 ? 8.003   -7.020  -6.141  1.00 15.18 ? 142 ILE A CA  1 
ATOM   1133 C  C   . ILE A 1 143 ? 9.074   -6.601  -7.151  1.00 15.10 ? 142 ILE A C   1 
ATOM   1134 O  O   . ILE A 1 143 ? 8.934   -6.862  -8.342  1.00 14.98 ? 142 ILE A O   1 
ATOM   1135 C  CB  . ILE A 1 143 ? 7.093   -5.785  -5.876  1.00 16.09 ? 142 ILE A CB  1 
ATOM   1136 C  CG1 . ILE A 1 143 ? 5.741   -6.226  -5.321  1.00 17.29 ? 142 ILE A CG1 1 
ATOM   1137 C  CG2 . ILE A 1 143 ? 6.861   -4.996  -7.185  1.00 16.69 ? 142 ILE A CG2 1 
ATOM   1138 C  CD1 . ILE A 1 143 ? 4.740   -6.627  -6.415  1.00 18.64 ? 142 ILE A CD1 1 
ATOM   1139 N  N   . ALA A 1 144 ? 10.114  -5.919  -6.667  1.00 14.48 ? 143 ALA A N   1 
ATOM   1140 C  CA  . ALA A 1 144 ? 11.213  -5.466  -7.521  1.00 14.40 ? 143 ALA A CA  1 
ATOM   1141 C  C   . ALA A 1 144 ? 11.892  -6.661  -8.208  1.00 14.30 ? 143 ALA A C   1 
ATOM   1142 O  O   . ALA A 1 144 ? 12.263  -6.582  -9.379  1.00 14.60 ? 143 ALA A O   1 
ATOM   1143 C  CB  . ALA A 1 144 ? 12.233  -4.690  -6.689  1.00 14.21 ? 143 ALA A CB  1 
ATOM   1144 N  N   . ALA A 1 145 ? 12.062  -7.754  -7.471  1.00 14.31 ? 144 ALA A N   1 
ATOM   1145 C  CA  . ALA A 1 145 ? 12.681  -8.960  -8.006  1.00 14.63 ? 144 ALA A CA  1 
ATOM   1146 C  C   . ALA A 1 145 ? 11.785  -9.586  -9.086  1.00 15.01 ? 144 ALA A C   1 
ATOM   1147 O  O   . ALA A 1 145 ? 12.279  -10.073 -10.099 1.00 14.73 ? 144 ALA A O   1 
ATOM   1148 C  CB  . ALA A 1 145 ? 12.969  -9.933  -6.890  1.00 14.39 ? 144 ALA A CB  1 
ATOM   1149 N  N   . LYS A 1 146 ? 10.470  -9.538  -8.881  1.00 11.53 ? 145 LYS A N   1 
ATOM   1150 C  CA  . LYS A 1 146 ? 9.524   -10.059 -9.865  1.00 16.77 ? 145 LYS A CA  1 
ATOM   1151 C  C   . LYS A 1 146 ? 9.530   -9.145  -11.102 1.00 13.63 ? 145 LYS A C   1 
ATOM   1152 O  O   . LYS A 1 146 ? 9.492   -9.623  -12.234 1.00 11.77 ? 145 LYS A O   1 
ATOM   1153 C  CB  . LYS A 1 146 ? 8.112   -10.138 -9.266  1.00 17.48 ? 145 LYS A CB  1 
ATOM   1154 C  CG  . LYS A 1 146 ? 7.615   -11.562 -9.000  1.00 50.65 ? 145 LYS A CG  1 
ATOM   1155 C  CD  . LYS A 1 146 ? 8.491   -12.292 -7.992  1.00 70.53 ? 145 LYS A CD  1 
ATOM   1156 C  CE  . LYS A 1 146 ? 8.187   -11.897 -6.543  1.00 79.60 ? 145 LYS A CE  1 
ATOM   1157 N  NZ  . LYS A 1 146 ? 9.344   -12.131 -5.601  1.00 21.88 ? 145 LYS A NZ  1 
ATOM   1158 N  N   . TYR A 1 147 ? 9.617   -7.836  -10.881 1.00 14.24 ? 146 TYR A N   1 
ATOM   1159 C  CA  . TYR A 1 147 ? 9.656   -6.862  -11.979 1.00 14.86 ? 146 TYR A CA  1 
ATOM   1160 C  C   . TYR A 1 147 ? 10.806  -7.215  -12.933 1.00 14.92 ? 146 TYR A C   1 
ATOM   1161 O  O   . TYR A 1 147 ? 10.634  -7.250  -14.152 1.00 14.95 ? 146 TYR A O   1 
ATOM   1162 C  CB  . TYR A 1 147 ? 9.898   -5.455  -11.434 1.00 14.76 ? 146 TYR A CB  1 
ATOM   1163 C  CG  . TYR A 1 147 ? 8.676   -4.626  -11.084 1.00 15.81 ? 146 TYR A CG  1 
ATOM   1164 C  CD1 . TYR A 1 147 ? 7.390   -5.172  -11.035 1.00 15.37 ? 146 TYR A CD1 1 
ATOM   1165 C  CD2 . TYR A 1 147 ? 8.816   -3.263  -10.842 1.00 16.23 ? 146 TYR A CD2 1 
ATOM   1166 C  CE1 . TYR A 1 147 ? 6.271   -4.357  -10.758 1.00 15.55 ? 146 TYR A CE1 1 
ATOM   1167 C  CE2 . TYR A 1 147 ? 7.722   -2.456  -10.568 1.00 16.90 ? 146 TYR A CE2 1 
ATOM   1168 C  CZ  . TYR A 1 147 ? 6.454   -2.998  -10.532 1.00 15.97 ? 146 TYR A CZ  1 
ATOM   1169 O  OH  . TYR A 1 147 ? 5.397   -2.135  -10.300 1.00 16.87 ? 146 TYR A OH  1 
ATOM   1170 N  N   . LYS A 1 148 ? 11.971  -7.490  -12.357 1.00 14.73 ? 147 LYS A N   1 
ATOM   1171 C  CA  . LYS A 1 148 ? 13.157  -7.849  -13.114 1.00 21.63 ? 147 LYS A CA  1 
ATOM   1172 C  C   . LYS A 1 148 ? 12.907  -9.110  -13.944 1.00 15.88 ? 147 LYS A C   1 
ATOM   1173 O  O   . LYS A 1 148 ? 13.209  -9.139  -15.143 1.00 15.94 ? 147 LYS A O   1 
ATOM   1174 C  CB  . LYS A 1 148 ? 14.343  -8.052  -12.167 1.00 26.54 ? 147 LYS A CB  1 
ATOM   1175 C  CG  . LYS A 1 148 ? 15.640  -8.350  -12.890 1.00 63.85 ? 147 LYS A CG  1 
ATOM   1176 C  CD  . LYS A 1 148 ? 16.827  -8.470  -11.949 1.00 71.59 ? 147 LYS A CD  1 
ATOM   1177 C  CE  . LYS A 1 148 ? 18.064  -8.928  -12.718 1.00 79.79 ? 147 LYS A CE  1 
ATOM   1178 N  NZ  . LYS A 1 148 ? 18.344  -8.065  -13.909 1.00 76.15 ? 147 LYS A NZ  1 
ATOM   1179 N  N   . GLU A 1 149 ? 12.317  -10.130 -13.323 1.00 17.64 ? 148 GLU A N   1 
ATOM   1180 C  CA  . GLU A 1 149 ? 12.008  -11.376 -14.036 1.00 16.33 ? 148 GLU A CA  1 
ATOM   1181 C  C   . GLU A 1 149 ? 11.012  -11.143 -15.188 1.00 20.67 ? 148 GLU A C   1 
ATOM   1182 O  O   . GLU A 1 149 ? 11.090  -11.797 -16.224 1.00 16.76 ? 148 GLU A O   1 
ATOM   1183 C  CB  . GLU A 1 149 ? 11.434  -12.430 -13.077 1.00 12.47 ? 148 GLU A CB  1 
ATOM   1184 C  CG  . GLU A 1 149 ? 12.392  -12.896 -12.011 1.00 29.56 ? 148 GLU A CG  1 
ATOM   1185 C  CD  . GLU A 1 149 ? 11.708  -13.735 -10.946 1.00 42.58 ? 148 GLU A CD  1 
ATOM   1186 O  OE1 . GLU A 1 149 ? 10.739  -14.443 -11.280 1.00 40.98 ? 148 GLU A OE1 1 
ATOM   1187 O  OE2 . GLU A 1 149 ? 12.130  -13.677 -9.771  1.00 58.46 ? 148 GLU A OE2 1 
ATOM   1188 N  N   . LEU A 1 150 ? 10.097  -10.195 -15.009 1.00 18.35 ? 149 LEU A N   1 
ATOM   1189 C  CA  . LEU A 1 150 ? 9.100   -9.891  -16.023 1.00 19.39 ? 149 LEU A CA  1 
ATOM   1190 C  C   . LEU A 1 150 ? 9.622   -8.950  -17.118 1.00 20.28 ? 149 LEU A C   1 
ATOM   1191 O  O   . LEU A 1 150 ? 8.921   -8.675  -18.092 1.00 20.12 ? 149 LEU A O   1 
ATOM   1192 C  CB  . LEU A 1 150 ? 7.845   -9.299  -15.370 1.00 19.18 ? 149 LEU A CB  1 
ATOM   1193 C  CG  . LEU A 1 150 ? 7.077   -10.178 -14.374 1.00 19.29 ? 149 LEU A CG  1 
ATOM   1194 C  CD1 . LEU A 1 150 ? 6.032   -9.354  -13.649 1.00 19.29 ? 149 LEU A CD1 1 
ATOM   1195 C  CD2 . LEU A 1 150 ? 6.420   -11.345 -15.068 1.00 19.08 ? 149 LEU A CD2 1 
ATOM   1196 N  N   . GLY A 1 151 ? 10.824  -8.416  -16.922 1.00 21.58 ? 150 GLY A N   1 
ATOM   1197 C  CA  . GLY A 1 151 ? 11.422  -7.539  -17.916 1.00 23.62 ? 150 GLY A CA  1 
ATOM   1198 C  C   . GLY A 1 151 ? 11.189  -6.057  -17.749 1.00 25.46 ? 150 GLY A C   1 
ATOM   1199 O  O   . GLY A 1 151 ? 11.393  -5.283  -18.678 1.00 25.36 ? 150 GLY A O   1 
ATOM   1200 N  N   . TYR A 1 152 ? 10.796  -5.646  -16.555 1.00 27.41 ? 151 TYR A N   1 
ATOM   1201 C  CA  . TYR A 1 152 ? 10.531  -4.248  -16.303 1.00 30.01 ? 151 TYR A CA  1 
ATOM   1202 C  C   . TYR A 1 152 ? 11.509  -3.617  -15.315 1.00 32.00 ? 151 TYR A C   1 
ATOM   1203 O  O   . TYR A 1 152 ? 12.206  -2.656  -15.649 1.00 32.55 ? 151 TYR A O   1 
ATOM   1204 C  CB  . TYR A 1 152 ? 9.088   -4.083  -15.819 1.00 30.25 ? 151 TYR A CB  1 
ATOM   1205 C  CG  . TYR A 1 152 ? 8.716   -2.670  -15.418 1.00 31.23 ? 151 TYR A CG  1 
ATOM   1206 C  CD1 . TYR A 1 152 ? 8.649   -1.646  -16.360 1.00 31.10 ? 151 TYR A CD1 1 
ATOM   1207 C  CD2 . TYR A 1 152 ? 8.416   -2.362  -14.092 1.00 31.79 ? 151 TYR A CD2 1 
ATOM   1208 C  CE1 . TYR A 1 152 ? 8.296   -0.356  -15.991 1.00 31.69 ? 151 TYR A CE1 1 
ATOM   1209 C  CE2 . TYR A 1 152 ? 8.058   -1.069  -13.716 1.00 32.00 ? 151 TYR A CE2 1 
ATOM   1210 C  CZ  . TYR A 1 152 ? 8.002   -0.077  -14.671 1.00 31.78 ? 151 TYR A CZ  1 
ATOM   1211 O  OH  . TYR A 1 152 ? 7.639   1.192   -14.297 1.00 32.52 ? 151 TYR A OH  1 
ATOM   1212 N  N   . GLN A 1 153 ? 11.567  -4.152  -14.102 1.00 34.19 ? 152 GLN A N   1 
ATOM   1213 C  CA  . GLN A 1 153 ? 12.438  -3.602  -13.054 1.00 37.02 ? 152 GLN A CA  1 
ATOM   1214 C  C   . GLN A 1 153 ? 12.453  -2.064  -13.030 1.00 38.27 ? 152 GLN A C   1 
ATOM   1215 O  O   . GLN A 1 153 ? 13.435  -1.446  -12.611 1.00 38.66 ? 152 GLN A O   1 
ATOM   1216 C  CB  . GLN A 1 153 ? 13.874  -4.121  -13.182 1.00 38.69 ? 152 GLN A CB  1 
ATOM   1217 C  CG  . GLN A 1 153 ? 14.435  -4.680  -11.872 1.00 47.97 ? 152 GLN A CG  1 
ATOM   1218 C  CD  . GLN A 1 153 ? 13.977  -3.901  -10.643 1.00 55.38 ? 152 GLN A CD  1 
ATOM   1219 O  OE1 . GLN A 1 153 ? 12.818  -3.995  -10.230 1.00 45.03 ? 152 GLN A OE1 1 
ATOM   1220 N  NE2 . GLN A 1 153 ? 14.887  -3.130  -10.056 1.00 67.50 ? 152 GLN A NE2 1 
ATOM   1221 N  N   . GLY A 1 154 ? 11.368  -1.462  -13.511 1.00 39.21 ? 153 GLY A N   1 
ATOM   1222 C  CA  . GLY A 1 154 ? 11.268  -0.019  -13.550 1.00 40.43 ? 153 GLY A CA  1 
ATOM   1223 C  C   . GLY A 1 154 ? 11.014  0.544   -12.172 1.00 40.93 ? 153 GLY A C   1 
ATOM   1224 O  O   . GLY A 1 154 ? 11.409  1.703   -11.913 1.00 41.22 ? 153 GLY A O   1 
ATOM   1225 O  OXT . GLY A 1 154 ? 10.431  -0.188  -11.344 1.00 42.02 ? 153 GLY A OXT 1 
HETATM 1226 S  S   . SO4 B 2 .   ? -8.052  21.599  -1.793  0.91 38.59 ? 157 SO4 A S   1 
HETATM 1227 O  O1  . SO4 B 2 .   ? -8.176  21.482  -0.370  0.91 38.54 ? 157 SO4 A O1  1 
HETATM 1228 O  O2  . SO4 B 2 .   ? -7.806  20.338  -2.355  0.91 37.78 ? 157 SO4 A O2  1 
HETATM 1229 O  O3  . SO4 B 2 .   ? -6.937  22.451  -2.159  0.91 38.08 ? 157 SO4 A O3  1 
HETATM 1230 O  O4  . SO4 B 2 .   ? -9.243  22.153  -2.268  0.91 37.76 ? 157 SO4 A O4  1 
HETATM 1231 C  CHA . HEM C 3 .   ? -4.845  -1.429  -9.887  1.00 12.61 ? 155 HEM A CHA 1 
HETATM 1232 C  CHB . HEM C 3 .   ? -3.040  -3.125  -5.756  1.00 11.97 ? 155 HEM A CHB 1 
HETATM 1233 C  CHC . HEM C 3 .   ? 0.238   0.331   -5.702  1.00 12.17 ? 155 HEM A CHC 1 
HETATM 1234 C  CHD . HEM C 3 .   ? -1.462  2.034   -9.833  1.00 12.18 ? 155 HEM A CHD 1 
HETATM 1235 C  C1A . HEM C 3 .   ? -4.652  -2.177  -8.717  1.00 12.61 ? 155 HEM A C1A 1 
HETATM 1236 C  C2A . HEM C 3 .   ? -5.496  -3.314  -8.349  1.00 12.99 ? 155 HEM A C2A 1 
HETATM 1237 C  C3A . HEM C 3 .   ? -4.933  -3.776  -7.201  1.00 12.37 ? 155 HEM A C3A 1 
HETATM 1238 C  C4A . HEM C 3 .   ? -3.816  -2.928  -6.869  1.00 12.08 ? 155 HEM A C4A 1 
HETATM 1239 C  CMA . HEM C 3 .   ? -5.305  -5.059  -6.464  1.00 11.63 ? 155 HEM A CMA 1 
HETATM 1240 C  CAA . HEM C 3 .   ? -6.502  -4.184  -9.105  1.00 14.31 ? 155 HEM A CAA 1 
HETATM 1241 C  CBA . HEM C 3 .   ? -6.182  -5.178  -10.242 1.00 16.74 ? 155 HEM A CBA 1 
HETATM 1242 C  CGA . HEM C 3 .   ? -4.866  -4.908  -10.963 1.00 17.05 ? 155 HEM A CGA 1 
HETATM 1243 O  O1A . HEM C 3 .   ? -4.829  -4.056  -11.867 1.00 18.45 ? 155 HEM A O1A 1 
HETATM 1244 O  O2A . HEM C 3 .   ? -3.868  -5.569  -10.634 1.00 18.76 ? 155 HEM A O2A 1 
HETATM 1245 C  C1B . HEM C 3 .   ? -1.961  -2.369  -5.370  1.00 11.66 ? 155 HEM A C1B 1 
HETATM 1246 C  C2B . HEM C 3 .   ? -1.205  -2.575  -4.155  1.00 11.62 ? 155 HEM A C2B 1 
HETATM 1247 C  C3B . HEM C 3 .   ? -0.245  -1.580  -4.136  1.00 11.56 ? 155 HEM A C3B 1 
HETATM 1248 C  C4B . HEM C 3 .   ? -0.463  -0.792  -5.349  1.00 11.48 ? 155 HEM A C4B 1 
HETATM 1249 C  CMB . HEM C 3 .   ? -1.412  -3.718  -3.132  1.00 10.90 ? 155 HEM A CMB 1 
HETATM 1250 C  CAB . HEM C 3 .   ? 0.623   -1.162  -3.118  1.00 11.48 ? 155 HEM A CAB 1 
HETATM 1251 C  CBB . HEM C 3 .   ? 0.699   -1.550  -1.737  1.00 12.88 ? 155 HEM A CBB 1 
HETATM 1252 C  C1C . HEM C 3 .   ? 0.085   1.124   -6.833  1.00 12.84 ? 155 HEM A C1C 1 
HETATM 1253 C  C2C . HEM C 3 .   ? 0.769   2.379   -7.066  1.00 13.20 ? 155 HEM A C2C 1 
HETATM 1254 C  C3C . HEM C 3 .   ? 0.322   2.905   -8.265  1.00 13.43 ? 155 HEM A C3C 1 
HETATM 1255 C  C4C . HEM C 3 .   ? -0.655  1.895   -8.715  1.00 12.47 ? 155 HEM A C4C 1 
HETATM 1256 C  CMC . HEM C 3 .   ? 1.774   2.969   -6.100  1.00 14.37 ? 155 HEM A CMC 1 
HETATM 1257 C  CAC . HEM C 3 .   ? 0.461   4.171   -8.905  1.00 13.64 ? 155 HEM A CAC 1 
HETATM 1258 C  CBC . HEM C 3 .   ? 1.086   5.396   -8.483  1.00 14.82 ? 155 HEM A CBC 1 
HETATM 1259 C  C1D . HEM C 3 .   ? -2.514  1.205   -10.234 1.00 12.70 ? 155 HEM A C1D 1 
HETATM 1260 C  C2D . HEM C 3 .   ? -3.331  1.444   -11.420 1.00 13.07 ? 155 HEM A C2D 1 
HETATM 1261 C  C3D . HEM C 3 .   ? -4.289  0.475   -11.439 1.00 13.53 ? 155 HEM A C3D 1 
HETATM 1262 C  C4D . HEM C 3 .   ? -4.045  -0.362  -10.277 1.00 12.52 ? 155 HEM A C4D 1 
HETATM 1263 C  CMD . HEM C 3 .   ? -3.071  2.496   -12.505 1.00 13.00 ? 155 HEM A CMD 1 
HETATM 1264 C  CAD . HEM C 3 .   ? -5.609  0.355   -12.182 1.00 16.00 ? 155 HEM A CAD 1 
HETATM 1265 C  CBD . HEM C 3 .   ? -6.659  1.384   -11.775 1.00 19.52 ? 155 HEM A CBD 1 
HETATM 1266 C  CGD . HEM C 3 .   ? -7.942  1.235   -12.571 1.00 21.75 ? 155 HEM A CGD 1 
HETATM 1267 O  O1D . HEM C 3 .   ? -8.337  2.205   -13.251 1.00 24.66 ? 155 HEM A O1D 1 
HETATM 1268 O  O2D . HEM C 3 .   ? -8.552  0.150   -12.549 1.00 23.08 ? 155 HEM A O2D 1 
HETATM 1269 N  NA  . HEM C 3 .   ? -3.652  -1.945  -7.796  1.00 11.84 ? 155 HEM A NA  1 
HETATM 1270 N  NB  . HEM C 3 .   ? -1.498  -1.285  -6.089  1.00 12.09 ? 155 HEM A NB  1 
HETATM 1271 N  NC  . HEM C 3 .   ? -0.761  0.857   -7.846  1.00 12.55 ? 155 HEM A NC  1 
HETATM 1272 N  ND  . HEM C 3 .   ? -2.968  0.067   -9.558  1.00 12.36 ? 155 HEM A ND  1 
HETATM 1273 FE FE  . HEM C 3 .   ? -2.243  -0.601  -7.787  1.00 13.29 ? 155 HEM A FE  1 
HETATM 1274 C  C   . MNC D 4 .   ? -3.395  0.869   -6.768  0.80 12.72 ? 156 MNC A C   1 
HETATM 1275 N  N   . MNC D 4 .   ? -3.765  1.740   -6.273  0.80 13.37 ? 156 MNC A N   1 
HETATM 1276 C  C1  . MNC D 4 .   ? -3.273  3.028   -5.577  0.80 13.35 ? 156 MNC A C1  1 
HETATM 1277 O  O   . HOH E 5 .   ? -3.755  1.197   -16.221 0.64 15.89 ? 201 HOH A O   1 
HETATM 1278 O  O   . HOH E 5 .   ? -5.424  11.685  3.497   0.90 18.56 ? 202 HOH A O   1 
HETATM 1279 O  O   . HOH E 5 .   ? 3.189   9.584   0.325   1.00 28.46 ? 203 HOH A O   1 
HETATM 1280 O  O   . HOH E 5 .   ? 12.114  0.114   -2.286  0.90 22.09 ? 204 HOH A O   1 
HETATM 1281 O  O   . HOH E 5 .   ? 9.182   -13.307 1.531   0.96 28.13 ? 205 HOH A O   1 
HETATM 1282 O  O   . HOH E 5 .   ? 4.957   10.480  17.104  1.00 24.46 ? 206 HOH A O   1 
HETATM 1283 O  O   . HOH E 5 .   ? 8.329   1.490   4.001   1.00 22.12 ? 207 HOH A O   1 
HETATM 1284 O  O   . HOH E 5 .   ? 11.699  1.862   3.801   0.89 19.66 ? 208 HOH A O   1 
HETATM 1285 O  O   . HOH E 5 .   ? 10.558  -13.557 4.111   1.00 25.59 ? 209 HOH A O   1 
HETATM 1286 O  O   . HOH E 5 .   ? 9.451   -12.651 6.575   1.00 13.92 ? 210 HOH A O   1 
HETATM 1287 O  O   . HOH E 5 .   ? 8.803   -14.365 8.715   1.00 13.64 ? 211 HOH A O   1 
HETATM 1288 O  O   . HOH E 5 .   ? -12.926 21.705  -8.523  1.00 20.35 ? 212 HOH A O   1 
HETATM 1289 O  O   . HOH E 5 .   ? -4.319  3.804   18.849  1.00 22.85 ? 213 HOH A O   1 
HETATM 1290 O  O   . HOH E 5 .   ? -5.663  1.981   17.228  0.85 8.83  ? 214 HOH A O   1 
HETATM 1291 O  O   . HOH E 5 .   ? -8.207  4.554   15.905  1.00 13.79 ? 215 HOH A O   1 
HETATM 1292 O  O   . HOH E 5 .   ? -4.806  5.237   21.159  0.80 21.23 ? 216 HOH A O   1 
HETATM 1293 O  O   . HOH E 5 .   ? -7.910  -11.118 4.606   0.92 27.87 ? 217 HOH A O   1 
HETATM 1294 O  O   . HOH E 5 .   ? 12.027  1.173   17.788  0.82 23.82 ? 218 HOH A O   1 
HETATM 1295 O  O   . HOH E 5 .   ? 0.718   -2.792  16.603  1.00 13.29 ? 219 HOH A O   1 
HETATM 1296 O  O   . HOH E 5 .   ? -11.324 -1.201  -7.891  0.98 37.84 ? 220 HOH A O   1 
HETATM 1297 O  O   . HOH E 5 .   ? 6.085   -16.377 11.812  0.92 20.85 ? 221 HOH A O   1 
HETATM 1298 O  O   . HOH E 5 .   ? 3.728   -11.081 3.540   1.00 13.12 ? 222 HOH A O   1 
HETATM 1299 O  O   . HOH E 5 .   ? -3.389  -16.007 5.137   1.00 34.95 ? 223 HOH A O   1 
HETATM 1300 O  O   . HOH E 5 .   ? -4.904  -8.613  11.321  0.73 20.27 ? 224 HOH A O   1 
HETATM 1301 O  O   . HOH E 5 .   ? 5.259   0.051   19.367  0.94 14.10 ? 225 HOH A O   1 
HETATM 1302 O  O   . HOH E 5 .   ? -10.257 10.952  -15.722 0.88 28.38 ? 226 HOH A O   1 
HETATM 1303 O  O   . HOH E 5 .   ? -14.713 15.877  -10.368 0.99 39.73 ? 227 HOH A O   1 
HETATM 1304 O  O   . HOH E 5 .   ? -8.096  7.888   15.553  1.00 15.54 ? 228 HOH A O   1 
HETATM 1305 O  O   . HOH E 5 .   ? -16.474 -1.842  11.448  0.70 10.74 ? 229 HOH A O   1 
HETATM 1306 O  O   . HOH E 5 .   ? 0.172   -14.143 -13.048 0.56 25.39 ? 230 HOH A O   1 
HETATM 1307 O  O   . HOH E 5 .   ? -15.986 1.084   6.244   1.00 23.20 ? 231 HOH A O   1 
HETATM 1308 O  O   . HOH E 5 .   ? -11.108 3.290   0.119   0.94 20.93 ? 232 HOH A O   1 
HETATM 1309 O  O   . HOH E 5 .   ? 3.073   10.601  2.852   0.89 38.51 ? 233 HOH A O   1 
HETATM 1310 O  O   . HOH E 5 .   ? -1.353  14.927  -11.124 0.46 22.21 ? 234 HOH A O   1 
HETATM 1311 O  O   . HOH E 5 .   ? -5.030  3.881   -15.370 0.72 25.26 ? 235 HOH A O   1 
HETATM 1312 O  O   . HOH E 5 .   ? -1.188  3.570   -15.856 0.67 15.88 ? 236 HOH A O   1 
HETATM 1313 O  O   . HOH E 5 .   ? -7.139  4.501   -13.652 0.44 15.12 ? 237 HOH A O   1 
HETATM 1314 O  O   . HOH E 5 .   ? -6.117  -3.288  20.707  0.94 42.28 ? 238 HOH A O   1 
HETATM 1315 O  O   . HOH E 5 .   ? -17.179 8.108   -8.759  1.00 33.52 ? 239 HOH A O   1 
HETATM 1316 O  O   . HOH E 5 .   ? -8.361  -6.822  -3.921  0.71 11.62 ? 240 HOH A O   1 
HETATM 1317 O  O   . HOH E 5 .   ? 7.525   1.411   21.035  1.00 33.72 ? 241 HOH A O   1 
HETATM 1318 O  O   . HOH E 5 .   ? -7.442  -8.667  3.218   1.00 25.75 ? 242 HOH A O   1 
HETATM 1319 O  O   . HOH E 5 .   ? -2.019  -9.922  -13.546 0.64 15.10 ? 243 HOH A O   1 
HETATM 1320 O  O   . HOH E 5 .   ? -6.511  10.153  14.825  0.78 17.84 ? 244 HOH A O   1 
HETATM 1321 O  O   . HOH E 5 .   ? -7.523  -6.195  4.796   1.00 38.95 ? 245 HOH A O   1 
HETATM 1322 O  O   . HOH E 5 .   ? -3.922  -14.077 2.923   0.99 16.21 ? 246 HOH A O   1 
HETATM 1323 O  O   . HOH E 5 .   ? -3.315  -10.101 -2.623  0.63 9.34  ? 247 HOH A O   1 
HETATM 1324 O  O   . HOH E 5 .   ? 1.857   -17.917 6.065   1.00 23.94 ? 248 HOH A O   1 
HETATM 1325 O  O   . HOH E 5 .   ? 1.879   -17.611 -1.744  1.00 26.29 ? 249 HOH A O   1 
HETATM 1326 O  O   . HOH E 5 .   ? -2.540  -10.415 -5.371  0.85 22.55 ? 250 HOH A O   1 
HETATM 1327 O  O   . HOH E 5 .   ? -0.395  -16.802 -8.633  0.35 4.71  ? 251 HOH A O   1 
HETATM 1328 O  O   . HOH E 5 .   ? 1.035   10.918  10.929  1.00 29.85 ? 252 HOH A O   1 
HETATM 1329 O  O   . HOH E 5 .   ? -2.701  11.209  15.660  1.00 32.89 ? 253 HOH A O   1 
HETATM 1330 O  O   . HOH E 5 .   ? 11.923  3.666   -9.414  0.64 19.68 ? 254 HOH A O   1 
HETATM 1331 O  O   . HOH E 5 .   ? 9.645   -15.663 -13.622 0.36 12.19 ? 255 HOH A O   1 
HETATM 1332 O  O   . HOH E 5 .   ? 14.390  2.789   5.578   1.00 41.90 ? 256 HOH A O   1 
HETATM 1333 O  O   . HOH E 5 .   ? 1.599   -2.524  19.429  0.58 20.04 ? 257 HOH A O   1 
HETATM 1334 O  O   . HOH E 5 .   ? 12.616  -1.874  10.872  0.46 14.22 ? 258 HOH A O   1 
HETATM 1335 O  O   . HOH E 5 .   ? 14.742  -11.118 -10.197 0.64 23.10 ? 259 HOH A O   1 
HETATM 1336 O  O   . HOH E 5 .   ? 9.917   -3.694  15.689  1.00 30.55 ? 260 HOH A O   1 
HETATM 1337 O  O   . HOH E 5 .   ? 2.821   -2.303  12.833  0.65 16.74 ? 261 HOH A O   1 
HETATM 1338 O  O   . HOH E 5 .   ? -3.243  -3.554  22.286  0.61 26.48 ? 262 HOH A O   1 
HETATM 1339 O  O   . HOH E 5 .   ? -9.035  -5.873  17.434  1.00 55.84 ? 263 HOH A O   1 
HETATM 1340 O  O   . HOH E 5 .   ? -15.763 13.765  -7.105  0.77 24.81 ? 264 HOH A O   1 
HETATM 1341 O  O   . HOH E 5 .   ? -16.425 1.716   10.761  1.00 44.23 ? 265 HOH A O   1 
HETATM 1342 O  O   . HOH E 5 .   ? -15.434 5.000   6.280   0.88 26.17 ? 266 HOH A O   1 
HETATM 1343 O  O   . HOH E 5 .   ? -9.504  4.801   12.808  1.00 16.95 ? 267 HOH A O   1 
HETATM 1344 O  O   . HOH E 5 .   ? 2.682   6.699   18.070  0.99 28.56 ? 268 HOH A O   1 
HETATM 1345 O  O   . HOH E 5 .   ? -13.322 8.753   -2.183  1.00 22.68 ? 269 HOH A O   1 
HETATM 1346 O  O   . HOH E 5 .   ? -2.689  16.202  -6.268  0.89 31.89 ? 270 HOH A O   1 
HETATM 1347 O  O   . HOH E 5 .   ? -16.198 16.280  -0.586  1.00 29.46 ? 271 HOH A O   1 
HETATM 1348 O  O   . HOH E 5 .   ? -18.718 9.758   -7.155  0.45 19.71 ? 272 HOH A O   1 
HETATM 1349 O  O   . HOH E 5 .   ? -13.557 7.628   -11.597 0.88 42.10 ? 273 HOH A O   1 
HETATM 1350 O  O   . HOH E 5 .   ? -12.162 -5.739  -2.247  0.26 4.28  ? 274 HOH A O   1 
HETATM 1351 O  O   . HOH E 5 .   ? -16.248 19.110  -8.784  0.71 22.30 ? 275 HOH A O   1 
HETATM 1352 O  O   . HOH E 5 .   ? -3.546  -8.079  -9.858  0.69 21.81 ? 276 HOH A O   1 
HETATM 1353 O  O   . HOH E 5 .   ? 8.788   4.341   3.938   1.00 37.42 ? 277 HOH A O   1 
HETATM 1354 O  O   . HOH E 5 .   ? 2.505   0.361   19.495  0.56 16.78 ? 278 HOH A O   1 
HETATM 1355 O  O   . HOH E 5 .   ? -9.060  -2.119  -11.030 0.43 17.31 ? 279 HOH A O   1 
HETATM 1356 O  O   . HOH E 5 .   ? -7.111  -3.064  -12.846 0.87 26.05 ? 280 HOH A O   1 
HETATM 1357 O  O   . HOH E 5 .   ? -14.143 9.623   -9.798  0.46 15.00 ? 281 HOH A O   1 
HETATM 1358 O  O   . HOH E 5 .   ? 3.527   9.722   -13.412 0.52 17.70 ? 282 HOH A O   1 
HETATM 1359 O  O   . HOH E 5 .   ? 14.720  -7.061  -5.091  1.00 26.50 ? 283 HOH A O   1 
HETATM 1360 O  O   . HOH E 5 .   ? -15.174 17.530  2.208   1.00 48.95 ? 284 HOH A O   1 
HETATM 1361 O  O   . HOH E 5 .   ? 6.813   -2.684  -18.935 0.51 14.30 ? 285 HOH A O   1 
HETATM 1362 O  O   . HOH E 5 .   ? 7.203   13.787  -5.382  0.96 49.86 ? 286 HOH A O   1 
HETATM 1363 O  O   . HOH E 5 .   ? 5.285   11.498  4.893   0.71 41.96 ? 287 HOH A O   1 
HETATM 1364 O  O   . HOH E 5 .   ? 5.438   8.732   6.808   1.00 39.67 ? 288 HOH A O   1 
HETATM 1365 O  O   . HOH E 5 .   ? -11.813 8.753   5.468   0.79 27.38 ? 289 HOH A O   1 
HETATM 1366 O  O   . HOH E 5 .   ? 9.790   -13.227 17.497  0.72 20.06 ? 290 HOH A O   1 
HETATM 1367 O  O   . HOH E 5 .   ? 15.550  -6.730  -7.762  0.63 23.00 ? 291 HOH A O   1 
HETATM 1368 O  O   . HOH E 5 .   ? 11.348  -4.063  13.403  0.45 11.76 ? 292 HOH A O   1 
HETATM 1369 O  O   . HOH E 5 .   ? -2.138  -14.434 9.232   0.93 31.04 ? 293 HOH A O   1 
HETATM 1370 O  O   . HOH E 5 .   ? -15.957 15.781  -13.331 1.00 53.31 ? 294 HOH A O   1 
HETATM 1371 O  O   . HOH E 5 .   ? 5.170   -8.289  3.073   0.64 22.65 ? 295 HOH A O   1 
HETATM 1372 O  O   . HOH E 5 .   ? -18.616 2.270   5.980   0.70 31.40 ? 296 HOH A O   1 
HETATM 1373 O  O   . HOH E 5 .   ? -5.967  9.829   8.386   0.88 31.48 ? 297 HOH A O   1 
HETATM 1374 O  O   . HOH E 5 .   ? -6.453  -13.422 3.698   0.99 31.30 ? 298 HOH A O   1 
HETATM 1375 O  O   . HOH E 5 .   ? -9.119  18.159  -14.331 1.00 43.15 ? 299 HOH A O   1 
HETATM 1376 O  O   . HOH E 5 .   ? -4.547  -14.987 -0.320  0.74 39.53 ? 300 HOH A O   1 
HETATM 1377 O  O   . HOH E 5 .   ? -9.873  10.217  8.596   0.99 49.46 ? 301 HOH A O   1 
HETATM 1378 O  O   . HOH E 5 .   ? 8.921   8.000   0.685   0.98 36.87 ? 302 HOH A O   1 
HETATM 1379 O  O   . HOH E 5 .   ? 2.262   4.880   21.293  0.62 30.84 ? 303 HOH A O   1 
HETATM 1380 O  O   . HOH E 5 .   ? -10.159 10.752  3.147   0.31 11.40 ? 304 HOH A O   1 
HETATM 1381 O  O   . HOH E 5 .   ? 1.033   4.709   23.873  0.52 17.80 ? 305 HOH A O   1 
HETATM 1382 O  O   . HOH E 5 .   ? -5.211  -5.302  -14.277 0.58 29.26 ? 306 HOH A O   1 
HETATM 1383 O  O   . HOH E 5 .   ? -13.057 1.684   -8.538  0.64 17.92 ? 307 HOH A O   1 
HETATM 1384 O  O   . HOH E 5 .   ? 7.814   -13.576 -13.489 0.40 24.27 ? 308 HOH A O   1 
HETATM 1385 O  O   . HOH E 5 .   ? -4.151  14.101  3.222   0.98 42.04 ? 309 HOH A O   1 
HETATM 1386 O  O   . HOH E 5 .   ? -10.654 -4.550  14.568  0.81 33.80 ? 310 HOH A O   1 
HETATM 1387 O  O   . HOH E 5 .   ? 1.669   -19.863 1.540   0.65 28.61 ? 311 HOH A O   1 
HETATM 1388 O  O   . HOH E 5 .   ? 5.520   -8.572  19.287  0.60 17.37 ? 312 HOH A O   1 
HETATM 1389 O  O   . HOH E 5 .   ? 15.408  -9.395  -3.954  0.99 50.14 ? 313 HOH A O   1 
HETATM 1390 O  O   . HOH E 5 .   ? -1.698  -12.499 -14.365 0.89 49.53 ? 314 HOH A O   1 
HETATM 1391 O  O   . HOH E 5 .   ? -13.845 -2.540  -4.099  0.42 7.25  ? 315 HOH A O   1 
HETATM 1392 O  O   . HOH E 5 .   ? -0.448  -1.654  21.404  1.00 43.70 ? 316 HOH A O   1 
HETATM 1393 O  O   . HOH E 5 .   ? 12.937  -2.421  -3.516  0.47 19.58 ? 317 HOH A O   1 
HETATM 1394 O  O   . HOH E 5 .   ? 14.038  -9.576  13.055  0.64 42.02 ? 318 HOH A O   1 
HETATM 1395 O  O   . HOH E 5 .   ? -10.400 20.216  -1.180  1.00 27.13 ? 319 HOH A O   1 
HETATM 1396 O  O   . HOH E 5 .   ? 11.504  -14.404 -7.178  0.26 22.20 ? 320 HOH A O   1 
HETATM 1397 O  O   . HOH E 5 .   ? 9.714   -6.237  17.436  1.00 49.70 ? 321 HOH A O   1 
HETATM 1398 O  O   . HOH E 5 .   ? -1.274  -9.518  16.048  0.49 12.75 ? 322 HOH A O   1 
HETATM 1399 O  O   . HOH E 5 .   ? -3.982  -8.400  -6.970  0.75 31.34 ? 323 HOH A O   1 
HETATM 1400 O  O   . HOH E 5 .   ? -16.771 8.614   -1.600  0.63 36.98 ? 324 HOH A O   1 
HETATM 1401 O  O   . HOH E 5 .   ? -5.925  16.480  -11.837 0.40 12.01 ? 325 HOH A O   1 
HETATM 1402 O  O   . HOH E 5 .   ? 12.701  -6.445  16.291  0.80 33.47 ? 326 HOH A O   1 
HETATM 1403 O  O   . HOH E 5 .   ? 17.494  -8.747  2.714   1.00 50.31 ? 327 HOH A O   1 
HETATM 1404 O  O   . HOH E 5 .   ? 14.238  -5.701  11.820  0.61 34.97 ? 328 HOH A O   1 
HETATM 1405 O  O   . HOH E 5 .   ? 0.183   10.378  15.905  0.34 12.89 ? 329 HOH A O   1 
HETATM 1406 O  O   . HOH E 5 .   ? -15.773 -1.414  -2.290  0.41 21.30 ? 330 HOH A O   1 
HETATM 1407 O  O   . HOH E 5 .   ? -5.101  19.857  -9.130  0.49 22.81 ? 331 HOH A O   1 
HETATM 1408 O  O   . HOH E 5 .   ? -12.274 20.455  1.296   0.60 30.67 ? 332 HOH A O   1 
HETATM 1409 O  O   . HOH E 5 .   ? 1.186   -20.076 4.327   0.62 35.39 ? 333 HOH A O   1 
HETATM 1410 O  O   . HOH E 5 .   ? 3.891   12.949  16.764  0.39 20.73 ? 334 HOH A O   1 
HETATM 1411 O  O   . HOH E 5 .   ? -12.465 7.242   7.907   0.41 11.41 ? 335 HOH A O   1 
HETATM 1412 O  O   . HOH E 5 .   ? -8.056  12.925  3.513   0.34 11.16 ? 336 HOH A O   1 
HETATM 1413 O  O   . HOH E 5 .   ? -0.599  18.637  -4.360  0.58 34.81 ? 337 HOH A O   1 
HETATM 1414 O  O   . HOH E 5 .   ? 8.000   -14.666 -9.588  0.84 39.33 ? 338 HOH A O   1 
HETATM 1415 O  O   . HOH E 5 .   ? 2.343   9.762   18.284  0.69 27.06 ? 339 HOH A O   1 
HETATM 1416 O  O   . HOH E 5 .   ? 7.538   -10.269 21.064  0.45 20.40 ? 340 HOH A O   1 
HETATM 1417 O  O   . HOH E 5 .   ? 11.663  -9.701  17.483  0.82 40.92 ? 341 HOH A O   1 
HETATM 1418 O  O   . HOH E 5 .   ? -0.846  -17.200 6.813   0.75 39.44 ? 342 HOH A O   1 
HETATM 1419 O  O   . HOH E 5 .   ? 7.844   -13.532 -3.848  0.67 39.32 ? 343 HOH A O   1 
HETATM 1420 O  O   . HOH E 5 .   ? 15.674  -11.891 -12.752 0.59 29.34 ? 344 HOH A O   1 
HETATM 1421 O  O   . HOH E 5 .   ? -6.754  -6.207  20.315  0.57 31.28 ? 345 HOH A O   1 
HETATM 1422 O  O   . HOH E 5 .   ? -0.717  -0.460  -21.216 0.50 23.55 ? 346 HOH A O   1 
HETATM 1423 O  O   . HOH E 5 .   ? 0.966   2.361   -22.230 0.96 43.81 ? 347 HOH A O   1 
HETATM 1424 O  O   . HOH E 5 .   ? 5.769   15.689  -0.844  0.71 34.02 ? 348 HOH A O   1 
HETATM 1425 O  O   . HOH E 5 .   ? -20.228 11.820  -3.499  0.62 38.05 ? 349 HOH A O   1 
HETATM 1426 O  O   . HOH E 5 .   ? -5.511  17.000  -7.884  0.49 25.86 ? 350 HOH A O   1 
HETATM 1427 O  O   . HOH E 5 .   ? 3.284   -18.283 12.065  0.94 43.35 ? 351 HOH A O   1 
HETATM 1428 O  O   . HOH E 5 .   ? 14.230  -12.146 11.747  0.49 20.89 ? 352 HOH A O   1 
HETATM 1429 O  O   . HOH E 5 .   ? -0.799  -14.754 12.330  0.62 35.99 ? 353 HOH A O   1 
HETATM 1430 O  O   . HOH E 5 .   ? 0.229   15.812  1.753   0.80 40.11 ? 354 HOH A O   1 
HETATM 1431 O  O   . HOH E 5 .   ? -17.550 16.008  -6.508  0.55 36.22 ? 355 HOH A O   1 
HETATM 1432 O  O   . HOH E 5 .   ? 15.853  -6.690  14.276  0.37 28.03 ? 356 HOH A O   1 
HETATM 1433 O  O   . HOH E 5 .   ? -10.603 20.961  -16.552 0.36 25.68 ? 357 HOH A O   1 
HETATM 1434 O  O   . HOH E 5 .   ? 12.590  -12.321 0.025   0.41 29.34 ? 358 HOH A O   1 
HETATM 1435 O  O   . HOH E 5 .   ? 12.007  -12.397 -4.049  0.48 28.64 ? 359 HOH A O   1 
HETATM 1436 O  O   . HOH E 5 .   ? 4.271   -2.544  20.790  0.67 34.73 ? 360 HOH A O   1 
HETATM 1437 O  O   . HOH E 5 .   ? 5.778   -13.823 -6.377  0.60 33.47 ? 361 HOH A O   1 
HETATM 1438 O  O   . HOH E 5 .   ? -4.596  -9.441  14.622  0.63 32.31 ? 362 HOH A O   1 
HETATM 1439 O  O   . HOH E 5 .   ? 11.958  1.079   -9.614  0.45 30.19 ? 363 HOH A O   1 
HETATM 1440 O  O   . HOH E 5 .   ? 6.947   -5.529  -18.777 0.60 35.83 ? 364 HOH A O   1 
HETATM 1441 O  O   . HOH E 5 .   ? -8.434  -7.559  -7.314  0.51 28.16 ? 365 HOH A O   1 
HETATM 1442 O  O   . HOH E 5 .   ? 11.035  7.421   -2.649  0.93 46.84 ? 366 HOH A O   1 
HETATM 1443 O  O   . HOH E 5 .   ? -6.360  10.948  10.943  0.46 28.22 ? 367 HOH A O   1 
HETATM 1444 O  O   . HOH E 5 .   ? -0.408  16.320  7.528   0.41 25.28 ? 368 HOH A O   1 
HETATM 1445 O  O   . HOH E 5 .   ? -1.849  15.042  4.341   0.50 30.91 ? 369 HOH A O   1 
HETATM 1446 O  O   . HOH E 5 .   ? 13.518  -0.138  0.182   0.60 30.25 ? 370 HOH A O   1 
HETATM 1447 O  O   . HOH E 5 .   ? 14.495  -1.637  -6.019  0.57 30.70 ? 371 HOH A O   1 
HETATM 1448 O  O   . HOH E 5 .   ? -0.858  19.878  -7.070  0.47 30.08 ? 372 HOH A O   1 
HETATM 1449 O  O   . HOH E 5 .   ? -3.396  14.862  -15.425 0.47 30.33 ? 373 HOH A O   1 
HETATM 1450 O  O   . HOH E 5 .   ? 15.761  -5.438  8.377   0.58 30.91 ? 374 HOH A O   1 
HETATM 1451 O  O   . HOH E 5 .   ? -2.714  -18.326 1.335   0.41 28.69 ? 375 HOH A O   1 
HETATM 1452 O  O   . HOH E 5 .   ? 7.178   -16.342 -6.408  0.44 33.50 ? 376 HOH A O   1 
HETATM 1453 O  O   . HOH E 5 .   ? 11.072  -11.815 -7.144  0.46 35.01 ? 377 HOH A O   1 
HETATM 1454 O  O   . HOH E 5 .   ? 12.918  -3.233  -0.422  0.52 29.58 ? 378 HOH A O   1 
HETATM 1455 O  O   . HOH E 5 .   ? -5.481  -11.932 -2.468  0.37 27.82 ? 379 HOH A O   1 
# 
